data_5CPD
# 
_entry.id   5CPD 
# 
_audit_conform.dict_name       mmcif_pdbx.dic 
_audit_conform.dict_version    5.397 
_audit_conform.dict_location   http://mmcif.pdb.org/dictionaries/ascii/mmcif_pdbx.dic 
# 
loop_
_database_2.database_id 
_database_2.database_code 
_database_2.pdbx_database_accession 
_database_2.pdbx_DOI 
PDB   5CPD         pdb_00005cpd 10.2210/pdb5cpd/pdb 
WWPDB D_1000212001 ?            ?                   
# 
loop_
_pdbx_audit_revision_history.ordinal 
_pdbx_audit_revision_history.data_content_type 
_pdbx_audit_revision_history.major_revision 
_pdbx_audit_revision_history.minor_revision 
_pdbx_audit_revision_history.revision_date 
1 'Structure model' 1 0 2016-08-03 
2 'Structure model' 1 1 2024-10-23 
# 
_pdbx_audit_revision_details.ordinal             1 
_pdbx_audit_revision_details.revision_ordinal    1 
_pdbx_audit_revision_details.data_content_type   'Structure model' 
_pdbx_audit_revision_details.provider            repository 
_pdbx_audit_revision_details.type                'Initial release' 
_pdbx_audit_revision_details.description         ? 
_pdbx_audit_revision_details.details             ? 
# 
loop_
_pdbx_audit_revision_group.ordinal 
_pdbx_audit_revision_group.revision_ordinal 
_pdbx_audit_revision_group.data_content_type 
_pdbx_audit_revision_group.group 
1 2 'Structure model' 'Data collection'      
2 2 'Structure model' 'Database references'  
3 2 'Structure model' 'Derived calculations' 
4 2 'Structure model' 'Structure summary'    
# 
loop_
_pdbx_audit_revision_category.ordinal 
_pdbx_audit_revision_category.revision_ordinal 
_pdbx_audit_revision_category.data_content_type 
_pdbx_audit_revision_category.category 
1 2 'Structure model' chem_comp_atom            
2 2 'Structure model' chem_comp_bond            
3 2 'Structure model' database_2                
4 2 'Structure model' pdbx_entry_details        
5 2 'Structure model' pdbx_modification_feature 
6 2 'Structure model' pdbx_struct_conn_angle    
7 2 'Structure model' pdbx_struct_oper_list     
8 2 'Structure model' struct_conn               
9 2 'Structure model' struct_conn_type          
# 
loop_
_pdbx_audit_revision_item.ordinal 
_pdbx_audit_revision_item.revision_ordinal 
_pdbx_audit_revision_item.data_content_type 
_pdbx_audit_revision_item.item 
1  2 'Structure model' '_database_2.pdbx_DOI'                        
2  2 'Structure model' '_database_2.pdbx_database_accession'         
3  2 'Structure model' '_pdbx_struct_conn_angle.ptnr1_auth_comp_id'  
4  2 'Structure model' '_pdbx_struct_conn_angle.ptnr1_auth_seq_id'   
5  2 'Structure model' '_pdbx_struct_conn_angle.ptnr1_label_asym_id' 
6  2 'Structure model' '_pdbx_struct_conn_angle.ptnr1_label_atom_id' 
7  2 'Structure model' '_pdbx_struct_conn_angle.ptnr1_label_comp_id' 
8  2 'Structure model' '_pdbx_struct_conn_angle.ptnr1_label_seq_id'  
9  2 'Structure model' '_pdbx_struct_conn_angle.ptnr1_symmetry'      
10 2 'Structure model' '_pdbx_struct_conn_angle.ptnr2_auth_comp_id'  
11 2 'Structure model' '_pdbx_struct_conn_angle.ptnr2_auth_seq_id'   
12 2 'Structure model' '_pdbx_struct_conn_angle.ptnr2_label_asym_id' 
13 2 'Structure model' '_pdbx_struct_conn_angle.ptnr2_label_atom_id' 
14 2 'Structure model' '_pdbx_struct_conn_angle.ptnr2_label_comp_id' 
15 2 'Structure model' '_pdbx_struct_conn_angle.ptnr2_symmetry'      
16 2 'Structure model' '_pdbx_struct_conn_angle.ptnr3_auth_comp_id'  
17 2 'Structure model' '_pdbx_struct_conn_angle.ptnr3_auth_seq_id'   
18 2 'Structure model' '_pdbx_struct_conn_angle.ptnr3_label_asym_id' 
19 2 'Structure model' '_pdbx_struct_conn_angle.ptnr3_label_atom_id' 
20 2 'Structure model' '_pdbx_struct_conn_angle.ptnr3_label_comp_id' 
21 2 'Structure model' '_pdbx_struct_conn_angle.ptnr3_label_seq_id'  
22 2 'Structure model' '_pdbx_struct_conn_angle.ptnr3_symmetry'      
23 2 'Structure model' '_pdbx_struct_conn_angle.value'               
24 2 'Structure model' '_pdbx_struct_oper_list.symmetry_operation'   
25 2 'Structure model' '_struct_conn.conn_type_id'                   
26 2 'Structure model' '_struct_conn.id'                             
27 2 'Structure model' '_struct_conn.pdbx_dist_value'                
28 2 'Structure model' '_struct_conn.pdbx_leaving_atom_flag'         
29 2 'Structure model' '_struct_conn.pdbx_value_order'               
30 2 'Structure model' '_struct_conn.ptnr1_auth_comp_id'             
31 2 'Structure model' '_struct_conn.ptnr1_auth_seq_id'              
32 2 'Structure model' '_struct_conn.ptnr1_label_asym_id'            
33 2 'Structure model' '_struct_conn.ptnr1_label_atom_id'            
34 2 'Structure model' '_struct_conn.ptnr1_label_comp_id'            
35 2 'Structure model' '_struct_conn.ptnr1_label_seq_id'             
36 2 'Structure model' '_struct_conn.ptnr2_auth_comp_id'             
37 2 'Structure model' '_struct_conn.ptnr2_auth_seq_id'              
38 2 'Structure model' '_struct_conn.ptnr2_label_asym_id'            
39 2 'Structure model' '_struct_conn.ptnr2_label_atom_id'            
40 2 'Structure model' '_struct_conn.ptnr2_label_comp_id'            
41 2 'Structure model' '_struct_conn.ptnr2_label_seq_id'             
42 2 'Structure model' '_struct_conn.ptnr2_symmetry'                 
43 2 'Structure model' '_struct_conn_type.id'                        
# 
_pdbx_database_status.status_code                     REL 
_pdbx_database_status.status_code_sf                  REL 
_pdbx_database_status.status_code_mr                  ? 
_pdbx_database_status.entry_id                        5CPD 
_pdbx_database_status.recvd_initial_deposition_date   2015-07-21 
_pdbx_database_status.SG_entry                        N 
_pdbx_database_status.deposit_site                    RCSB 
_pdbx_database_status.process_site                    PDBJ 
_pdbx_database_status.status_code_cs                  ? 
_pdbx_database_status.methods_development_category    ? 
_pdbx_database_status.pdb_format_compatible           Y 
_pdbx_database_status.status_code_nmr_data            ? 
# 
loop_
_pdbx_database_related.db_name 
_pdbx_database_related.details 
_pdbx_database_related.db_id 
_pdbx_database_related.content_type 
PDB '3DLD is a native structure'                          3DLD unspecified 
PDB '5CP0 contains different protein complexed with fMAS' 5CP0 unspecified 
PDB .                                                     5CVK unspecified 
PDB .                                                     5CVP unspecified 
PDB .                                                     5CVQ unspecified 
PDB .                                                     5CWX unspecified 
PDB .                                                     5CWY unspecified 
PDB .                                                     5CX0 unspecified 
# 
loop_
_audit_author.name 
_audit_author.pdbx_ordinal 
'Ngo, H.P.T.' 1 
'Kang, L.W.'  2 
# 
loop_
_citation.abstract 
_citation.abstract_id_CAS 
_citation.book_id_ISBN 
_citation.book_publisher 
_citation.book_publisher_city 
_citation.book_title 
_citation.coordinate_linkage 
_citation.country 
_citation.database_id_Medline 
_citation.details 
_citation.id 
_citation.journal_abbrev 
_citation.journal_id_ASTM 
_citation.journal_id_CSD 
_citation.journal_id_ISSN 
_citation.journal_full 
_citation.journal_issue 
_citation.journal_volume 
_citation.language 
_citation.page_first 
_citation.page_last 
_citation.title 
_citation.year 
_citation.database_id_CSD 
_citation.pdbx_database_id_DOI 
_citation.pdbx_database_id_PubMed 
_citation.unpublished_flag 
? ? ? ? ? ? ? ? ? ? primary 'To Be Published' ? 0353 ? ? ? ? ? ? ? 
'Methionine-alanine complex structure of peptide deformylase from Xanthomonas oryzae pv. oryzae'      ? ? ? ? ? 
? ? ? ? ? ? ? ? ? ? 1       'To Be Published' ? 0353 ? ? ? ? ? ? ? 
'Substrates complexed structure of XOO1075, a peptide defromylase from xanthomonas oryzae pv. oryzae' ? ? ? ? ? 
# 
loop_
_citation_author.citation_id 
_citation_author.name 
_citation_author.ordinal 
_citation_author.identifier_ORCID 
primary 'Ngo, H.P.T.' 1 ? 
primary 'Kang, L.W.'  2 ? 
1       'Ngo, H.P.T.' 3 ? 
1       'Kang, L.W.'  4 ? 
# 
loop_
_entity.id 
_entity.type 
_entity.src_method 
_entity.pdbx_description 
_entity.formula_weight 
_entity.pdbx_number_of_molecules 
_entity.pdbx_ec 
_entity.pdbx_mutation 
_entity.pdbx_fragment 
_entity.details 
1 polymer     man 'Peptide deformylase' 19129.656 1   3.5.1.88 ? 'UNP residues 42-212' ? 
2 non-polymer syn 'CADMIUM ION'         112.411   3   ?        ? ?                     ? 
3 non-polymer syn 'ACETATE ION'         59.044    1   ?        ? ?                     ? 
4 non-polymer syn 'SODIUM ION'          22.990    2   ?        ? ?                     ? 
5 non-polymer syn GLYCEROL              92.094    1   ?        ? ?                     ? 
6 non-polymer syn METHIONINE            149.211   1   ?        ? ?                     ? 
7 non-polymer syn ALANINE               89.093    1   ?        ? ?                     ? 
8 water       nat water                 18.015    100 ?        ? ?                     ? 
# 
_entity_name_com.entity_id   1 
_entity_name_com.name        'PDF,Polypeptide deformylase' 
# 
_entity_poly.entity_id                      1 
_entity_poly.type                           'polypeptide(L)' 
_entity_poly.nstd_linkage                   no 
_entity_poly.nstd_monomer                   yes 
_entity_poly.pdbx_seq_one_letter_code       
;MIRDIIRMGDKRLLRVAPQVTNLGSAELHALVSDMFETMGAAHGVGLAAPQIAVDLQLMVFGFEASERYPEAPAVPLTAL
ANAQIEPLSDEMENGWEG(CSD)LSIPGLRAVIPRYRYIRYRGFAPDGSPIEREAEGFHARVVQHEYDHLVGRLYPSRIE
NFDTFGFDDVLSYDL
;
_entity_poly.pdbx_seq_one_letter_code_can   
;MIRDIIRMGDKRLLRVAPQVTNLGSAELHALVSDMFETMGAAHGVGLAAPQIAVDLQLMVFGFEASERYPEAPAVPLTAL
ANAQIEPLSDEMENGWEGCLSIPGLRAVIPRYRYIRYRGFAPDGSPIEREAEGFHARVVQHEYDHLVGRLYPSRIENFDT
FGFDDVLSYDL
;
_entity_poly.pdbx_strand_id                 A 
_entity_poly.pdbx_target_identifier         ? 
# 
loop_
_pdbx_entity_nonpoly.entity_id 
_pdbx_entity_nonpoly.name 
_pdbx_entity_nonpoly.comp_id 
2 'CADMIUM ION' CD  
3 'ACETATE ION' ACT 
4 'SODIUM ION'  NA  
5 GLYCEROL      GOL 
6 METHIONINE    MET 
7 ALANINE       ALA 
8 water         HOH 
# 
loop_
_entity_poly_seq.entity_id 
_entity_poly_seq.num 
_entity_poly_seq.mon_id 
_entity_poly_seq.hetero 
1 1   MET n 
1 2   ILE n 
1 3   ARG n 
1 4   ASP n 
1 5   ILE n 
1 6   ILE n 
1 7   ARG n 
1 8   MET n 
1 9   GLY n 
1 10  ASP n 
1 11  LYS n 
1 12  ARG n 
1 13  LEU n 
1 14  LEU n 
1 15  ARG n 
1 16  VAL n 
1 17  ALA n 
1 18  PRO n 
1 19  GLN n 
1 20  VAL n 
1 21  THR n 
1 22  ASN n 
1 23  LEU n 
1 24  GLY n 
1 25  SER n 
1 26  ALA n 
1 27  GLU n 
1 28  LEU n 
1 29  HIS n 
1 30  ALA n 
1 31  LEU n 
1 32  VAL n 
1 33  SER n 
1 34  ASP n 
1 35  MET n 
1 36  PHE n 
1 37  GLU n 
1 38  THR n 
1 39  MET n 
1 40  GLY n 
1 41  ALA n 
1 42  ALA n 
1 43  HIS n 
1 44  GLY n 
1 45  VAL n 
1 46  GLY n 
1 47  LEU n 
1 48  ALA n 
1 49  ALA n 
1 50  PRO n 
1 51  GLN n 
1 52  ILE n 
1 53  ALA n 
1 54  VAL n 
1 55  ASP n 
1 56  LEU n 
1 57  GLN n 
1 58  LEU n 
1 59  MET n 
1 60  VAL n 
1 61  PHE n 
1 62  GLY n 
1 63  PHE n 
1 64  GLU n 
1 65  ALA n 
1 66  SER n 
1 67  GLU n 
1 68  ARG n 
1 69  TYR n 
1 70  PRO n 
1 71  GLU n 
1 72  ALA n 
1 73  PRO n 
1 74  ALA n 
1 75  VAL n 
1 76  PRO n 
1 77  LEU n 
1 78  THR n 
1 79  ALA n 
1 80  LEU n 
1 81  ALA n 
1 82  ASN n 
1 83  ALA n 
1 84  GLN n 
1 85  ILE n 
1 86  GLU n 
1 87  PRO n 
1 88  LEU n 
1 89  SER n 
1 90  ASP n 
1 91  GLU n 
1 92  MET n 
1 93  GLU n 
1 94  ASN n 
1 95  GLY n 
1 96  TRP n 
1 97  GLU n 
1 98  GLY n 
1 99  CSD n 
1 100 LEU n 
1 101 SER n 
1 102 ILE n 
1 103 PRO n 
1 104 GLY n 
1 105 LEU n 
1 106 ARG n 
1 107 ALA n 
1 108 VAL n 
1 109 ILE n 
1 110 PRO n 
1 111 ARG n 
1 112 TYR n 
1 113 ARG n 
1 114 TYR n 
1 115 ILE n 
1 116 ARG n 
1 117 TYR n 
1 118 ARG n 
1 119 GLY n 
1 120 PHE n 
1 121 ALA n 
1 122 PRO n 
1 123 ASP n 
1 124 GLY n 
1 125 SER n 
1 126 PRO n 
1 127 ILE n 
1 128 GLU n 
1 129 ARG n 
1 130 GLU n 
1 131 ALA n 
1 132 GLU n 
1 133 GLY n 
1 134 PHE n 
1 135 HIS n 
1 136 ALA n 
1 137 ARG n 
1 138 VAL n 
1 139 VAL n 
1 140 GLN n 
1 141 HIS n 
1 142 GLU n 
1 143 TYR n 
1 144 ASP n 
1 145 HIS n 
1 146 LEU n 
1 147 VAL n 
1 148 GLY n 
1 149 ARG n 
1 150 LEU n 
1 151 TYR n 
1 152 PRO n 
1 153 SER n 
1 154 ARG n 
1 155 ILE n 
1 156 GLU n 
1 157 ASN n 
1 158 PHE n 
1 159 ASP n 
1 160 THR n 
1 161 PHE n 
1 162 GLY n 
1 163 PHE n 
1 164 ASP n 
1 165 ASP n 
1 166 VAL n 
1 167 LEU n 
1 168 SER n 
1 169 TYR n 
1 170 ASP n 
1 171 LEU n 
# 
_entity_src_gen.entity_id                          1 
_entity_src_gen.pdbx_src_id                        1 
_entity_src_gen.pdbx_alt_source_flag               sample 
_entity_src_gen.pdbx_seq_type                      'Biological sequence' 
_entity_src_gen.pdbx_beg_seq_num                   1 
_entity_src_gen.pdbx_end_seq_num                   171 
_entity_src_gen.gene_src_common_name               ? 
_entity_src_gen.gene_src_genus                     ? 
_entity_src_gen.pdbx_gene_src_gene                 'def, XOO1075' 
_entity_src_gen.gene_src_species                   ? 
_entity_src_gen.gene_src_strain                    KACC10331 
_entity_src_gen.gene_src_tissue                    ? 
_entity_src_gen.gene_src_tissue_fraction           ? 
_entity_src_gen.gene_src_details                   ? 
_entity_src_gen.pdbx_gene_src_fragment             ? 
_entity_src_gen.pdbx_gene_src_scientific_name      'Xanthomonas oryzae pv. oryzae KACC10331' 
_entity_src_gen.pdbx_gene_src_ncbi_taxonomy_id     291331 
_entity_src_gen.pdbx_gene_src_variant              ? 
_entity_src_gen.pdbx_gene_src_cell_line            ? 
_entity_src_gen.pdbx_gene_src_atcc                 ? 
_entity_src_gen.pdbx_gene_src_organ                ? 
_entity_src_gen.pdbx_gene_src_organelle            ? 
_entity_src_gen.pdbx_gene_src_cell                 ? 
_entity_src_gen.pdbx_gene_src_cellular_location    ? 
_entity_src_gen.host_org_common_name               ? 
_entity_src_gen.pdbx_host_org_scientific_name      'Escherichia coli' 
_entity_src_gen.pdbx_host_org_ncbi_taxonomy_id     562 
_entity_src_gen.host_org_genus                     ? 
_entity_src_gen.pdbx_host_org_gene                 ? 
_entity_src_gen.pdbx_host_org_organ                ? 
_entity_src_gen.host_org_species                   ? 
_entity_src_gen.pdbx_host_org_tissue               ? 
_entity_src_gen.pdbx_host_org_tissue_fraction      ? 
_entity_src_gen.pdbx_host_org_strain               ? 
_entity_src_gen.pdbx_host_org_variant              ? 
_entity_src_gen.pdbx_host_org_cell_line            ? 
_entity_src_gen.pdbx_host_org_atcc                 ? 
_entity_src_gen.pdbx_host_org_culture_collection   ? 
_entity_src_gen.pdbx_host_org_cell                 ? 
_entity_src_gen.pdbx_host_org_organelle            ? 
_entity_src_gen.pdbx_host_org_cellular_location    ? 
_entity_src_gen.pdbx_host_org_vector_type          Plasmid 
_entity_src_gen.pdbx_host_org_vector               ? 
_entity_src_gen.host_org_details                   ? 
_entity_src_gen.expression_system_id               ? 
_entity_src_gen.plasmid_name                       ? 
_entity_src_gen.plasmid_details                    ? 
_entity_src_gen.pdbx_description                   ? 
# 
loop_
_chem_comp.id 
_chem_comp.type 
_chem_comp.mon_nstd_flag 
_chem_comp.name 
_chem_comp.pdbx_synonyms 
_chem_comp.formula 
_chem_comp.formula_weight 
ACT non-polymer         . 'ACETATE ION'    ?                                            'C2 H3 O2 -1'    59.044  
ALA 'L-peptide linking' y ALANINE          ?                                            'C3 H7 N O2'     89.093  
ARG 'L-peptide linking' y ARGININE         ?                                            'C6 H15 N4 O2 1' 175.209 
ASN 'L-peptide linking' y ASPARAGINE       ?                                            'C4 H8 N2 O3'    132.118 
ASP 'L-peptide linking' y 'ASPARTIC ACID'  ?                                            'C4 H7 N O4'     133.103 
CD  non-polymer         . 'CADMIUM ION'    ?                                            'Cd 2'           112.411 
CSD 'L-peptide linking' n 3-SULFINOALANINE 'S-CYSTEINESULFINIC ACID; S-SULFINOCYSTEINE' 'C3 H7 N O4 S'   153.157 
GLN 'L-peptide linking' y GLUTAMINE        ?                                            'C5 H10 N2 O3'   146.144 
GLU 'L-peptide linking' y 'GLUTAMIC ACID'  ?                                            'C5 H9 N O4'     147.129 
GLY 'peptide linking'   y GLYCINE          ?                                            'C2 H5 N O2'     75.067  
GOL non-polymer         . GLYCEROL         'GLYCERIN; PROPANE-1,2,3-TRIOL'              'C3 H8 O3'       92.094  
HIS 'L-peptide linking' y HISTIDINE        ?                                            'C6 H10 N3 O2 1' 156.162 
HOH non-polymer         . WATER            ?                                            'H2 O'           18.015  
ILE 'L-peptide linking' y ISOLEUCINE       ?                                            'C6 H13 N O2'    131.173 
LEU 'L-peptide linking' y LEUCINE          ?                                            'C6 H13 N O2'    131.173 
LYS 'L-peptide linking' y LYSINE           ?                                            'C6 H15 N2 O2 1' 147.195 
MET 'L-peptide linking' y METHIONINE       ?                                            'C5 H11 N O2 S'  149.211 
NA  non-polymer         . 'SODIUM ION'     ?                                            'Na 1'           22.990  
PHE 'L-peptide linking' y PHENYLALANINE    ?                                            'C9 H11 N O2'    165.189 
PRO 'L-peptide linking' y PROLINE          ?                                            'C5 H9 N O2'     115.130 
SER 'L-peptide linking' y SERINE           ?                                            'C3 H7 N O3'     105.093 
THR 'L-peptide linking' y THREONINE        ?                                            'C4 H9 N O3'     119.119 
TRP 'L-peptide linking' y TRYPTOPHAN       ?                                            'C11 H12 N2 O2'  204.225 
TYR 'L-peptide linking' y TYROSINE         ?                                            'C9 H11 N O3'    181.189 
VAL 'L-peptide linking' y VALINE           ?                                            'C5 H11 N O2'    117.146 
# 
loop_
_pdbx_poly_seq_scheme.asym_id 
_pdbx_poly_seq_scheme.entity_id 
_pdbx_poly_seq_scheme.seq_id 
_pdbx_poly_seq_scheme.mon_id 
_pdbx_poly_seq_scheme.ndb_seq_num 
_pdbx_poly_seq_scheme.pdb_seq_num 
_pdbx_poly_seq_scheme.auth_seq_num 
_pdbx_poly_seq_scheme.pdb_mon_id 
_pdbx_poly_seq_scheme.auth_mon_id 
_pdbx_poly_seq_scheme.pdb_strand_id 
_pdbx_poly_seq_scheme.pdb_ins_code 
_pdbx_poly_seq_scheme.hetero 
A 1 1   MET 1   1   1   MET MET A . n 
A 1 2   ILE 2   2   2   ILE ILE A . n 
A 1 3   ARG 3   3   3   ARG ARG A . n 
A 1 4   ASP 4   4   4   ASP ASP A . n 
A 1 5   ILE 5   5   5   ILE ILE A . n 
A 1 6   ILE 6   6   6   ILE ILE A . n 
A 1 7   ARG 7   7   7   ARG ARG A . n 
A 1 8   MET 8   8   8   MET MET A . n 
A 1 9   GLY 9   9   9   GLY GLY A . n 
A 1 10  ASP 10  10  10  ASP ASP A . n 
A 1 11  LYS 11  11  11  LYS LYS A . n 
A 1 12  ARG 12  12  12  ARG ARG A . n 
A 1 13  LEU 13  13  13  LEU LEU A . n 
A 1 14  LEU 14  14  14  LEU LEU A . n 
A 1 15  ARG 15  15  15  ARG ARG A . n 
A 1 16  VAL 16  16  16  VAL VAL A . n 
A 1 17  ALA 17  17  17  ALA ALA A . n 
A 1 18  PRO 18  18  18  PRO PRO A . n 
A 1 19  GLN 19  19  19  GLN GLN A . n 
A 1 20  VAL 20  20  20  VAL VAL A . n 
A 1 21  THR 21  21  21  THR THR A . n 
A 1 22  ASN 22  22  22  ASN ASN A . n 
A 1 23  LEU 23  23  23  LEU LEU A . n 
A 1 24  GLY 24  24  24  GLY GLY A . n 
A 1 25  SER 25  25  25  SER SER A . n 
A 1 26  ALA 26  26  26  ALA ALA A . n 
A 1 27  GLU 27  27  27  GLU GLU A . n 
A 1 28  LEU 28  28  28  LEU LEU A . n 
A 1 29  HIS 29  29  29  HIS HIS A . n 
A 1 30  ALA 30  30  30  ALA ALA A . n 
A 1 31  LEU 31  31  31  LEU LEU A . n 
A 1 32  VAL 32  32  32  VAL VAL A . n 
A 1 33  SER 33  33  33  SER SER A . n 
A 1 34  ASP 34  34  34  ASP ASP A . n 
A 1 35  MET 35  35  35  MET MET A . n 
A 1 36  PHE 36  36  36  PHE PHE A . n 
A 1 37  GLU 37  37  37  GLU GLU A . n 
A 1 38  THR 38  38  38  THR THR A . n 
A 1 39  MET 39  39  39  MET MET A . n 
A 1 40  GLY 40  40  40  GLY GLY A . n 
A 1 41  ALA 41  41  41  ALA ALA A . n 
A 1 42  ALA 42  42  42  ALA ALA A . n 
A 1 43  HIS 43  43  43  HIS HIS A . n 
A 1 44  GLY 44  44  44  GLY GLY A . n 
A 1 45  VAL 45  45  45  VAL VAL A . n 
A 1 46  GLY 46  46  46  GLY GLY A . n 
A 1 47  LEU 47  47  47  LEU LEU A . n 
A 1 48  ALA 48  48  48  ALA ALA A . n 
A 1 49  ALA 49  49  49  ALA ALA A . n 
A 1 50  PRO 50  50  50  PRO PRO A . n 
A 1 51  GLN 51  51  51  GLN GLN A . n 
A 1 52  ILE 52  52  52  ILE ILE A . n 
A 1 53  ALA 53  53  53  ALA ALA A . n 
A 1 54  VAL 54  54  54  VAL VAL A . n 
A 1 55  ASP 55  55  55  ASP ASP A . n 
A 1 56  LEU 56  56  56  LEU LEU A . n 
A 1 57  GLN 57  57  57  GLN GLN A . n 
A 1 58  LEU 58  58  58  LEU LEU A . n 
A 1 59  MET 59  59  59  MET MET A . n 
A 1 60  VAL 60  60  60  VAL VAL A . n 
A 1 61  PHE 61  61  61  PHE PHE A . n 
A 1 62  GLY 62  62  62  GLY GLY A . n 
A 1 63  PHE 63  63  63  PHE PHE A . n 
A 1 64  GLU 64  64  64  GLU GLU A . n 
A 1 65  ALA 65  65  65  ALA ALA A . n 
A 1 66  SER 66  66  66  SER SER A . n 
A 1 67  GLU 67  67  67  GLU GLU A . n 
A 1 68  ARG 68  68  68  ARG ARG A . n 
A 1 69  TYR 69  69  69  TYR TYR A . n 
A 1 70  PRO 70  70  70  PRO PRO A . n 
A 1 71  GLU 71  71  71  GLU GLU A . n 
A 1 72  ALA 72  72  72  ALA ALA A . n 
A 1 73  PRO 73  73  73  PRO PRO A . n 
A 1 74  ALA 74  74  74  ALA ALA A . n 
A 1 75  VAL 75  75  75  VAL VAL A . n 
A 1 76  PRO 76  76  76  PRO PRO A . n 
A 1 77  LEU 77  77  77  LEU LEU A . n 
A 1 78  THR 78  78  78  THR THR A . n 
A 1 79  ALA 79  79  79  ALA ALA A . n 
A 1 80  LEU 80  80  80  LEU LEU A . n 
A 1 81  ALA 81  81  81  ALA ALA A . n 
A 1 82  ASN 82  82  82  ASN ASN A . n 
A 1 83  ALA 83  83  83  ALA ALA A . n 
A 1 84  GLN 84  84  84  GLN GLN A . n 
A 1 85  ILE 85  85  85  ILE ILE A . n 
A 1 86  GLU 86  86  86  GLU GLU A . n 
A 1 87  PRO 87  87  87  PRO PRO A . n 
A 1 88  LEU 88  88  88  LEU LEU A . n 
A 1 89  SER 89  89  89  SER SER A . n 
A 1 90  ASP 90  90  90  ASP ASP A . n 
A 1 91  GLU 91  91  91  GLU GLU A . n 
A 1 92  MET 92  92  92  MET MET A . n 
A 1 93  GLU 93  93  93  GLU GLU A . n 
A 1 94  ASN 94  94  94  ASN ASN A . n 
A 1 95  GLY 95  95  95  GLY GLY A . n 
A 1 96  TRP 96  96  96  TRP TRP A . n 
A 1 97  GLU 97  97  97  GLU GLU A . n 
A 1 98  GLY 98  98  98  GLY GLY A . n 
A 1 99  CSD 99  99  99  CSD CSD A . n 
A 1 100 LEU 100 100 100 LEU LEU A . n 
A 1 101 SER 101 101 101 SER SER A . n 
A 1 102 ILE 102 102 102 ILE ILE A . n 
A 1 103 PRO 103 103 103 PRO PRO A . n 
A 1 104 GLY 104 104 104 GLY GLY A . n 
A 1 105 LEU 105 105 105 LEU LEU A . n 
A 1 106 ARG 106 106 106 ARG ARG A . n 
A 1 107 ALA 107 107 107 ALA ALA A . n 
A 1 108 VAL 108 108 108 VAL VAL A . n 
A 1 109 ILE 109 109 109 ILE ILE A . n 
A 1 110 PRO 110 110 110 PRO PRO A . n 
A 1 111 ARG 111 111 111 ARG ARG A . n 
A 1 112 TYR 112 112 112 TYR TYR A . n 
A 1 113 ARG 113 113 113 ARG ARG A . n 
A 1 114 TYR 114 114 114 TYR TYR A . n 
A 1 115 ILE 115 115 115 ILE ILE A . n 
A 1 116 ARG 116 116 116 ARG ARG A . n 
A 1 117 TYR 117 117 117 TYR TYR A . n 
A 1 118 ARG 118 118 118 ARG ARG A . n 
A 1 119 GLY 119 119 119 GLY GLY A . n 
A 1 120 PHE 120 120 120 PHE PHE A . n 
A 1 121 ALA 121 121 121 ALA ALA A . n 
A 1 122 PRO 122 122 122 PRO PRO A . n 
A 1 123 ASP 123 123 123 ASP ASP A . n 
A 1 124 GLY 124 124 124 GLY GLY A . n 
A 1 125 SER 125 125 125 SER SER A . n 
A 1 126 PRO 126 126 126 PRO PRO A . n 
A 1 127 ILE 127 127 127 ILE ILE A . n 
A 1 128 GLU 128 128 128 GLU GLU A . n 
A 1 129 ARG 129 129 129 ARG ARG A . n 
A 1 130 GLU 130 130 130 GLU GLU A . n 
A 1 131 ALA 131 131 131 ALA ALA A . n 
A 1 132 GLU 132 132 132 GLU GLU A . n 
A 1 133 GLY 133 133 133 GLY GLY A . n 
A 1 134 PHE 134 134 134 PHE PHE A . n 
A 1 135 HIS 135 135 135 HIS HIS A . n 
A 1 136 ALA 136 136 136 ALA ALA A . n 
A 1 137 ARG 137 137 137 ARG ARG A . n 
A 1 138 VAL 138 138 138 VAL VAL A . n 
A 1 139 VAL 139 139 139 VAL VAL A . n 
A 1 140 GLN 140 140 140 GLN GLN A . n 
A 1 141 HIS 141 141 141 HIS HIS A . n 
A 1 142 GLU 142 142 142 GLU GLU A . n 
A 1 143 TYR 143 143 143 TYR TYR A . n 
A 1 144 ASP 144 144 144 ASP ASP A . n 
A 1 145 HIS 145 145 145 HIS HIS A . n 
A 1 146 LEU 146 146 146 LEU LEU A . n 
A 1 147 VAL 147 147 147 VAL VAL A . n 
A 1 148 GLY 148 148 148 GLY GLY A . n 
A 1 149 ARG 149 149 149 ARG ARG A . n 
A 1 150 LEU 150 150 150 LEU LEU A . n 
A 1 151 TYR 151 151 151 TYR TYR A . n 
A 1 152 PRO 152 152 152 PRO PRO A . n 
A 1 153 SER 153 153 153 SER SER A . n 
A 1 154 ARG 154 154 154 ARG ARG A . n 
A 1 155 ILE 155 155 155 ILE ILE A . n 
A 1 156 GLU 156 156 156 GLU GLU A . n 
A 1 157 ASN 157 157 157 ASN ASN A . n 
A 1 158 PHE 158 158 158 PHE PHE A . n 
A 1 159 ASP 159 159 159 ASP ASP A . n 
A 1 160 THR 160 160 160 THR THR A . n 
A 1 161 PHE 161 161 161 PHE PHE A . n 
A 1 162 GLY 162 162 162 GLY GLY A . n 
A 1 163 PHE 163 163 163 PHE PHE A . n 
A 1 164 ASP 164 164 164 ASP ASP A . n 
A 1 165 ASP 165 165 165 ASP ASP A . n 
A 1 166 VAL 166 166 166 VAL VAL A . n 
A 1 167 LEU 167 167 167 LEU LEU A . n 
A 1 168 SER 168 168 168 SER SER A . n 
A 1 169 TYR 169 169 ?   ?   ?   A . n 
A 1 170 ASP 170 170 ?   ?   ?   A . n 
A 1 171 LEU 171 171 ?   ?   ?   A . n 
# 
loop_
_pdbx_nonpoly_scheme.asym_id 
_pdbx_nonpoly_scheme.entity_id 
_pdbx_nonpoly_scheme.mon_id 
_pdbx_nonpoly_scheme.ndb_seq_num 
_pdbx_nonpoly_scheme.pdb_seq_num 
_pdbx_nonpoly_scheme.auth_seq_num 
_pdbx_nonpoly_scheme.pdb_mon_id 
_pdbx_nonpoly_scheme.auth_mon_id 
_pdbx_nonpoly_scheme.pdb_strand_id 
_pdbx_nonpoly_scheme.pdb_ins_code 
B 2 CD  1   201 201 CD  CD  A . 
C 2 CD  1   202 202 CD  CD  A . 
D 2 CD  1   203 203 CD  CD  A . 
E 3 ACT 1   204 204 ACT ACT A . 
F 4 NA  1   205 205 NA  NA  A . 
G 4 NA  1   206 206 NA  NA  A . 
H 5 GOL 1   207 207 GOL GOL A . 
I 6 MET 1   208 208 MET MET A . 
J 7 ALA 1   209 209 ALA ALA A . 
K 8 HOH 1   301 304 HOH HOH A . 
K 8 HOH 2   302 301 HOH HOH A . 
K 8 HOH 3   303 302 HOH HOH A . 
K 8 HOH 4   304 336 HOH HOH A . 
K 8 HOH 5   305 303 HOH HOH A . 
K 8 HOH 6   306 306 HOH HOH A . 
K 8 HOH 7   307 309 HOH HOH A . 
K 8 HOH 8   308 307 HOH HOH A . 
K 8 HOH 9   309 310 HOH HOH A . 
K 8 HOH 10  310 312 HOH HOH A . 
K 8 HOH 11  311 311 HOH HOH A . 
K 8 HOH 12  312 342 HOH HOH A . 
K 8 HOH 13  313 305 HOH HOH A . 
K 8 HOH 14  314 313 HOH HOH A . 
K 8 HOH 15  315 316 HOH HOH A . 
K 8 HOH 16  316 314 HOH HOH A . 
K 8 HOH 17  317 308 HOH HOH A . 
K 8 HOH 18  318 317 HOH HOH A . 
K 8 HOH 19  319 315 HOH HOH A . 
K 8 HOH 20  320 319 HOH HOH A . 
K 8 HOH 21  321 324 HOH HOH A . 
K 8 HOH 22  322 337 HOH HOH A . 
K 8 HOH 23  323 338 HOH HOH A . 
K 8 HOH 24  324 318 HOH HOH A . 
K 8 HOH 25  325 320 HOH HOH A . 
K 8 HOH 26  326 1   HOH HOH A . 
K 8 HOH 27  327 327 HOH HOH A . 
K 8 HOH 28  328 331 HOH HOH A . 
K 8 HOH 29  329 321 HOH HOH A . 
K 8 HOH 30  330 328 HOH HOH A . 
K 8 HOH 31  331 323 HOH HOH A . 
K 8 HOH 32  332 329 HOH HOH A . 
K 8 HOH 33  333 326 HOH HOH A . 
K 8 HOH 34  334 322 HOH HOH A . 
K 8 HOH 35  335 333 HOH HOH A . 
K 8 HOH 36  336 325 HOH HOH A . 
K 8 HOH 37  337 332 HOH HOH A . 
K 8 HOH 38  338 335 HOH HOH A . 
K 8 HOH 39  339 346 HOH HOH A . 
K 8 HOH 40  340 341 HOH HOH A . 
K 8 HOH 41  341 353 HOH HOH A . 
K 8 HOH 42  342 334 HOH HOH A . 
K 8 HOH 43  343 345 HOH HOH A . 
K 8 HOH 44  344 348 HOH HOH A . 
K 8 HOH 45  345 330 HOH HOH A . 
K 8 HOH 46  346 339 HOH HOH A . 
K 8 HOH 47  347 347 HOH HOH A . 
K 8 HOH 48  348 350 HOH HOH A . 
K 8 HOH 49  349 340 HOH HOH A . 
K 8 HOH 50  350 349 HOH HOH A . 
K 8 HOH 51  351 356 HOH HOH A . 
K 8 HOH 52  352 355 HOH HOH A . 
K 8 HOH 53  353 343 HOH HOH A . 
K 8 HOH 54  354 344 HOH HOH A . 
K 8 HOH 55  355 351 HOH HOH A . 
K 8 HOH 56  356 357 HOH HOH A . 
K 8 HOH 57  357 370 HOH HOH A . 
K 8 HOH 58  358 359 HOH HOH A . 
K 8 HOH 59  359 365 HOH HOH A . 
K 8 HOH 60  360 358 HOH HOH A . 
K 8 HOH 61  361 360 HOH HOH A . 
K 8 HOH 62  362 352 HOH HOH A . 
K 8 HOH 63  363 354 HOH HOH A . 
K 8 HOH 64  364 363 HOH HOH A . 
K 8 HOH 65  365 367 HOH HOH A . 
K 8 HOH 66  366 381 HOH HOH A . 
K 8 HOH 67  367 362 HOH HOH A . 
K 8 HOH 68  368 366 HOH HOH A . 
K 8 HOH 69  369 361 HOH HOH A . 
K 8 HOH 70  370 371 HOH HOH A . 
K 8 HOH 71  371 364 HOH HOH A . 
K 8 HOH 72  372 369 HOH HOH A . 
K 8 HOH 73  373 372 HOH HOH A . 
K 8 HOH 74  374 393 HOH HOH A . 
K 8 HOH 75  375 368 HOH HOH A . 
K 8 HOH 76  376 390 HOH HOH A . 
K 8 HOH 77  377 373 HOH HOH A . 
K 8 HOH 78  378 375 HOH HOH A . 
K 8 HOH 79  379 374 HOH HOH A . 
K 8 HOH 80  380 378 HOH HOH A . 
K 8 HOH 81  381 380 HOH HOH A . 
K 8 HOH 82  382 377 HOH HOH A . 
K 8 HOH 83  383 379 HOH HOH A . 
K 8 HOH 84  384 376 HOH HOH A . 
K 8 HOH 85  385 382 HOH HOH A . 
K 8 HOH 86  386 397 HOH HOH A . 
K 8 HOH 87  387 386 HOH HOH A . 
K 8 HOH 88  388 384 HOH HOH A . 
K 8 HOH 89  389 383 HOH HOH A . 
K 8 HOH 90  390 387 HOH HOH A . 
K 8 HOH 91  391 388 HOH HOH A . 
K 8 HOH 92  392 385 HOH HOH A . 
K 8 HOH 93  393 392 HOH HOH A . 
K 8 HOH 94  394 389 HOH HOH A . 
K 8 HOH 95  395 391 HOH HOH A . 
K 8 HOH 96  396 394 HOH HOH A . 
K 8 HOH 97  397 395 HOH HOH A . 
K 8 HOH 98  398 396 HOH HOH A . 
K 8 HOH 99  399 398 HOH HOH A . 
K 8 HOH 100 400 399 HOH HOH A . 
# 
loop_
_software.citation_id 
_software.classification 
_software.compiler_name 
_software.compiler_version 
_software.contact_author 
_software.contact_author_email 
_software.date 
_software.description 
_software.dependencies 
_software.hardware 
_software.language 
_software.location 
_software.mods 
_software.name 
_software.os 
_software.os_version 
_software.type 
_software.version 
_software.pdbx_ordinal 
? refinement       ? ? ? ? ? ? ? ? ? ? ? REFMAC   ? ? ? 5.7.0032 1 
? 'data reduction' ? ? ? ? ? ? ? ? ? ? ? HKL-2000 ? ? ? .        2 
? 'data scaling'   ? ? ? ? ? ? ? ? ? ? ? HKL-2000 ? ? ? .        3 
? phasing          ? ? ? ? ? ? ? ? ? ? ? HKL-2000 ? ? ? .        4 
# 
_cell.entry_id           5CPD 
_cell.length_a           58.584 
_cell.length_b           58.584 
_cell.length_c           266.188 
_cell.angle_alpha        90.00 
_cell.angle_beta         90.00 
_cell.angle_gamma        120.00 
_cell.Z_PDB              12 
_cell.pdbx_unique_axis   ? 
# 
_symmetry.entry_id                         5CPD 
_symmetry.space_group_name_H-M             'P 61 2 2' 
_symmetry.pdbx_full_space_group_name_H-M   ? 
_symmetry.cell_setting                     ? 
_symmetry.Int_Tables_number                178 
# 
_exptl.absorpt_coefficient_mu     ? 
_exptl.absorpt_correction_T_max   ? 
_exptl.absorpt_correction_T_min   ? 
_exptl.absorpt_correction_type    ? 
_exptl.absorpt_process_details    ? 
_exptl.entry_id                   5CPD 
_exptl.crystals_number            1 
_exptl.details                    ? 
_exptl.method                     'X-RAY DIFFRACTION' 
_exptl.method_details             ? 
# 
_exptl_crystal.colour                      ? 
_exptl_crystal.density_diffrn              ? 
_exptl_crystal.density_Matthews            3.41 
_exptl_crystal.density_method              ? 
_exptl_crystal.density_percent_sol         63.91 
_exptl_crystal.description                 ? 
_exptl_crystal.F_000                       ? 
_exptl_crystal.id                          1 
_exptl_crystal.preparation                 ? 
_exptl_crystal.size_max                    ? 
_exptl_crystal.size_mid                    ? 
_exptl_crystal.size_min                    ? 
_exptl_crystal.size_rad                    ? 
_exptl_crystal.colour_lustre               ? 
_exptl_crystal.colour_modifier             ? 
_exptl_crystal.colour_primary              ? 
_exptl_crystal.density_meas                ? 
_exptl_crystal.density_meas_esd            ? 
_exptl_crystal.density_meas_gt             ? 
_exptl_crystal.density_meas_lt             ? 
_exptl_crystal.density_meas_temp           ? 
_exptl_crystal.density_meas_temp_esd       ? 
_exptl_crystal.density_meas_temp_gt        ? 
_exptl_crystal.density_meas_temp_lt        ? 
_exptl_crystal.pdbx_crystal_image_url      ? 
_exptl_crystal.pdbx_crystal_image_format   ? 
_exptl_crystal.pdbx_mosaicity              ? 
_exptl_crystal.pdbx_mosaicity_esd          ? 
# 
_exptl_crystal_grow.apparatus       ? 
_exptl_crystal_grow.atmosphere      ? 
_exptl_crystal_grow.crystal_id      1 
_exptl_crystal_grow.details         ? 
_exptl_crystal_grow.method          'VAPOR DIFFUSION, HANGING DROP' 
_exptl_crystal_grow.method_ref      ? 
_exptl_crystal_grow.pH              7.5 
_exptl_crystal_grow.pressure        ? 
_exptl_crystal_grow.pressure_esd    ? 
_exptl_crystal_grow.seeding         ? 
_exptl_crystal_grow.seeding_ref     ? 
_exptl_crystal_grow.temp            287 
_exptl_crystal_grow.temp_details    ? 
_exptl_crystal_grow.temp_esd        ? 
_exptl_crystal_grow.time            ? 
_exptl_crystal_grow.pdbx_details    '0.05M cadmium sulfate, 0.1M HEPES pH 7.5, 2.0M sodium acetate trihydrate' 
_exptl_crystal_grow.pdbx_pH_range   7.0-8.0 
# 
_diffrn.ambient_environment    ? 
_diffrn.ambient_temp           100 
_diffrn.ambient_temp_details   ? 
_diffrn.ambient_temp_esd       ? 
_diffrn.crystal_id             1 
_diffrn.crystal_support        ? 
_diffrn.crystal_treatment      ? 
_diffrn.details                ? 
_diffrn.id                     1 
_diffrn.ambient_pressure       ? 
_diffrn.ambient_pressure_esd   ? 
_diffrn.ambient_pressure_gt    ? 
_diffrn.ambient_pressure_lt    ? 
_diffrn.ambient_temp_gt        ? 
_diffrn.ambient_temp_lt        ? 
# 
_diffrn_detector.details                      ? 
_diffrn_detector.detector                     CCD 
_diffrn_detector.diffrn_id                    1 
_diffrn_detector.type                         'ADSC QUANTUM 210' 
_diffrn_detector.area_resol_mean              ? 
_diffrn_detector.dtime                        ? 
_diffrn_detector.pdbx_frames_total            ? 
_diffrn_detector.pdbx_collection_time_total   ? 
_diffrn_detector.pdbx_collection_date         2009-11-22 
# 
_diffrn_radiation.collimation                      ? 
_diffrn_radiation.diffrn_id                        1 
_diffrn_radiation.filter_edge                      ? 
_diffrn_radiation.inhomogeneity                    ? 
_diffrn_radiation.monochromator                    ? 
_diffrn_radiation.polarisn_norm                    ? 
_diffrn_radiation.polarisn_ratio                   ? 
_diffrn_radiation.probe                            ? 
_diffrn_radiation.type                             ? 
_diffrn_radiation.xray_symbol                      ? 
_diffrn_radiation.wavelength_id                    1 
_diffrn_radiation.pdbx_monochromatic_or_laue_m_l   M 
_diffrn_radiation.pdbx_wavelength_list             ? 
_diffrn_radiation.pdbx_wavelength                  ? 
_diffrn_radiation.pdbx_diffrn_protocol             'SINGLE WAVELENGTH' 
_diffrn_radiation.pdbx_analyzer                    ? 
_diffrn_radiation.pdbx_scattering_type             x-ray 
# 
_diffrn_radiation_wavelength.id           1 
_diffrn_radiation_wavelength.wavelength   0.99 
_diffrn_radiation_wavelength.wt           1.0 
# 
_diffrn_source.current                     ? 
_diffrn_source.details                     ? 
_diffrn_source.diffrn_id                   1 
_diffrn_source.power                       ? 
_diffrn_source.size                        ? 
_diffrn_source.source                      SYNCHROTRON 
_diffrn_source.target                      ? 
_diffrn_source.type                        'PAL/PLS BEAMLINE 4A' 
_diffrn_source.voltage                     ? 
_diffrn_source.take-off_angle              ? 
_diffrn_source.pdbx_wavelength_list        0.99 
_diffrn_source.pdbx_wavelength             ? 
_diffrn_source.pdbx_synchrotron_beamline   4A 
_diffrn_source.pdbx_synchrotron_site       PAL/PLS 
# 
_reflns.B_iso_Wilson_estimate            ? 
_reflns.entry_id                         5CPD 
_reflns.data_reduction_details           ? 
_reflns.data_reduction_method            ? 
_reflns.d_resolution_high                2.1 
_reflns.d_resolution_low                 50 
_reflns.details                          ? 
_reflns.limit_h_max                      ? 
_reflns.limit_h_min                      ? 
_reflns.limit_k_max                      ? 
_reflns.limit_k_min                      ? 
_reflns.limit_l_max                      ? 
_reflns.limit_l_min                      ? 
_reflns.number_all                       ? 
_reflns.number_obs                       16778 
_reflns.observed_criterion               ? 
_reflns.observed_criterion_F_max         ? 
_reflns.observed_criterion_F_min         ? 
_reflns.observed_criterion_I_max         ? 
_reflns.observed_criterion_I_min         ? 
_reflns.observed_criterion_sigma_F       ? 
_reflns.observed_criterion_sigma_I       ? 
_reflns.percent_possible_obs             98.5 
_reflns.R_free_details                   ? 
_reflns.Rmerge_F_all                     ? 
_reflns.Rmerge_F_obs                     ? 
_reflns.Friedel_coverage                 ? 
_reflns.number_gt                        ? 
_reflns.threshold_expression             ? 
_reflns.pdbx_redundancy                  5.4 
_reflns.pdbx_Rmerge_I_obs                ? 
_reflns.pdbx_Rmerge_I_all                ? 
_reflns.pdbx_Rsym_value                  ? 
_reflns.pdbx_netI_over_av_sigmaI         ? 
_reflns.pdbx_netI_over_sigmaI            9.8 
_reflns.pdbx_res_netI_over_av_sigmaI_2   ? 
_reflns.pdbx_res_netI_over_sigmaI_2      ? 
_reflns.pdbx_chi_squared                 ? 
_reflns.pdbx_scaling_rejects             ? 
_reflns.pdbx_d_res_high_opt              ? 
_reflns.pdbx_d_res_low_opt               ? 
_reflns.pdbx_d_res_opt_method            ? 
_reflns.phase_calculation_details        ? 
_reflns.pdbx_Rrim_I_all                  ? 
_reflns.pdbx_Rpim_I_all                  ? 
_reflns.pdbx_d_opt                       ? 
_reflns.pdbx_number_measured_all         ? 
_reflns.pdbx_diffrn_id                   1 
_reflns.pdbx_ordinal                     1 
_reflns.pdbx_CC_half                     ? 
_reflns.pdbx_R_split                     ? 
# 
_refine.pdbx_refine_id                           'X-RAY DIFFRACTION' 
_refine.entry_id                                 5CPD 
_refine.pdbx_diffrn_id                           1 
_refine.pdbx_TLS_residual_ADP_flag               ? 
_refine.ls_number_reflns_obs                     13851 
_refine.ls_number_reflns_all                     ? 
_refine.pdbx_ls_sigma_I                          ? 
_refine.pdbx_ls_sigma_F                          ? 
_refine.pdbx_data_cutoff_high_absF               ? 
_refine.pdbx_data_cutoff_low_absF                ? 
_refine.pdbx_data_cutoff_high_rms_absF           ? 
_refine.ls_d_res_low                             30.40 
_refine.ls_d_res_high                            2.20 
_refine.ls_percent_reflns_obs                    98.98 
_refine.ls_R_factor_obs                          0.19393 
_refine.ls_R_factor_all                          ? 
_refine.ls_R_factor_R_work                       0.19118 
_refine.ls_R_factor_R_free                       0.24724 
_refine.ls_R_factor_R_free_error                 ? 
_refine.ls_R_factor_R_free_error_details         ? 
_refine.ls_percent_reflns_R_free                 5.0 
_refine.ls_number_reflns_R_free                  729 
_refine.ls_number_parameters                     ? 
_refine.ls_number_restraints                     ? 
_refine.occupancy_min                            ? 
_refine.occupancy_max                            ? 
_refine.correlation_coeff_Fo_to_Fc               0.945 
_refine.correlation_coeff_Fo_to_Fc_free          0.915 
_refine.B_iso_mean                               29.701 
_refine.aniso_B[1][1]                            -0.04 
_refine.aniso_B[2][2]                            -0.04 
_refine.aniso_B[3][3]                            0.13 
_refine.aniso_B[1][2]                            -0.04 
_refine.aniso_B[1][3]                            0.00 
_refine.aniso_B[2][3]                            0.00 
_refine.solvent_model_details                    MASK 
_refine.solvent_model_param_ksol                 ? 
_refine.solvent_model_param_bsol                 ? 
_refine.pdbx_solvent_vdw_probe_radii             1.20 
_refine.pdbx_solvent_ion_probe_radii             0.80 
_refine.pdbx_solvent_shrinkage_radii             0.80 
_refine.pdbx_ls_cross_valid_method               THROUGHOUT 
_refine.details                                  'HYDROGENS HAVE BEEN USED IF PRESENT IN THE INPUT' 
_refine.pdbx_starting_model                      ? 
_refine.pdbx_method_to_determine_struct          ? 
_refine.pdbx_isotropic_thermal_model             ? 
_refine.pdbx_stereochemistry_target_values       'MAXIMUM LIKELIHOOD' 
_refine.pdbx_stereochem_target_val_spec_case     ? 
_refine.pdbx_R_Free_selection_details            RANDOM 
_refine.pdbx_overall_ESU_R                       0.182 
_refine.pdbx_overall_ESU_R_Free                  0.179 
_refine.overall_SU_ML                            0.125 
_refine.pdbx_overall_phase_error                 ? 
_refine.overall_SU_B                             4.992 
_refine.overall_SU_R_Cruickshank_DPI             ? 
_refine.pdbx_overall_SU_R_free_Cruickshank_DPI   ? 
_refine.pdbx_overall_SU_R_Blow_DPI               ? 
_refine.pdbx_overall_SU_R_free_Blow_DPI          ? 
# 
_refine_hist.pdbx_refine_id                   'X-RAY DIFFRACTION' 
_refine_hist.cycle_id                         LAST 
_refine_hist.pdbx_number_atoms_protein        1317 
_refine_hist.pdbx_number_atoms_nucleic_acid   0 
_refine_hist.pdbx_number_atoms_ligand         29 
_refine_hist.number_atoms_solvent             100 
_refine_hist.number_atoms_total               1446 
_refine_hist.d_res_high                       2.20 
_refine_hist.d_res_low                        30.40 
# 
loop_
_refine_ls_restr.type 
_refine_ls_restr.dev_ideal 
_refine_ls_restr.dev_ideal_target 
_refine_ls_restr.weight 
_refine_ls_restr.number 
_refine_ls_restr.pdbx_refine_id 
_refine_ls_restr.pdbx_restraint_function 
r_bond_refined_d             0.021  0.019  ? 1395 'X-RAY DIFFRACTION' ? 
r_bond_other_d               ?      ?      ? ?    'X-RAY DIFFRACTION' ? 
r_angle_refined_deg          2.086  1.976  ? 1859 'X-RAY DIFFRACTION' ? 
r_angle_other_deg            ?      ?      ? ?    'X-RAY DIFFRACTION' ? 
r_dihedral_angle_1_deg       7.330  5.000  ? 170  'X-RAY DIFFRACTION' ? 
r_dihedral_angle_2_deg       32.602 22.836 ? 67   'X-RAY DIFFRACTION' ? 
r_dihedral_angle_3_deg       17.165 15.000 ? 215  'X-RAY DIFFRACTION' ? 
r_dihedral_angle_4_deg       18.675 15.000 ? 14   'X-RAY DIFFRACTION' ? 
r_chiral_restr               0.136  0.200  ? 200  'X-RAY DIFFRACTION' ? 
r_gen_planes_refined         0.010  0.021  ? 1078 'X-RAY DIFFRACTION' ? 
r_gen_planes_other           ?      ?      ? ?    'X-RAY DIFFRACTION' ? 
r_nbd_refined                ?      ?      ? ?    'X-RAY DIFFRACTION' ? 
r_nbd_other                  ?      ?      ? ?    'X-RAY DIFFRACTION' ? 
r_nbtor_refined              ?      ?      ? ?    'X-RAY DIFFRACTION' ? 
r_nbtor_other                ?      ?      ? ?    'X-RAY DIFFRACTION' ? 
r_xyhbond_nbd_refined        ?      ?      ? ?    'X-RAY DIFFRACTION' ? 
r_xyhbond_nbd_other          ?      ?      ? ?    'X-RAY DIFFRACTION' ? 
r_metal_ion_refined          ?      ?      ? ?    'X-RAY DIFFRACTION' ? 
r_metal_ion_other            ?      ?      ? ?    'X-RAY DIFFRACTION' ? 
r_symmetry_vdw_refined       ?      ?      ? ?    'X-RAY DIFFRACTION' ? 
r_symmetry_vdw_other         ?      ?      ? ?    'X-RAY DIFFRACTION' ? 
r_symmetry_hbond_refined     ?      ?      ? ?    'X-RAY DIFFRACTION' ? 
r_symmetry_hbond_other       ?      ?      ? ?    'X-RAY DIFFRACTION' ? 
r_symmetry_metal_ion_refined ?      ?      ? ?    'X-RAY DIFFRACTION' ? 
r_symmetry_metal_ion_other   ?      ?      ? ?    'X-RAY DIFFRACTION' ? 
r_mcbond_it                  2.404  2.728  ? 678  'X-RAY DIFFRACTION' ? 
r_mcbond_other               ?      ?      ? ?    'X-RAY DIFFRACTION' ? 
r_mcangle_it                 3.359  4.067  ? 844  'X-RAY DIFFRACTION' ? 
r_mcangle_other              ?      ?      ? ?    'X-RAY DIFFRACTION' ? 
r_scbond_it                  3.969  3.057  ? 710  'X-RAY DIFFRACTION' ? 
r_scbond_other               ?      ?      ? ?    'X-RAY DIFFRACTION' ? 
r_scangle_it                 ?      ?      ? ?    'X-RAY DIFFRACTION' ? 
r_scangle_other              ?      ?      ? ?    'X-RAY DIFFRACTION' ? 
r_long_range_B_refined       7.024  23.488 ? 2126 'X-RAY DIFFRACTION' ? 
r_long_range_B_other         ?      ?      ? ?    'X-RAY DIFFRACTION' ? 
r_rigid_bond_restr           ?      ?      ? ?    'X-RAY DIFFRACTION' ? 
r_sphericity_free            ?      ?      ? ?    'X-RAY DIFFRACTION' ? 
r_sphericity_bonded          ?      ?      ? ?    'X-RAY DIFFRACTION' ? 
# 
_refine_ls_shell.pdbx_refine_id                   'X-RAY DIFFRACTION' 
_refine_ls_shell.pdbx_total_number_of_bins_used   20 
_refine_ls_shell.d_res_high                       2.200 
_refine_ls_shell.d_res_low                        2.257 
_refine_ls_shell.number_reflns_R_work             1004 
_refine_ls_shell.R_factor_R_work                  0.275 
_refine_ls_shell.percent_reflns_obs               99.72 
_refine_ls_shell.R_factor_R_free                  0.348 
_refine_ls_shell.R_factor_R_free_error            ? 
_refine_ls_shell.percent_reflns_R_free            ? 
_refine_ls_shell.number_reflns_R_free             50 
_refine_ls_shell.number_reflns_all                ? 
_refine_ls_shell.R_factor_all                     ? 
# 
_struct.entry_id                     5CPD 
_struct.title                        
'Methionine-alanine complex structure of peptide deformylase from Xanthomonas oryzae pv. oryzae' 
_struct.pdbx_model_details           ? 
_struct.pdbx_formula_weight          ? 
_struct.pdbx_formula_weight_method   ? 
_struct.pdbx_model_type_details      ? 
_struct.pdbx_CASP_flag               ? 
# 
_struct_keywords.entry_id        5CPD 
_struct_keywords.text            'Methionine-alanine complex, peptide deformylase, Xanthomonas, HYDROLASE' 
_struct_keywords.pdbx_keywords   HYDROLASE 
# 
loop_
_struct_asym.id 
_struct_asym.pdbx_blank_PDB_chainid_flag 
_struct_asym.pdbx_modified 
_struct_asym.entity_id 
_struct_asym.details 
A N N 1 ? 
B N N 2 ? 
C N N 2 ? 
D N N 2 ? 
E N N 3 ? 
F N N 4 ? 
G N N 4 ? 
H N N 5 ? 
I N N 6 ? 
J N N 7 ? 
K N N 8 ? 
# 
_struct_ref.id                         1 
_struct_ref.db_name                    UNP 
_struct_ref.db_code                    Q5H3Z2_XANOR 
_struct_ref.pdbx_db_accession          Q5H3Z2 
_struct_ref.pdbx_db_isoform            ? 
_struct_ref.entity_id                  1 
_struct_ref.pdbx_seq_one_letter_code   
;MIRDIIRMGDKRLLRVAPQVTNLGSAELHALVSDMFETMGAAHGVGLAAPQIAVDLQLMVFGFEASERYPEAPAVPLTAL
ANAQIEPLSDEMENGWEGCLSIPGLRAVIPRYRYIRYRGFAPDGSPIEREAEGFHARVVQHEYDHLVGRLYPSRIENFDT
FGFDDVLSYDL
;
_struct_ref.pdbx_align_begin           42 
# 
_struct_ref_seq.align_id                      1 
_struct_ref_seq.ref_id                        1 
_struct_ref_seq.pdbx_PDB_id_code              5CPD 
_struct_ref_seq.pdbx_strand_id                A 
_struct_ref_seq.seq_align_beg                 1 
_struct_ref_seq.pdbx_seq_align_beg_ins_code   ? 
_struct_ref_seq.seq_align_end                 171 
_struct_ref_seq.pdbx_seq_align_end_ins_code   ? 
_struct_ref_seq.pdbx_db_accession             Q5H3Z2 
_struct_ref_seq.db_align_beg                  42 
_struct_ref_seq.pdbx_db_align_beg_ins_code    ? 
_struct_ref_seq.db_align_end                  212 
_struct_ref_seq.pdbx_db_align_end_ins_code    ? 
_struct_ref_seq.pdbx_auth_seq_align_beg       1 
_struct_ref_seq.pdbx_auth_seq_align_end       171 
# 
_pdbx_struct_assembly.id                   1 
_pdbx_struct_assembly.details              author_and_software_defined_assembly 
_pdbx_struct_assembly.method_details       PISA 
_pdbx_struct_assembly.oligomeric_details   monomeric 
_pdbx_struct_assembly.oligomeric_count     1 
# 
loop_
_pdbx_struct_assembly_prop.biol_id 
_pdbx_struct_assembly_prop.type 
_pdbx_struct_assembly_prop.value 
_pdbx_struct_assembly_prop.details 
1 'ABSA (A^2)' 150  ? 
1 MORE         -11  ? 
1 'SSA (A^2)'  8530 ? 
# 
_pdbx_struct_assembly_gen.assembly_id       1 
_pdbx_struct_assembly_gen.oper_expression   1 
_pdbx_struct_assembly_gen.asym_id_list      A,B,C,D,E,F,G,H,I,J,K 
# 
_pdbx_struct_oper_list.id                   1 
_pdbx_struct_oper_list.type                 'identity operation' 
_pdbx_struct_oper_list.name                 1_555 
_pdbx_struct_oper_list.symmetry_operation   x,y,z 
_pdbx_struct_oper_list.matrix[1][1]         1.0000000000 
_pdbx_struct_oper_list.matrix[1][2]         0.0000000000 
_pdbx_struct_oper_list.matrix[1][3]         0.0000000000 
_pdbx_struct_oper_list.vector[1]            0.0000000000 
_pdbx_struct_oper_list.matrix[2][1]         0.0000000000 
_pdbx_struct_oper_list.matrix[2][2]         1.0000000000 
_pdbx_struct_oper_list.matrix[2][3]         0.0000000000 
_pdbx_struct_oper_list.vector[2]            0.0000000000 
_pdbx_struct_oper_list.matrix[3][1]         0.0000000000 
_pdbx_struct_oper_list.matrix[3][2]         0.0000000000 
_pdbx_struct_oper_list.matrix[3][3]         1.0000000000 
_pdbx_struct_oper_list.vector[3]            0.0000000000 
# 
loop_
_struct_conf.conf_type_id 
_struct_conf.id 
_struct_conf.pdbx_PDB_helix_id 
_struct_conf.beg_label_comp_id 
_struct_conf.beg_label_asym_id 
_struct_conf.beg_label_seq_id 
_struct_conf.pdbx_beg_PDB_ins_code 
_struct_conf.end_label_comp_id 
_struct_conf.end_label_asym_id 
_struct_conf.end_label_seq_id 
_struct_conf.pdbx_end_PDB_ins_code 
_struct_conf.beg_auth_comp_id 
_struct_conf.beg_auth_asym_id 
_struct_conf.beg_auth_seq_id 
_struct_conf.end_auth_comp_id 
_struct_conf.end_auth_asym_id 
_struct_conf.end_auth_seq_id 
_struct_conf.pdbx_PDB_helix_class 
_struct_conf.details 
_struct_conf.pdbx_PDB_helix_length 
HELX_P HELX_P1 AA1 ASP A 10  ? ARG A 15  ? ASP A 10  ARG A 15  5 ? 6  
HELX_P HELX_P2 AA2 SER A 25  ? ALA A 42  ? SER A 25  ALA A 42  1 ? 18 
HELX_P HELX_P3 AA3 PRO A 50  ? ALA A 53  ? PRO A 50  ALA A 53  5 ? 4  
HELX_P HELX_P4 AA4 GLY A 133 ? VAL A 147 ? GLY A 133 VAL A 147 1 ? 15 
HELX_P HELX_P5 AA5 LEU A 150 ? ILE A 155 ? LEU A 150 ILE A 155 5 ? 6  
HELX_P HELX_P6 AA6 ASN A 157 ? PHE A 161 ? ASN A 157 PHE A 161 5 ? 5  
# 
_struct_conf_type.id          HELX_P 
_struct_conf_type.criteria    ? 
_struct_conf_type.reference   ? 
# 
loop_
_struct_conn.id 
_struct_conn.conn_type_id 
_struct_conn.pdbx_leaving_atom_flag 
_struct_conn.pdbx_PDB_id 
_struct_conn.ptnr1_label_asym_id 
_struct_conn.ptnr1_label_comp_id 
_struct_conn.ptnr1_label_seq_id 
_struct_conn.ptnr1_label_atom_id 
_struct_conn.pdbx_ptnr1_label_alt_id 
_struct_conn.pdbx_ptnr1_PDB_ins_code 
_struct_conn.pdbx_ptnr1_standard_comp_id 
_struct_conn.ptnr1_symmetry 
_struct_conn.ptnr2_label_asym_id 
_struct_conn.ptnr2_label_comp_id 
_struct_conn.ptnr2_label_seq_id 
_struct_conn.ptnr2_label_atom_id 
_struct_conn.pdbx_ptnr2_label_alt_id 
_struct_conn.pdbx_ptnr2_PDB_ins_code 
_struct_conn.ptnr1_auth_asym_id 
_struct_conn.ptnr1_auth_comp_id 
_struct_conn.ptnr1_auth_seq_id 
_struct_conn.ptnr2_auth_asym_id 
_struct_conn.ptnr2_auth_comp_id 
_struct_conn.ptnr2_auth_seq_id 
_struct_conn.ptnr2_symmetry 
_struct_conn.pdbx_ptnr3_label_atom_id 
_struct_conn.pdbx_ptnr3_label_seq_id 
_struct_conn.pdbx_ptnr3_label_comp_id 
_struct_conn.pdbx_ptnr3_label_asym_id 
_struct_conn.pdbx_ptnr3_label_alt_id 
_struct_conn.pdbx_ptnr3_PDB_ins_code 
_struct_conn.details 
_struct_conn.pdbx_dist_value 
_struct_conn.pdbx_value_order 
_struct_conn.pdbx_role 
covale1  covale both ? A GLY 98  C   ? ? ? 1_555 A CSD 99  N  ? ? A GLY 98  A CSD 99  1_555 ? ? ? ? ? ? ? 1.337 ?    ? 
covale2  covale both ? A CSD 99  C   ? ? ? 1_555 A LEU 100 N  ? ? A CSD 99  A LEU 100 1_555 ? ? ? ? ? ? ? 1.319 ?    ? 
covale3  covale both ? I MET .   C   ? ? ? 1_555 J ALA .   N  ? ? A MET 208 A ALA 209 1_555 ? ? ? ? ? ? ? 1.312 sing ? 
metalc1  metalc ?    ? A GLU 37  OE2 ? ? ? 1_555 B CD  .   CD ? ? A GLU 37  A CD  201 1_555 ? ? ? ? ? ? ? 2.218 ?    ? 
metalc2  metalc ?    ? A HIS 43  NE2 ? ? ? 1_555 D CD  .   CD ? ? A HIS 43  A CD  203 8_445 ? ? ? ? ? ? ? 2.233 ?    ? 
metalc3  metalc ?    ? A CSD 99  SG  ? ? ? 1_555 C CD  .   CD ? ? A CSD 99  A CD  202 1_555 ? ? ? ? ? ? ? 2.657 ?    ? 
metalc4  metalc ?    ? A CSD 99  OD2 ? ? ? 1_555 C CD  .   CD ? ? A CSD 99  A CD  202 1_555 ? ? ? ? ? ? ? 2.165 ?    ? 
metalc5  metalc ?    ? A LEU 105 O   ? ? ? 1_555 G NA  .   NA ? ? A LEU 105 A NA  206 1_555 ? ? ? ? ? ? ? 2.339 ?    ? 
metalc6  metalc ?    ? A GLU 128 OE1 ? ? ? 1_555 D CD  .   CD ? ? A GLU 128 A CD  203 1_555 ? ? ? ? ? ? ? 2.251 ?    ? 
metalc7  metalc ?    ? A GLU 128 OE2 ? ? ? 1_555 D CD  .   CD ? ? A GLU 128 A CD  203 1_555 ? ? ? ? ? ? ? 2.274 ?    ? 
metalc8  metalc ?    ? A GLU 130 OE1 ? ? ? 1_555 D CD  .   CD ? ? A GLU 130 A CD  203 1_555 ? ? ? ? ? ? ? 2.268 ?    ? 
metalc9  metalc ?    ? A GLU 130 OE2 ? ? ? 1_555 D CD  .   CD ? ? A GLU 130 A CD  203 1_555 ? ? ? ? ? ? ? 2.237 ?    ? 
metalc10 metalc ?    ? A GLU 132 OE1 ? ? ? 1_555 B CD  .   CD ? ? A GLU 132 A CD  201 8_545 ? ? ? ? ? ? ? 2.245 ?    ? 
metalc11 metalc ?    ? A GLU 132 OE2 ? ? ? 1_555 B CD  .   CD ? ? A GLU 132 A CD  201 8_545 ? ? ? ? ? ? ? 2.275 ?    ? 
metalc12 metalc ?    ? A HIS 141 NE2 ? ? ? 1_555 C CD  .   CD ? ? A HIS 141 A CD  202 1_555 ? ? ? ? ? ? ? 2.239 ?    ? 
metalc13 metalc ?    ? A HIS 145 NE2 ? ? ? 1_555 C CD  .   CD ? ? A HIS 145 A CD  202 1_555 ? ? ? ? ? ? ? 2.248 ?    ? 
metalc14 metalc ?    ? A GLY 148 O   ? ? ? 1_555 F NA  .   NA ? ? A GLY 148 A NA  205 1_555 ? ? ? ? ? ? ? 2.402 ?    ? 
metalc15 metalc ?    ? A ASP 159 OD1 ? ? ? 1_555 F NA  .   NA ? ? A ASP 159 A NA  205 8_555 ? ? ? ? ? ? ? 2.407 ?    ? 
metalc16 metalc ?    ? A ASP 164 OD2 ? ? ? 1_555 G NA  .   NA ? ? A ASP 164 A NA  206 1_555 ? ? ? ? ? ? ? 2.265 ?    ? 
metalc17 metalc ?    ? B CD  .   CD  ? ? ? 1_555 K HOH .   O  ? ? A CD  201 A HOH 301 8_445 ? ? ? ? ? ? ? 2.216 ?    ? 
metalc18 metalc ?    ? B CD  .   CD  ? ? ? 1_555 K HOH .   O  ? ? A CD  201 A HOH 374 1_555 ? ? ? ? ? ? ? 2.224 ?    ? 
metalc19 metalc ?    ? B CD  .   CD  ? ? ? 1_555 K HOH .   O  ? ? A CD  201 A HOH 376 8_445 ? ? ? ? ? ? ? 2.223 ?    ? 
metalc20 metalc ?    ? C CD  .   CD  ? ? ? 1_555 K HOH .   O  ? ? A CD  202 A HOH 313 1_555 ? ? ? ? ? ? ? 2.168 ?    ? 
metalc21 metalc ?    ? C CD  .   CD  ? ? ? 1_555 K HOH .   O  ? ? A CD  202 A HOH 326 1_555 ? ? ? ? ? ? ? 2.631 ?    ? 
metalc22 metalc ?    ? D CD  .   CD  ? ? ? 1_555 K HOH .   O  ? ? A CD  203 A HOH 303 1_555 ? ? ? ? ? ? ? 2.187 ?    ? 
metalc23 metalc ?    ? D CD  .   CD  ? ? ? 1_555 K HOH .   O  ? ? A CD  203 A HOH 312 1_555 ? ? ? ? ? ? ? 2.216 ?    ? 
metalc24 metalc ?    ? F NA  .   NA  ? ? ? 1_555 K HOH .   O  ? ? A NA  205 A HOH 308 1_555 ? ? ? ? ? ? ? 2.255 ?    ? 
metalc25 metalc ?    ? F NA  .   NA  ? ? ? 1_555 K HOH .   O  ? ? A NA  205 A HOH 362 1_555 ? ? ? ? ? ? ? 2.290 ?    ? 
metalc26 metalc ?    ? F NA  .   NA  ? ? ? 1_555 K HOH .   O  ? ? A NA  205 A HOH 386 8_555 ? ? ? ? ? ? ? 2.250 ?    ? 
metalc27 metalc ?    ? G NA  .   NA  ? ? ? 1_555 K HOH .   O  ? ? A NA  206 A HOH 366 1_555 ? ? ? ? ? ? ? 2.275 ?    ? 
metalc28 metalc ?    ? G NA  .   NA  ? ? ? 1_555 K HOH .   O  ? ? A NA  206 A HOH 381 1_555 ? ? ? ? ? ? ? 2.571 ?    ? 
# 
loop_
_struct_conn_type.id 
_struct_conn_type.criteria 
_struct_conn_type.reference 
covale ? ? 
metalc ? ? 
# 
loop_
_pdbx_struct_conn_angle.id 
_pdbx_struct_conn_angle.ptnr1_label_atom_id 
_pdbx_struct_conn_angle.ptnr1_label_alt_id 
_pdbx_struct_conn_angle.ptnr1_label_asym_id 
_pdbx_struct_conn_angle.ptnr1_label_comp_id 
_pdbx_struct_conn_angle.ptnr1_label_seq_id 
_pdbx_struct_conn_angle.ptnr1_auth_atom_id 
_pdbx_struct_conn_angle.ptnr1_auth_asym_id 
_pdbx_struct_conn_angle.ptnr1_auth_comp_id 
_pdbx_struct_conn_angle.ptnr1_auth_seq_id 
_pdbx_struct_conn_angle.ptnr1_PDB_ins_code 
_pdbx_struct_conn_angle.ptnr1_symmetry 
_pdbx_struct_conn_angle.ptnr2_label_atom_id 
_pdbx_struct_conn_angle.ptnr2_label_alt_id 
_pdbx_struct_conn_angle.ptnr2_label_asym_id 
_pdbx_struct_conn_angle.ptnr2_label_comp_id 
_pdbx_struct_conn_angle.ptnr2_label_seq_id 
_pdbx_struct_conn_angle.ptnr2_auth_atom_id 
_pdbx_struct_conn_angle.ptnr2_auth_asym_id 
_pdbx_struct_conn_angle.ptnr2_auth_comp_id 
_pdbx_struct_conn_angle.ptnr2_auth_seq_id 
_pdbx_struct_conn_angle.ptnr2_PDB_ins_code 
_pdbx_struct_conn_angle.ptnr2_symmetry 
_pdbx_struct_conn_angle.ptnr3_label_atom_id 
_pdbx_struct_conn_angle.ptnr3_label_alt_id 
_pdbx_struct_conn_angle.ptnr3_label_asym_id 
_pdbx_struct_conn_angle.ptnr3_label_comp_id 
_pdbx_struct_conn_angle.ptnr3_label_seq_id 
_pdbx_struct_conn_angle.ptnr3_auth_atom_id 
_pdbx_struct_conn_angle.ptnr3_auth_asym_id 
_pdbx_struct_conn_angle.ptnr3_auth_comp_id 
_pdbx_struct_conn_angle.ptnr3_auth_seq_id 
_pdbx_struct_conn_angle.ptnr3_PDB_ins_code 
_pdbx_struct_conn_angle.ptnr3_symmetry 
_pdbx_struct_conn_angle.value 
_pdbx_struct_conn_angle.value_esd 
1  OE2 ? A GLU 37  ? A GLU 37  ? 1_555 CD ? B CD . ? A CD 201 ? 1_555 OE1 ? A GLU 132 ? A GLU 132 ? 1_555 22.3  ? 
2  OE2 ? A GLU 37  ? A GLU 37  ? 1_555 CD ? B CD . ? A CD 201 ? 1_555 OE2 ? A GLU 132 ? A GLU 132 ? 1_555 20.9  ? 
3  OE1 ? A GLU 132 ? A GLU 132 ? 1_555 CD ? B CD . ? A CD 201 ? 1_555 OE2 ? A GLU 132 ? A GLU 132 ? 1_555 2.7   ? 
4  OE2 ? A GLU 37  ? A GLU 37  ? 1_555 CD ? B CD . ? A CD 201 ? 1_555 O   ? K HOH .   ? A HOH 301 ? 8_445 99.3  ? 
5  OE1 ? A GLU 132 ? A GLU 132 ? 1_555 CD ? B CD . ? A CD 201 ? 1_555 O   ? K HOH .   ? A HOH 301 ? 8_445 77.4  ? 
6  OE2 ? A GLU 132 ? A GLU 132 ? 1_555 CD ? B CD . ? A CD 201 ? 1_555 O   ? K HOH .   ? A HOH 301 ? 8_445 79.2  ? 
7  OE2 ? A GLU 37  ? A GLU 37  ? 1_555 CD ? B CD . ? A CD 201 ? 1_555 O   ? K HOH .   ? A HOH 374 ? 1_555 89.9  ? 
8  OE1 ? A GLU 132 ? A GLU 132 ? 1_555 CD ? B CD . ? A CD 201 ? 1_555 O   ? K HOH .   ? A HOH 374 ? 1_555 107.7 ? 
9  OE2 ? A GLU 132 ? A GLU 132 ? 1_555 CD ? B CD . ? A CD 201 ? 1_555 O   ? K HOH .   ? A HOH 374 ? 1_555 105.2 ? 
10 O   ? K HOH .   ? A HOH 301 ? 8_445 CD ? B CD . ? A CD 201 ? 1_555 O   ? K HOH .   ? A HOH 374 ? 1_555 151.8 ? 
11 OE2 ? A GLU 37  ? A GLU 37  ? 1_555 CD ? B CD . ? A CD 201 ? 1_555 O   ? K HOH .   ? A HOH 376 ? 8_445 148.9 ? 
12 OE1 ? A GLU 132 ? A GLU 132 ? 1_555 CD ? B CD . ? A CD 201 ? 1_555 O   ? K HOH .   ? A HOH 376 ? 8_445 127.1 ? 
13 OE2 ? A GLU 132 ? A GLU 132 ? 1_555 CD ? B CD . ? A CD 201 ? 1_555 O   ? K HOH .   ? A HOH 376 ? 8_445 128.1 ? 
14 O   ? K HOH .   ? A HOH 301 ? 8_445 CD ? B CD . ? A CD 201 ? 1_555 O   ? K HOH .   ? A HOH 376 ? 8_445 52.9  ? 
15 O   ? K HOH .   ? A HOH 374 ? 1_555 CD ? B CD . ? A CD 201 ? 1_555 O   ? K HOH .   ? A HOH 376 ? 8_445 109.1 ? 
16 NE2 ? A HIS 43  ? A HIS 43  ? 1_555 CD ? D CD . ? A CD 203 ? 8_445 OE1 ? A GLU 128 ? A GLU 128 ? 1_555 56.3  ? 
17 NE2 ? A HIS 43  ? A HIS 43  ? 1_555 CD ? D CD . ? A CD 203 ? 8_445 OE2 ? A GLU 128 ? A GLU 128 ? 1_555 59.6  ? 
18 OE1 ? A GLU 128 ? A GLU 128 ? 1_555 CD ? D CD . ? A CD 203 ? 8_445 OE2 ? A GLU 128 ? A GLU 128 ? 1_555 3.5   ? 
19 NE2 ? A HIS 43  ? A HIS 43  ? 1_555 CD ? D CD . ? A CD 203 ? 8_445 OE1 ? A GLU 130 ? A GLU 130 ? 1_555 52.9  ? 
20 OE1 ? A GLU 128 ? A GLU 128 ? 1_555 CD ? D CD . ? A CD 203 ? 8_445 OE1 ? A GLU 130 ? A GLU 130 ? 1_555 5.1   ? 
21 OE2 ? A GLU 128 ? A GLU 128 ? 1_555 CD ? D CD . ? A CD 203 ? 8_445 OE1 ? A GLU 130 ? A GLU 130 ? 1_555 7.2   ? 
22 NE2 ? A HIS 43  ? A HIS 43  ? 1_555 CD ? D CD . ? A CD 203 ? 8_445 OE2 ? A GLU 130 ? A GLU 130 ? 1_555 55.1  ? 
23 OE1 ? A GLU 128 ? A GLU 128 ? 1_555 CD ? D CD . ? A CD 203 ? 8_445 OE2 ? A GLU 130 ? A GLU 130 ? 1_555 6.8   ? 
24 OE2 ? A GLU 128 ? A GLU 128 ? 1_555 CD ? D CD . ? A CD 203 ? 8_445 OE2 ? A GLU 130 ? A GLU 130 ? 1_555 7.2   ? 
25 OE1 ? A GLU 130 ? A GLU 130 ? 1_555 CD ? D CD . ? A CD 203 ? 8_445 OE2 ? A GLU 130 ? A GLU 130 ? 1_555 3.6   ? 
26 NE2 ? A HIS 43  ? A HIS 43  ? 1_555 CD ? D CD . ? A CD 203 ? 8_445 O   ? K HOH .   ? A HOH 303 ? 1_555 57.9  ? 
27 OE1 ? A GLU 128 ? A GLU 128 ? 1_555 CD ? D CD . ? A CD 203 ? 8_445 O   ? K HOH .   ? A HOH 303 ? 1_555 7.1   ? 
28 OE2 ? A GLU 128 ? A GLU 128 ? 1_555 CD ? D CD . ? A CD 203 ? 8_445 O   ? K HOH .   ? A HOH 303 ? 1_555 6.1   ? 
29 OE1 ? A GLU 130 ? A GLU 130 ? 1_555 CD ? D CD . ? A CD 203 ? 8_445 O   ? K HOH .   ? A HOH 303 ? 1_555 5.8   ? 
30 OE2 ? A GLU 130 ? A GLU 130 ? 1_555 CD ? D CD . ? A CD 203 ? 8_445 O   ? K HOH .   ? A HOH 303 ? 1_555 2.7   ? 
31 NE2 ? A HIS 43  ? A HIS 43  ? 1_555 CD ? D CD . ? A CD 203 ? 8_445 O   ? K HOH .   ? A HOH 312 ? 1_555 59.2  ? 
32 OE1 ? A GLU 128 ? A GLU 128 ? 1_555 CD ? D CD . ? A CD 203 ? 8_445 O   ? K HOH .   ? A HOH 312 ? 1_555 6.0   ? 
33 OE2 ? A GLU 128 ? A GLU 128 ? 1_555 CD ? D CD . ? A CD 203 ? 8_445 O   ? K HOH .   ? A HOH 312 ? 1_555 4.1   ? 
34 OE1 ? A GLU 130 ? A GLU 130 ? 1_555 CD ? D CD . ? A CD 203 ? 8_445 O   ? K HOH .   ? A HOH 312 ? 1_555 6.4   ? 
35 OE2 ? A GLU 130 ? A GLU 130 ? 1_555 CD ? D CD . ? A CD 203 ? 8_445 O   ? K HOH .   ? A HOH 312 ? 1_555 4.4   ? 
36 O   ? K HOH .   ? A HOH 303 ? 1_555 CD ? D CD . ? A CD 203 ? 8_445 O   ? K HOH .   ? A HOH 312 ? 1_555 2.2   ? 
37 SG  ? A CSD 99  ? A CSD 99  ? 1_555 CD ? C CD . ? A CD 202 ? 1_555 OD2 ? A CSD 99  ? A CSD 99  ? 1_555 38.7  ? 
38 SG  ? A CSD 99  ? A CSD 99  ? 1_555 CD ? C CD . ? A CD 202 ? 1_555 NE2 ? A HIS 141 ? A HIS 141 ? 1_555 111.8 ? 
39 OD2 ? A CSD 99  ? A CSD 99  ? 1_555 CD ? C CD . ? A CD 202 ? 1_555 NE2 ? A HIS 141 ? A HIS 141 ? 1_555 82.1  ? 
40 SG  ? A CSD 99  ? A CSD 99  ? 1_555 CD ? C CD . ? A CD 202 ? 1_555 NE2 ? A HIS 145 ? A HIS 145 ? 1_555 95.5  ? 
41 OD2 ? A CSD 99  ? A CSD 99  ? 1_555 CD ? C CD . ? A CD 202 ? 1_555 NE2 ? A HIS 145 ? A HIS 145 ? 1_555 80.7  ? 
42 NE2 ? A HIS 141 ? A HIS 141 ? 1_555 CD ? C CD . ? A CD 202 ? 1_555 NE2 ? A HIS 145 ? A HIS 145 ? 1_555 106.7 ? 
43 SG  ? A CSD 99  ? A CSD 99  ? 1_555 CD ? C CD . ? A CD 202 ? 1_555 O   ? K HOH .   ? A HOH 313 ? 1_555 152.1 ? 
44 OD2 ? A CSD 99  ? A CSD 99  ? 1_555 CD ? C CD . ? A CD 202 ? 1_555 O   ? K HOH .   ? A HOH 313 ? 1_555 169.1 ? 
45 NE2 ? A HIS 141 ? A HIS 141 ? 1_555 CD ? C CD . ? A CD 202 ? 1_555 O   ? K HOH .   ? A HOH 313 ? 1_555 90.2  ? 
46 NE2 ? A HIS 145 ? A HIS 145 ? 1_555 CD ? C CD . ? A CD 202 ? 1_555 O   ? K HOH .   ? A HOH 313 ? 1_555 94.2  ? 
47 SG  ? A CSD 99  ? A CSD 99  ? 1_555 CD ? C CD . ? A CD 202 ? 1_555 O   ? K HOH .   ? A HOH 326 ? 1_555 85.7  ? 
48 OD2 ? A CSD 99  ? A CSD 99  ? 1_555 CD ? C CD . ? A CD 202 ? 1_555 O   ? K HOH .   ? A HOH 326 ? 1_555 118.8 ? 
49 NE2 ? A HIS 141 ? A HIS 141 ? 1_555 CD ? C CD . ? A CD 202 ? 1_555 O   ? K HOH .   ? A HOH 326 ? 1_555 107.5 ? 
50 NE2 ? A HIS 145 ? A HIS 145 ? 1_555 CD ? C CD . ? A CD 202 ? 1_555 O   ? K HOH .   ? A HOH 326 ? 1_555 142.5 ? 
51 O   ? K HOH .   ? A HOH 313 ? 1_555 CD ? C CD . ? A CD 202 ? 1_555 O   ? K HOH .   ? A HOH 326 ? 1_555 70.8  ? 
52 O   ? A LEU 105 ? A LEU 105 ? 1_555 NA ? G NA . ? A NA 206 ? 1_555 OD2 ? A ASP 164 ? A ASP 164 ? 1_555 120.3 ? 
53 O   ? A LEU 105 ? A LEU 105 ? 1_555 NA ? G NA . ? A NA 206 ? 1_555 O   ? K HOH .   ? A HOH 366 ? 1_555 109.1 ? 
54 OD2 ? A ASP 164 ? A ASP 164 ? 1_555 NA ? G NA . ? A NA 206 ? 1_555 O   ? K HOH .   ? A HOH 366 ? 1_555 81.8  ? 
55 O   ? A LEU 105 ? A LEU 105 ? 1_555 NA ? G NA . ? A NA 206 ? 1_555 O   ? K HOH .   ? A HOH 381 ? 1_555 87.8  ? 
56 OD2 ? A ASP 164 ? A ASP 164 ? 1_555 NA ? G NA . ? A NA 206 ? 1_555 O   ? K HOH .   ? A HOH 381 ? 1_555 123.7 ? 
57 O   ? K HOH .   ? A HOH 366 ? 1_555 NA ? G NA . ? A NA 206 ? 1_555 O   ? K HOH .   ? A HOH 381 ? 1_555 137.4 ? 
58 O   ? A GLY 148 ? A GLY 148 ? 1_555 NA ? F NA . ? A NA 205 ? 1_555 OD1 ? A ASP 159 ? A ASP 159 ? 1_555 75.3  ? 
59 O   ? A GLY 148 ? A GLY 148 ? 1_555 NA ? F NA . ? A NA 205 ? 1_555 O   ? K HOH .   ? A HOH 308 ? 1_555 117.8 ? 
60 OD1 ? A ASP 159 ? A ASP 159 ? 1_555 NA ? F NA . ? A NA 205 ? 1_555 O   ? K HOH .   ? A HOH 308 ? 1_555 163.6 ? 
61 O   ? A GLY 148 ? A GLY 148 ? 1_555 NA ? F NA . ? A NA 205 ? 1_555 O   ? K HOH .   ? A HOH 362 ? 1_555 77.3  ? 
62 OD1 ? A ASP 159 ? A ASP 159 ? 1_555 NA ? F NA . ? A NA 205 ? 1_555 O   ? K HOH .   ? A HOH 362 ? 1_555 124.8 ? 
63 O   ? K HOH .   ? A HOH 308 ? 1_555 NA ? F NA . ? A NA 205 ? 1_555 O   ? K HOH .   ? A HOH 362 ? 1_555 54.6  ? 
64 O   ? A GLY 148 ? A GLY 148 ? 1_555 NA ? F NA . ? A NA 205 ? 1_555 O   ? K HOH .   ? A HOH 386 ? 8_555 119.3 ? 
65 OD1 ? A ASP 159 ? A ASP 159 ? 1_555 NA ? F NA . ? A NA 205 ? 1_555 O   ? K HOH .   ? A HOH 386 ? 8_555 96.2  ? 
66 O   ? K HOH .   ? A HOH 308 ? 1_555 NA ? F NA . ? A NA 205 ? 1_555 O   ? K HOH .   ? A HOH 386 ? 8_555 69.1  ? 
67 O   ? K HOH .   ? A HOH 362 ? 1_555 NA ? F NA . ? A NA 205 ? 1_555 O   ? K HOH .   ? A HOH 386 ? 8_555 58.8  ? 
# 
loop_
_pdbx_modification_feature.ordinal 
_pdbx_modification_feature.label_comp_id 
_pdbx_modification_feature.label_asym_id 
_pdbx_modification_feature.label_seq_id 
_pdbx_modification_feature.label_alt_id 
_pdbx_modification_feature.modified_residue_label_comp_id 
_pdbx_modification_feature.modified_residue_label_asym_id 
_pdbx_modification_feature.modified_residue_label_seq_id 
_pdbx_modification_feature.modified_residue_label_alt_id 
_pdbx_modification_feature.auth_comp_id 
_pdbx_modification_feature.auth_asym_id 
_pdbx_modification_feature.auth_seq_id 
_pdbx_modification_feature.PDB_ins_code 
_pdbx_modification_feature.symmetry 
_pdbx_modification_feature.modified_residue_auth_comp_id 
_pdbx_modification_feature.modified_residue_auth_asym_id 
_pdbx_modification_feature.modified_residue_auth_seq_id 
_pdbx_modification_feature.modified_residue_PDB_ins_code 
_pdbx_modification_feature.modified_residue_symmetry 
_pdbx_modification_feature.comp_id_linking_atom 
_pdbx_modification_feature.modified_residue_id_linking_atom 
_pdbx_modification_feature.modified_residue_id 
_pdbx_modification_feature.ref_pcm_id 
_pdbx_modification_feature.ref_comp_id 
_pdbx_modification_feature.type 
_pdbx_modification_feature.category 
1 CSD A 99 ? . . . . CSD A 99 ? 1_555 . . . . . . . CYS 1 CSD Oxidation     'Named protein modification' 
2 CSD A 99 ? . . . . CSD A 99 ? 1_555 . . . . . . . CYS 2 CSD Hydroxylation 'Named protein modification' 
# 
loop_
_struct_sheet.id 
_struct_sheet.type 
_struct_sheet.number_strands 
_struct_sheet.details 
AA1 ? 5 ? 
AA2 ? 3 ? 
# 
loop_
_struct_sheet_order.sheet_id 
_struct_sheet_order.range_id_1 
_struct_sheet_order.range_id_2 
_struct_sheet_order.offset 
_struct_sheet_order.sense 
AA1 1 2 ? anti-parallel 
AA1 2 3 ? anti-parallel 
AA1 3 4 ? anti-parallel 
AA1 4 5 ? anti-parallel 
AA2 1 2 ? anti-parallel 
AA2 2 3 ? anti-parallel 
# 
loop_
_struct_sheet_range.sheet_id 
_struct_sheet_range.id 
_struct_sheet_range.beg_label_comp_id 
_struct_sheet_range.beg_label_asym_id 
_struct_sheet_range.beg_label_seq_id 
_struct_sheet_range.pdbx_beg_PDB_ins_code 
_struct_sheet_range.end_label_comp_id 
_struct_sheet_range.end_label_asym_id 
_struct_sheet_range.end_label_seq_id 
_struct_sheet_range.pdbx_end_PDB_ins_code 
_struct_sheet_range.beg_auth_comp_id 
_struct_sheet_range.beg_auth_asym_id 
_struct_sheet_range.beg_auth_seq_id 
_struct_sheet_range.end_auth_comp_id 
_struct_sheet_range.end_auth_asym_id 
_struct_sheet_range.end_auth_seq_id 
AA1 1 GLY A 46  ? ALA A 48  ? GLY A 46  ALA A 48  
AA1 2 LEU A 58  ? PHE A 63  ? LEU A 58  PHE A 63  
AA1 3 VAL A 75  ? PRO A 87  ? VAL A 75  PRO A 87  
AA1 4 TYR A 114 ? PHE A 120 ? TYR A 114 PHE A 120 
AA1 5 PRO A 126 ? GLU A 132 ? PRO A 126 GLU A 132 
AA2 1 MET A 92  ? CSD A 99  ? MET A 92  CSD A 99  
AA2 2 ILE A 102 ? TYR A 112 ? ILE A 102 TYR A 112 
AA2 3 GLY A 162 ? PHE A 163 ? GLY A 162 PHE A 163 
# 
loop_
_pdbx_struct_sheet_hbond.sheet_id 
_pdbx_struct_sheet_hbond.range_id_1 
_pdbx_struct_sheet_hbond.range_id_2 
_pdbx_struct_sheet_hbond.range_1_label_atom_id 
_pdbx_struct_sheet_hbond.range_1_label_comp_id 
_pdbx_struct_sheet_hbond.range_1_label_asym_id 
_pdbx_struct_sheet_hbond.range_1_label_seq_id 
_pdbx_struct_sheet_hbond.range_1_PDB_ins_code 
_pdbx_struct_sheet_hbond.range_1_auth_atom_id 
_pdbx_struct_sheet_hbond.range_1_auth_comp_id 
_pdbx_struct_sheet_hbond.range_1_auth_asym_id 
_pdbx_struct_sheet_hbond.range_1_auth_seq_id 
_pdbx_struct_sheet_hbond.range_2_label_atom_id 
_pdbx_struct_sheet_hbond.range_2_label_comp_id 
_pdbx_struct_sheet_hbond.range_2_label_asym_id 
_pdbx_struct_sheet_hbond.range_2_label_seq_id 
_pdbx_struct_sheet_hbond.range_2_PDB_ins_code 
_pdbx_struct_sheet_hbond.range_2_auth_atom_id 
_pdbx_struct_sheet_hbond.range_2_auth_comp_id 
_pdbx_struct_sheet_hbond.range_2_auth_asym_id 
_pdbx_struct_sheet_hbond.range_2_auth_seq_id 
AA1 1 2 N LEU A 47  ? N LEU A 47  O VAL A 60  ? O VAL A 60  
AA1 2 3 N PHE A 61  ? N PHE A 61  O THR A 78  ? O THR A 78  
AA1 3 4 N ALA A 81  ? N ALA A 81  O PHE A 120 ? O PHE A 120 
AA1 4 5 N GLY A 119 ? N GLY A 119 O ILE A 127 ? O ILE A 127 
AA2 1 2 N GLU A 93  ? N GLU A 93  O ARG A 111 ? O ARG A 111 
AA2 2 3 N ARG A 106 ? N ARG A 106 O GLY A 162 ? O GLY A 162 
# 
loop_
_struct_site.id 
_struct_site.pdbx_evidence_code 
_struct_site.pdbx_auth_asym_id 
_struct_site.pdbx_auth_comp_id 
_struct_site.pdbx_auth_seq_id 
_struct_site.pdbx_auth_ins_code 
_struct_site.pdbx_num_residues 
_struct_site.details 
AC1 Software A CD  201 ? 5 'binding site for residue CD A 201'  
AC2 Software A CD  202 ? 6 'binding site for residue CD A 202'  
AC3 Software A CD  203 ? 5 'binding site for residue CD A 203'  
AC4 Software A ACT 204 ? 7 'binding site for residue ACT A 204' 
AC5 Software A NA  205 ? 6 'binding site for residue NA A 205'  
AC6 Software A NA  206 ? 4 'binding site for residue NA A 206'  
AC7 Software A GOL 207 ? 2 'binding site for residue GOL A 207' 
AC8 Software A MET 208 ? 9 'binding site for residue MET A 208' 
AC9 Software A ALA 209 ? 5 'binding site for residue ALA A 209' 
# 
loop_
_struct_site_gen.id 
_struct_site_gen.site_id 
_struct_site_gen.pdbx_num_res 
_struct_site_gen.label_comp_id 
_struct_site_gen.label_asym_id 
_struct_site_gen.label_seq_id 
_struct_site_gen.pdbx_auth_ins_code 
_struct_site_gen.auth_comp_id 
_struct_site_gen.auth_asym_id 
_struct_site_gen.auth_seq_id 
_struct_site_gen.label_atom_id 
_struct_site_gen.label_alt_id 
_struct_site_gen.symmetry 
_struct_site_gen.details 
1  AC1 5 GLU A 37  ? GLU A 37  . ? 1_555 ? 
2  AC1 5 GLU A 132 ? GLU A 132 . ? 8_445 ? 
3  AC1 5 HOH K .   ? HOH A 301 . ? 8_445 ? 
4  AC1 5 HOH K .   ? HOH A 374 . ? 1_555 ? 
5  AC1 5 HOH K .   ? HOH A 376 . ? 8_445 ? 
6  AC2 6 GLN A 51  ? GLN A 51  . ? 1_555 ? 
7  AC2 6 CSD A 99  ? CSD A 99  . ? 1_555 ? 
8  AC2 6 HIS A 141 ? HIS A 141 . ? 1_555 ? 
9  AC2 6 HIS A 145 ? HIS A 145 . ? 1_555 ? 
10 AC2 6 HOH K .   ? HOH A 313 . ? 1_555 ? 
11 AC2 6 HOH K .   ? HOH A 326 . ? 1_555 ? 
12 AC3 5 HIS A 43  ? HIS A 43  . ? 8_545 ? 
13 AC3 5 GLU A 128 ? GLU A 128 . ? 1_555 ? 
14 AC3 5 GLU A 130 ? GLU A 130 . ? 1_555 ? 
15 AC3 5 HOH K .   ? HOH A 303 . ? 1_555 ? 
16 AC3 5 HOH K .   ? HOH A 312 . ? 1_555 ? 
17 AC4 7 ARG A 149 ? ARG A 149 . ? 1_555 ? 
18 AC4 7 LEU A 150 ? LEU A 150 . ? 1_555 ? 
19 AC4 7 SER A 153 ? SER A 153 . ? 1_555 ? 
20 AC4 7 ASP A 159 ? ASP A 159 . ? 8_555 ? 
21 AC4 7 HOH K .   ? HOH A 307 . ? 1_555 ? 
22 AC4 7 HOH K .   ? HOH A 341 . ? 1_555 ? 
23 AC4 7 HOH K .   ? HOH A 347 . ? 1_555 ? 
24 AC5 6 LEU A 14  ? LEU A 14  . ? 1_555 ? 
25 AC5 6 GLY A 148 ? GLY A 148 . ? 1_555 ? 
26 AC5 6 ASP A 159 ? ASP A 159 . ? 8_555 ? 
27 AC5 6 HOH K .   ? HOH A 308 . ? 1_555 ? 
28 AC5 6 HOH K .   ? HOH A 362 . ? 1_555 ? 
29 AC5 6 HOH K .   ? HOH A 386 . ? 8_555 ? 
30 AC6 4 LEU A 105 ? LEU A 105 . ? 1_555 ? 
31 AC6 4 ASP A 164 ? ASP A 164 . ? 1_555 ? 
32 AC6 4 HOH K .   ? HOH A 366 . ? 1_555 ? 
33 AC6 4 HOH K .   ? HOH A 381 . ? 1_555 ? 
34 AC7 2 ASN A 22  ? ASN A 22  . ? 1_555 ? 
35 AC7 2 GLU A 27  ? GLU A 27  . ? 1_555 ? 
36 AC8 9 GLY A 44  ? GLY A 44  . ? 1_555 ? 
37 AC8 9 VAL A 45  ? VAL A 45  . ? 1_555 ? 
38 AC8 9 GLY A 46  ? GLY A 46  . ? 1_555 ? 
39 AC8 9 GLY A 98  ? GLY A 98  . ? 1_555 ? 
40 AC8 9 PHE A 134 ? PHE A 134 . ? 1_555 ? 
41 AC8 9 HIS A 141 ? HIS A 141 . ? 1_555 ? 
42 AC8 9 GLU A 142 ? GLU A 142 . ? 1_555 ? 
43 AC8 9 ALA J .   ? ALA A 209 . ? 1_555 ? 
44 AC8 9 HOH K .   ? HOH A 313 . ? 1_555 ? 
45 AC9 5 ARG A 68  ? ARG A 68  . ? 1_555 ? 
46 AC9 5 TYR A 69  ? TYR A 69  . ? 1_555 ? 
47 AC9 5 GLY A 98  ? GLY A 98  . ? 1_555 ? 
48 AC9 5 LEU A 100 ? LEU A 100 . ? 1_555 ? 
49 AC9 5 MET I .   ? MET A 208 . ? 1_555 ? 
# 
_pdbx_entry_details.entry_id                   5CPD 
_pdbx_entry_details.compound_details           ? 
_pdbx_entry_details.source_details             ? 
_pdbx_entry_details.nonpolymer_details         ? 
_pdbx_entry_details.sequence_details           ? 
_pdbx_entry_details.has_ligand_of_interest     ? 
_pdbx_entry_details.has_protein_modification   Y 
# 
loop_
_pdbx_validate_close_contact.id 
_pdbx_validate_close_contact.PDB_model_num 
_pdbx_validate_close_contact.auth_atom_id_1 
_pdbx_validate_close_contact.auth_asym_id_1 
_pdbx_validate_close_contact.auth_comp_id_1 
_pdbx_validate_close_contact.auth_seq_id_1 
_pdbx_validate_close_contact.PDB_ins_code_1 
_pdbx_validate_close_contact.label_alt_id_1 
_pdbx_validate_close_contact.auth_atom_id_2 
_pdbx_validate_close_contact.auth_asym_id_2 
_pdbx_validate_close_contact.auth_comp_id_2 
_pdbx_validate_close_contact.auth_seq_id_2 
_pdbx_validate_close_contact.PDB_ins_code_2 
_pdbx_validate_close_contact.label_alt_id_2 
_pdbx_validate_close_contact.dist 
1 1 O   A HOH 301 ? ? O A HOH 376 ? ? 1.98 
2 1 OE2 A GLU 132 ? ? O A HOH 301 ? ? 2.07 
3 1 O   A HOH 308 ? ? O A HOH 362 ? ? 2.08 
4 1 ND1 A HIS 29  ? ? O A HOH 302 ? ? 2.12 
5 1 OE2 A GLU 130 ? ? O A HOH 303 ? ? 2.16 
# 
_pdbx_validate_symm_contact.id                1 
_pdbx_validate_symm_contact.PDB_model_num     1 
_pdbx_validate_symm_contact.auth_atom_id_1    O 
_pdbx_validate_symm_contact.auth_asym_id_1    A 
_pdbx_validate_symm_contact.auth_comp_id_1    HOH 
_pdbx_validate_symm_contact.auth_seq_id_1     345 
_pdbx_validate_symm_contact.PDB_ins_code_1    ? 
_pdbx_validate_symm_contact.label_alt_id_1    ? 
_pdbx_validate_symm_contact.site_symmetry_1   1_555 
_pdbx_validate_symm_contact.auth_atom_id_2    O 
_pdbx_validate_symm_contact.auth_asym_id_2    A 
_pdbx_validate_symm_contact.auth_comp_id_2    HOH 
_pdbx_validate_symm_contact.auth_seq_id_2     370 
_pdbx_validate_symm_contact.PDB_ins_code_2    ? 
_pdbx_validate_symm_contact.label_alt_id_2    ? 
_pdbx_validate_symm_contact.site_symmetry_2   8_445 
_pdbx_validate_symm_contact.dist              1.99 
# 
loop_
_pdbx_validate_rmsd_angle.id 
_pdbx_validate_rmsd_angle.PDB_model_num 
_pdbx_validate_rmsd_angle.auth_atom_id_1 
_pdbx_validate_rmsd_angle.auth_asym_id_1 
_pdbx_validate_rmsd_angle.auth_comp_id_1 
_pdbx_validate_rmsd_angle.auth_seq_id_1 
_pdbx_validate_rmsd_angle.PDB_ins_code_1 
_pdbx_validate_rmsd_angle.label_alt_id_1 
_pdbx_validate_rmsd_angle.auth_atom_id_2 
_pdbx_validate_rmsd_angle.auth_asym_id_2 
_pdbx_validate_rmsd_angle.auth_comp_id_2 
_pdbx_validate_rmsd_angle.auth_seq_id_2 
_pdbx_validate_rmsd_angle.PDB_ins_code_2 
_pdbx_validate_rmsd_angle.label_alt_id_2 
_pdbx_validate_rmsd_angle.auth_atom_id_3 
_pdbx_validate_rmsd_angle.auth_asym_id_3 
_pdbx_validate_rmsd_angle.auth_comp_id_3 
_pdbx_validate_rmsd_angle.auth_seq_id_3 
_pdbx_validate_rmsd_angle.PDB_ins_code_3 
_pdbx_validate_rmsd_angle.label_alt_id_3 
_pdbx_validate_rmsd_angle.angle_value 
_pdbx_validate_rmsd_angle.angle_target_value 
_pdbx_validate_rmsd_angle.angle_deviation 
_pdbx_validate_rmsd_angle.angle_standard_deviation 
_pdbx_validate_rmsd_angle.linker_flag 
1 1 NE A ARG 15  ? ? CZ A ARG 15  ? ? NH1 A ARG 15  ? ? 116.78 120.30 -3.52  0.50 N 
2 1 NE A ARG 116 ? ? CZ A ARG 116 ? ? NH1 A ARG 116 ? ? 124.86 120.30 4.56   0.50 N 
3 1 NE A ARG 116 ? ? CZ A ARG 116 ? ? NH2 A ARG 116 ? ? 114.99 120.30 -5.31  0.50 N 
4 1 CB A VAL 147 ? ? CA A VAL 147 ? ? C   A VAL 147 ? ? 123.21 111.40 11.81  1.90 N 
5 1 CB A ASP 159 ? ? CG A ASP 159 ? ? OD1 A ASP 159 ? ? 132.92 118.30 14.62  0.90 N 
6 1 CB A ASP 159 ? ? CG A ASP 159 ? ? OD2 A ASP 159 ? ? 104.58 118.30 -13.72 0.90 N 
# 
_pdbx_validate_torsion.id              1 
_pdbx_validate_torsion.PDB_model_num   1 
_pdbx_validate_torsion.auth_comp_id    SER 
_pdbx_validate_torsion.auth_asym_id    A 
_pdbx_validate_torsion.auth_seq_id     153 
_pdbx_validate_torsion.PDB_ins_code    ? 
_pdbx_validate_torsion.label_alt_id    ? 
_pdbx_validate_torsion.phi             -67.29 
_pdbx_validate_torsion.psi             2.12 
# 
_pdbx_struct_mod_residue.id               1 
_pdbx_struct_mod_residue.label_asym_id    A 
_pdbx_struct_mod_residue.label_comp_id    CSD 
_pdbx_struct_mod_residue.label_seq_id     99 
_pdbx_struct_mod_residue.auth_asym_id     A 
_pdbx_struct_mod_residue.auth_comp_id     CSD 
_pdbx_struct_mod_residue.auth_seq_id      99 
_pdbx_struct_mod_residue.PDB_ins_code     ? 
_pdbx_struct_mod_residue.parent_comp_id   CYS 
_pdbx_struct_mod_residue.details          'modified residue' 
# 
_pdbx_struct_special_symmetry.id              1 
_pdbx_struct_special_symmetry.PDB_model_num   1 
_pdbx_struct_special_symmetry.auth_asym_id    A 
_pdbx_struct_special_symmetry.auth_comp_id    HOH 
_pdbx_struct_special_symmetry.auth_seq_id     393 
_pdbx_struct_special_symmetry.PDB_ins_code    ? 
_pdbx_struct_special_symmetry.label_asym_id   K 
_pdbx_struct_special_symmetry.label_comp_id   HOH 
_pdbx_struct_special_symmetry.label_seq_id    . 
# 
loop_
_pdbx_unobs_or_zero_occ_residues.id 
_pdbx_unobs_or_zero_occ_residues.PDB_model_num 
_pdbx_unobs_or_zero_occ_residues.polymer_flag 
_pdbx_unobs_or_zero_occ_residues.occupancy_flag 
_pdbx_unobs_or_zero_occ_residues.auth_asym_id 
_pdbx_unobs_or_zero_occ_residues.auth_comp_id 
_pdbx_unobs_or_zero_occ_residues.auth_seq_id 
_pdbx_unobs_or_zero_occ_residues.PDB_ins_code 
_pdbx_unobs_or_zero_occ_residues.label_asym_id 
_pdbx_unobs_or_zero_occ_residues.label_comp_id 
_pdbx_unobs_or_zero_occ_residues.label_seq_id 
1 1 Y 1 A TYR 169 ? A TYR 169 
2 1 Y 1 A ASP 170 ? A ASP 170 
3 1 Y 1 A LEU 171 ? A LEU 171 
# 
loop_
_chem_comp_atom.comp_id 
_chem_comp_atom.atom_id 
_chem_comp_atom.type_symbol 
_chem_comp_atom.pdbx_aromatic_flag 
_chem_comp_atom.pdbx_stereo_config 
_chem_comp_atom.pdbx_ordinal 
ACT C    C  N N 1   
ACT O    O  N N 2   
ACT OXT  O  N N 3   
ACT CH3  C  N N 4   
ACT H1   H  N N 5   
ACT H2   H  N N 6   
ACT H3   H  N N 7   
ALA N    N  N N 8   
ALA CA   C  N S 9   
ALA C    C  N N 10  
ALA O    O  N N 11  
ALA CB   C  N N 12  
ALA OXT  O  N N 13  
ALA H    H  N N 14  
ALA H2   H  N N 15  
ALA HA   H  N N 16  
ALA HB1  H  N N 17  
ALA HB2  H  N N 18  
ALA HB3  H  N N 19  
ALA HXT  H  N N 20  
ARG N    N  N N 21  
ARG CA   C  N S 22  
ARG C    C  N N 23  
ARG O    O  N N 24  
ARG CB   C  N N 25  
ARG CG   C  N N 26  
ARG CD   C  N N 27  
ARG NE   N  N N 28  
ARG CZ   C  N N 29  
ARG NH1  N  N N 30  
ARG NH2  N  N N 31  
ARG OXT  O  N N 32  
ARG H    H  N N 33  
ARG H2   H  N N 34  
ARG HA   H  N N 35  
ARG HB2  H  N N 36  
ARG HB3  H  N N 37  
ARG HG2  H  N N 38  
ARG HG3  H  N N 39  
ARG HD2  H  N N 40  
ARG HD3  H  N N 41  
ARG HE   H  N N 42  
ARG HH11 H  N N 43  
ARG HH12 H  N N 44  
ARG HH21 H  N N 45  
ARG HH22 H  N N 46  
ARG HXT  H  N N 47  
ASN N    N  N N 48  
ASN CA   C  N S 49  
ASN C    C  N N 50  
ASN O    O  N N 51  
ASN CB   C  N N 52  
ASN CG   C  N N 53  
ASN OD1  O  N N 54  
ASN ND2  N  N N 55  
ASN OXT  O  N N 56  
ASN H    H  N N 57  
ASN H2   H  N N 58  
ASN HA   H  N N 59  
ASN HB2  H  N N 60  
ASN HB3  H  N N 61  
ASN HD21 H  N N 62  
ASN HD22 H  N N 63  
ASN HXT  H  N N 64  
ASP N    N  N N 65  
ASP CA   C  N S 66  
ASP C    C  N N 67  
ASP O    O  N N 68  
ASP CB   C  N N 69  
ASP CG   C  N N 70  
ASP OD1  O  N N 71  
ASP OD2  O  N N 72  
ASP OXT  O  N N 73  
ASP H    H  N N 74  
ASP H2   H  N N 75  
ASP HA   H  N N 76  
ASP HB2  H  N N 77  
ASP HB3  H  N N 78  
ASP HD2  H  N N 79  
ASP HXT  H  N N 80  
CD  CD   CD N N 81  
CSD N    N  N N 82  
CSD CA   C  N R 83  
CSD CB   C  N N 84  
CSD SG   S  N N 85  
CSD C    C  N N 86  
CSD O    O  N N 87  
CSD OXT  O  N N 88  
CSD OD1  O  N N 89  
CSD OD2  O  N N 90  
CSD H    H  N N 91  
CSD H2   H  N N 92  
CSD HA   H  N N 93  
CSD HB2  H  N N 94  
CSD HB3  H  N N 95  
CSD HXT  H  N N 96  
CSD HD2  H  N N 97  
GLN N    N  N N 98  
GLN CA   C  N S 99  
GLN C    C  N N 100 
GLN O    O  N N 101 
GLN CB   C  N N 102 
GLN CG   C  N N 103 
GLN CD   C  N N 104 
GLN OE1  O  N N 105 
GLN NE2  N  N N 106 
GLN OXT  O  N N 107 
GLN H    H  N N 108 
GLN H2   H  N N 109 
GLN HA   H  N N 110 
GLN HB2  H  N N 111 
GLN HB3  H  N N 112 
GLN HG2  H  N N 113 
GLN HG3  H  N N 114 
GLN HE21 H  N N 115 
GLN HE22 H  N N 116 
GLN HXT  H  N N 117 
GLU N    N  N N 118 
GLU CA   C  N S 119 
GLU C    C  N N 120 
GLU O    O  N N 121 
GLU CB   C  N N 122 
GLU CG   C  N N 123 
GLU CD   C  N N 124 
GLU OE1  O  N N 125 
GLU OE2  O  N N 126 
GLU OXT  O  N N 127 
GLU H    H  N N 128 
GLU H2   H  N N 129 
GLU HA   H  N N 130 
GLU HB2  H  N N 131 
GLU HB3  H  N N 132 
GLU HG2  H  N N 133 
GLU HG3  H  N N 134 
GLU HE2  H  N N 135 
GLU HXT  H  N N 136 
GLY N    N  N N 137 
GLY CA   C  N N 138 
GLY C    C  N N 139 
GLY O    O  N N 140 
GLY OXT  O  N N 141 
GLY H    H  N N 142 
GLY H2   H  N N 143 
GLY HA2  H  N N 144 
GLY HA3  H  N N 145 
GLY HXT  H  N N 146 
GOL C1   C  N N 147 
GOL O1   O  N N 148 
GOL C2   C  N N 149 
GOL O2   O  N N 150 
GOL C3   C  N N 151 
GOL O3   O  N N 152 
GOL H11  H  N N 153 
GOL H12  H  N N 154 
GOL HO1  H  N N 155 
GOL H2   H  N N 156 
GOL HO2  H  N N 157 
GOL H31  H  N N 158 
GOL H32  H  N N 159 
GOL HO3  H  N N 160 
HIS N    N  N N 161 
HIS CA   C  N S 162 
HIS C    C  N N 163 
HIS O    O  N N 164 
HIS CB   C  N N 165 
HIS CG   C  Y N 166 
HIS ND1  N  Y N 167 
HIS CD2  C  Y N 168 
HIS CE1  C  Y N 169 
HIS NE2  N  Y N 170 
HIS OXT  O  N N 171 
HIS H    H  N N 172 
HIS H2   H  N N 173 
HIS HA   H  N N 174 
HIS HB2  H  N N 175 
HIS HB3  H  N N 176 
HIS HD1  H  N N 177 
HIS HD2  H  N N 178 
HIS HE1  H  N N 179 
HIS HE2  H  N N 180 
HIS HXT  H  N N 181 
HOH O    O  N N 182 
HOH H1   H  N N 183 
HOH H2   H  N N 184 
ILE N    N  N N 185 
ILE CA   C  N S 186 
ILE C    C  N N 187 
ILE O    O  N N 188 
ILE CB   C  N S 189 
ILE CG1  C  N N 190 
ILE CG2  C  N N 191 
ILE CD1  C  N N 192 
ILE OXT  O  N N 193 
ILE H    H  N N 194 
ILE H2   H  N N 195 
ILE HA   H  N N 196 
ILE HB   H  N N 197 
ILE HG12 H  N N 198 
ILE HG13 H  N N 199 
ILE HG21 H  N N 200 
ILE HG22 H  N N 201 
ILE HG23 H  N N 202 
ILE HD11 H  N N 203 
ILE HD12 H  N N 204 
ILE HD13 H  N N 205 
ILE HXT  H  N N 206 
LEU N    N  N N 207 
LEU CA   C  N S 208 
LEU C    C  N N 209 
LEU O    O  N N 210 
LEU CB   C  N N 211 
LEU CG   C  N N 212 
LEU CD1  C  N N 213 
LEU CD2  C  N N 214 
LEU OXT  O  N N 215 
LEU H    H  N N 216 
LEU H2   H  N N 217 
LEU HA   H  N N 218 
LEU HB2  H  N N 219 
LEU HB3  H  N N 220 
LEU HG   H  N N 221 
LEU HD11 H  N N 222 
LEU HD12 H  N N 223 
LEU HD13 H  N N 224 
LEU HD21 H  N N 225 
LEU HD22 H  N N 226 
LEU HD23 H  N N 227 
LEU HXT  H  N N 228 
LYS N    N  N N 229 
LYS CA   C  N S 230 
LYS C    C  N N 231 
LYS O    O  N N 232 
LYS CB   C  N N 233 
LYS CG   C  N N 234 
LYS CD   C  N N 235 
LYS CE   C  N N 236 
LYS NZ   N  N N 237 
LYS OXT  O  N N 238 
LYS H    H  N N 239 
LYS H2   H  N N 240 
LYS HA   H  N N 241 
LYS HB2  H  N N 242 
LYS HB3  H  N N 243 
LYS HG2  H  N N 244 
LYS HG3  H  N N 245 
LYS HD2  H  N N 246 
LYS HD3  H  N N 247 
LYS HE2  H  N N 248 
LYS HE3  H  N N 249 
LYS HZ1  H  N N 250 
LYS HZ2  H  N N 251 
LYS HZ3  H  N N 252 
LYS HXT  H  N N 253 
MET N    N  N N 254 
MET CA   C  N S 255 
MET C    C  N N 256 
MET O    O  N N 257 
MET CB   C  N N 258 
MET CG   C  N N 259 
MET SD   S  N N 260 
MET CE   C  N N 261 
MET OXT  O  N N 262 
MET H    H  N N 263 
MET H2   H  N N 264 
MET HA   H  N N 265 
MET HB2  H  N N 266 
MET HB3  H  N N 267 
MET HG2  H  N N 268 
MET HG3  H  N N 269 
MET HE1  H  N N 270 
MET HE2  H  N N 271 
MET HE3  H  N N 272 
MET HXT  H  N N 273 
NA  NA   NA N N 274 
PHE N    N  N N 275 
PHE CA   C  N S 276 
PHE C    C  N N 277 
PHE O    O  N N 278 
PHE CB   C  N N 279 
PHE CG   C  Y N 280 
PHE CD1  C  Y N 281 
PHE CD2  C  Y N 282 
PHE CE1  C  Y N 283 
PHE CE2  C  Y N 284 
PHE CZ   C  Y N 285 
PHE OXT  O  N N 286 
PHE H    H  N N 287 
PHE H2   H  N N 288 
PHE HA   H  N N 289 
PHE HB2  H  N N 290 
PHE HB3  H  N N 291 
PHE HD1  H  N N 292 
PHE HD2  H  N N 293 
PHE HE1  H  N N 294 
PHE HE2  H  N N 295 
PHE HZ   H  N N 296 
PHE HXT  H  N N 297 
PRO N    N  N N 298 
PRO CA   C  N S 299 
PRO C    C  N N 300 
PRO O    O  N N 301 
PRO CB   C  N N 302 
PRO CG   C  N N 303 
PRO CD   C  N N 304 
PRO OXT  O  N N 305 
PRO H    H  N N 306 
PRO HA   H  N N 307 
PRO HB2  H  N N 308 
PRO HB3  H  N N 309 
PRO HG2  H  N N 310 
PRO HG3  H  N N 311 
PRO HD2  H  N N 312 
PRO HD3  H  N N 313 
PRO HXT  H  N N 314 
SER N    N  N N 315 
SER CA   C  N S 316 
SER C    C  N N 317 
SER O    O  N N 318 
SER CB   C  N N 319 
SER OG   O  N N 320 
SER OXT  O  N N 321 
SER H    H  N N 322 
SER H2   H  N N 323 
SER HA   H  N N 324 
SER HB2  H  N N 325 
SER HB3  H  N N 326 
SER HG   H  N N 327 
SER HXT  H  N N 328 
THR N    N  N N 329 
THR CA   C  N S 330 
THR C    C  N N 331 
THR O    O  N N 332 
THR CB   C  N R 333 
THR OG1  O  N N 334 
THR CG2  C  N N 335 
THR OXT  O  N N 336 
THR H    H  N N 337 
THR H2   H  N N 338 
THR HA   H  N N 339 
THR HB   H  N N 340 
THR HG1  H  N N 341 
THR HG21 H  N N 342 
THR HG22 H  N N 343 
THR HG23 H  N N 344 
THR HXT  H  N N 345 
TRP N    N  N N 346 
TRP CA   C  N S 347 
TRP C    C  N N 348 
TRP O    O  N N 349 
TRP CB   C  N N 350 
TRP CG   C  Y N 351 
TRP CD1  C  Y N 352 
TRP CD2  C  Y N 353 
TRP NE1  N  Y N 354 
TRP CE2  C  Y N 355 
TRP CE3  C  Y N 356 
TRP CZ2  C  Y N 357 
TRP CZ3  C  Y N 358 
TRP CH2  C  Y N 359 
TRP OXT  O  N N 360 
TRP H    H  N N 361 
TRP H2   H  N N 362 
TRP HA   H  N N 363 
TRP HB2  H  N N 364 
TRP HB3  H  N N 365 
TRP HD1  H  N N 366 
TRP HE1  H  N N 367 
TRP HE3  H  N N 368 
TRP HZ2  H  N N 369 
TRP HZ3  H  N N 370 
TRP HH2  H  N N 371 
TRP HXT  H  N N 372 
TYR N    N  N N 373 
TYR CA   C  N S 374 
TYR C    C  N N 375 
TYR O    O  N N 376 
TYR CB   C  N N 377 
TYR CG   C  Y N 378 
TYR CD1  C  Y N 379 
TYR CD2  C  Y N 380 
TYR CE1  C  Y N 381 
TYR CE2  C  Y N 382 
TYR CZ   C  Y N 383 
TYR OH   O  N N 384 
TYR OXT  O  N N 385 
TYR H    H  N N 386 
TYR H2   H  N N 387 
TYR HA   H  N N 388 
TYR HB2  H  N N 389 
TYR HB3  H  N N 390 
TYR HD1  H  N N 391 
TYR HD2  H  N N 392 
TYR HE1  H  N N 393 
TYR HE2  H  N N 394 
TYR HH   H  N N 395 
TYR HXT  H  N N 396 
VAL N    N  N N 397 
VAL CA   C  N S 398 
VAL C    C  N N 399 
VAL O    O  N N 400 
VAL CB   C  N N 401 
VAL CG1  C  N N 402 
VAL CG2  C  N N 403 
VAL OXT  O  N N 404 
VAL H    H  N N 405 
VAL H2   H  N N 406 
VAL HA   H  N N 407 
VAL HB   H  N N 408 
VAL HG11 H  N N 409 
VAL HG12 H  N N 410 
VAL HG13 H  N N 411 
VAL HG21 H  N N 412 
VAL HG22 H  N N 413 
VAL HG23 H  N N 414 
VAL HXT  H  N N 415 
# 
loop_
_chem_comp_bond.comp_id 
_chem_comp_bond.atom_id_1 
_chem_comp_bond.atom_id_2 
_chem_comp_bond.value_order 
_chem_comp_bond.pdbx_aromatic_flag 
_chem_comp_bond.pdbx_stereo_config 
_chem_comp_bond.pdbx_ordinal 
ACT C   O    doub N N 1   
ACT C   OXT  sing N N 2   
ACT C   CH3  sing N N 3   
ACT CH3 H1   sing N N 4   
ACT CH3 H2   sing N N 5   
ACT CH3 H3   sing N N 6   
ALA N   CA   sing N N 7   
ALA N   H    sing N N 8   
ALA N   H2   sing N N 9   
ALA CA  C    sing N N 10  
ALA CA  CB   sing N N 11  
ALA CA  HA   sing N N 12  
ALA C   O    doub N N 13  
ALA C   OXT  sing N N 14  
ALA CB  HB1  sing N N 15  
ALA CB  HB2  sing N N 16  
ALA CB  HB3  sing N N 17  
ALA OXT HXT  sing N N 18  
ARG N   CA   sing N N 19  
ARG N   H    sing N N 20  
ARG N   H2   sing N N 21  
ARG CA  C    sing N N 22  
ARG CA  CB   sing N N 23  
ARG CA  HA   sing N N 24  
ARG C   O    doub N N 25  
ARG C   OXT  sing N N 26  
ARG CB  CG   sing N N 27  
ARG CB  HB2  sing N N 28  
ARG CB  HB3  sing N N 29  
ARG CG  CD   sing N N 30  
ARG CG  HG2  sing N N 31  
ARG CG  HG3  sing N N 32  
ARG CD  NE   sing N N 33  
ARG CD  HD2  sing N N 34  
ARG CD  HD3  sing N N 35  
ARG NE  CZ   sing N N 36  
ARG NE  HE   sing N N 37  
ARG CZ  NH1  sing N N 38  
ARG CZ  NH2  doub N N 39  
ARG NH1 HH11 sing N N 40  
ARG NH1 HH12 sing N N 41  
ARG NH2 HH21 sing N N 42  
ARG NH2 HH22 sing N N 43  
ARG OXT HXT  sing N N 44  
ASN N   CA   sing N N 45  
ASN N   H    sing N N 46  
ASN N   H2   sing N N 47  
ASN CA  C    sing N N 48  
ASN CA  CB   sing N N 49  
ASN CA  HA   sing N N 50  
ASN C   O    doub N N 51  
ASN C   OXT  sing N N 52  
ASN CB  CG   sing N N 53  
ASN CB  HB2  sing N N 54  
ASN CB  HB3  sing N N 55  
ASN CG  OD1  doub N N 56  
ASN CG  ND2  sing N N 57  
ASN ND2 HD21 sing N N 58  
ASN ND2 HD22 sing N N 59  
ASN OXT HXT  sing N N 60  
ASP N   CA   sing N N 61  
ASP N   H    sing N N 62  
ASP N   H2   sing N N 63  
ASP CA  C    sing N N 64  
ASP CA  CB   sing N N 65  
ASP CA  HA   sing N N 66  
ASP C   O    doub N N 67  
ASP C   OXT  sing N N 68  
ASP CB  CG   sing N N 69  
ASP CB  HB2  sing N N 70  
ASP CB  HB3  sing N N 71  
ASP CG  OD1  doub N N 72  
ASP CG  OD2  sing N N 73  
ASP OD2 HD2  sing N N 74  
ASP OXT HXT  sing N N 75  
CSD N   CA   sing N N 76  
CSD N   H    sing N N 77  
CSD N   H2   sing N N 78  
CSD CA  CB   sing N N 79  
CSD CA  C    sing N N 80  
CSD CA  HA   sing N N 81  
CSD CB  SG   sing N N 82  
CSD CB  HB2  sing N N 83  
CSD CB  HB3  sing N N 84  
CSD SG  OD1  doub N N 85  
CSD SG  OD2  sing N N 86  
CSD C   O    doub N N 87  
CSD C   OXT  sing N N 88  
CSD OXT HXT  sing N N 89  
CSD OD2 HD2  sing N N 90  
GLN N   CA   sing N N 91  
GLN N   H    sing N N 92  
GLN N   H2   sing N N 93  
GLN CA  C    sing N N 94  
GLN CA  CB   sing N N 95  
GLN CA  HA   sing N N 96  
GLN C   O    doub N N 97  
GLN C   OXT  sing N N 98  
GLN CB  CG   sing N N 99  
GLN CB  HB2  sing N N 100 
GLN CB  HB3  sing N N 101 
GLN CG  CD   sing N N 102 
GLN CG  HG2  sing N N 103 
GLN CG  HG3  sing N N 104 
GLN CD  OE1  doub N N 105 
GLN CD  NE2  sing N N 106 
GLN NE2 HE21 sing N N 107 
GLN NE2 HE22 sing N N 108 
GLN OXT HXT  sing N N 109 
GLU N   CA   sing N N 110 
GLU N   H    sing N N 111 
GLU N   H2   sing N N 112 
GLU CA  C    sing N N 113 
GLU CA  CB   sing N N 114 
GLU CA  HA   sing N N 115 
GLU C   O    doub N N 116 
GLU C   OXT  sing N N 117 
GLU CB  CG   sing N N 118 
GLU CB  HB2  sing N N 119 
GLU CB  HB3  sing N N 120 
GLU CG  CD   sing N N 121 
GLU CG  HG2  sing N N 122 
GLU CG  HG3  sing N N 123 
GLU CD  OE1  doub N N 124 
GLU CD  OE2  sing N N 125 
GLU OE2 HE2  sing N N 126 
GLU OXT HXT  sing N N 127 
GLY N   CA   sing N N 128 
GLY N   H    sing N N 129 
GLY N   H2   sing N N 130 
GLY CA  C    sing N N 131 
GLY CA  HA2  sing N N 132 
GLY CA  HA3  sing N N 133 
GLY C   O    doub N N 134 
GLY C   OXT  sing N N 135 
GLY OXT HXT  sing N N 136 
GOL C1  O1   sing N N 137 
GOL C1  C2   sing N N 138 
GOL C1  H11  sing N N 139 
GOL C1  H12  sing N N 140 
GOL O1  HO1  sing N N 141 
GOL C2  O2   sing N N 142 
GOL C2  C3   sing N N 143 
GOL C2  H2   sing N N 144 
GOL O2  HO2  sing N N 145 
GOL C3  O3   sing N N 146 
GOL C3  H31  sing N N 147 
GOL C3  H32  sing N N 148 
GOL O3  HO3  sing N N 149 
HIS N   CA   sing N N 150 
HIS N   H    sing N N 151 
HIS N   H2   sing N N 152 
HIS CA  C    sing N N 153 
HIS CA  CB   sing N N 154 
HIS CA  HA   sing N N 155 
HIS C   O    doub N N 156 
HIS C   OXT  sing N N 157 
HIS CB  CG   sing N N 158 
HIS CB  HB2  sing N N 159 
HIS CB  HB3  sing N N 160 
HIS CG  ND1  sing Y N 161 
HIS CG  CD2  doub Y N 162 
HIS ND1 CE1  doub Y N 163 
HIS ND1 HD1  sing N N 164 
HIS CD2 NE2  sing Y N 165 
HIS CD2 HD2  sing N N 166 
HIS CE1 NE2  sing Y N 167 
HIS CE1 HE1  sing N N 168 
HIS NE2 HE2  sing N N 169 
HIS OXT HXT  sing N N 170 
HOH O   H1   sing N N 171 
HOH O   H2   sing N N 172 
ILE N   CA   sing N N 173 
ILE N   H    sing N N 174 
ILE N   H2   sing N N 175 
ILE CA  C    sing N N 176 
ILE CA  CB   sing N N 177 
ILE CA  HA   sing N N 178 
ILE C   O    doub N N 179 
ILE C   OXT  sing N N 180 
ILE CB  CG1  sing N N 181 
ILE CB  CG2  sing N N 182 
ILE CB  HB   sing N N 183 
ILE CG1 CD1  sing N N 184 
ILE CG1 HG12 sing N N 185 
ILE CG1 HG13 sing N N 186 
ILE CG2 HG21 sing N N 187 
ILE CG2 HG22 sing N N 188 
ILE CG2 HG23 sing N N 189 
ILE CD1 HD11 sing N N 190 
ILE CD1 HD12 sing N N 191 
ILE CD1 HD13 sing N N 192 
ILE OXT HXT  sing N N 193 
LEU N   CA   sing N N 194 
LEU N   H    sing N N 195 
LEU N   H2   sing N N 196 
LEU CA  C    sing N N 197 
LEU CA  CB   sing N N 198 
LEU CA  HA   sing N N 199 
LEU C   O    doub N N 200 
LEU C   OXT  sing N N 201 
LEU CB  CG   sing N N 202 
LEU CB  HB2  sing N N 203 
LEU CB  HB3  sing N N 204 
LEU CG  CD1  sing N N 205 
LEU CG  CD2  sing N N 206 
LEU CG  HG   sing N N 207 
LEU CD1 HD11 sing N N 208 
LEU CD1 HD12 sing N N 209 
LEU CD1 HD13 sing N N 210 
LEU CD2 HD21 sing N N 211 
LEU CD2 HD22 sing N N 212 
LEU CD2 HD23 sing N N 213 
LEU OXT HXT  sing N N 214 
LYS N   CA   sing N N 215 
LYS N   H    sing N N 216 
LYS N   H2   sing N N 217 
LYS CA  C    sing N N 218 
LYS CA  CB   sing N N 219 
LYS CA  HA   sing N N 220 
LYS C   O    doub N N 221 
LYS C   OXT  sing N N 222 
LYS CB  CG   sing N N 223 
LYS CB  HB2  sing N N 224 
LYS CB  HB3  sing N N 225 
LYS CG  CD   sing N N 226 
LYS CG  HG2  sing N N 227 
LYS CG  HG3  sing N N 228 
LYS CD  CE   sing N N 229 
LYS CD  HD2  sing N N 230 
LYS CD  HD3  sing N N 231 
LYS CE  NZ   sing N N 232 
LYS CE  HE2  sing N N 233 
LYS CE  HE3  sing N N 234 
LYS NZ  HZ1  sing N N 235 
LYS NZ  HZ2  sing N N 236 
LYS NZ  HZ3  sing N N 237 
LYS OXT HXT  sing N N 238 
MET N   CA   sing N N 239 
MET N   H    sing N N 240 
MET N   H2   sing N N 241 
MET CA  C    sing N N 242 
MET CA  CB   sing N N 243 
MET CA  HA   sing N N 244 
MET C   O    doub N N 245 
MET C   OXT  sing N N 246 
MET CB  CG   sing N N 247 
MET CB  HB2  sing N N 248 
MET CB  HB3  sing N N 249 
MET CG  SD   sing N N 250 
MET CG  HG2  sing N N 251 
MET CG  HG3  sing N N 252 
MET SD  CE   sing N N 253 
MET CE  HE1  sing N N 254 
MET CE  HE2  sing N N 255 
MET CE  HE3  sing N N 256 
MET OXT HXT  sing N N 257 
PHE N   CA   sing N N 258 
PHE N   H    sing N N 259 
PHE N   H2   sing N N 260 
PHE CA  C    sing N N 261 
PHE CA  CB   sing N N 262 
PHE CA  HA   sing N N 263 
PHE C   O    doub N N 264 
PHE C   OXT  sing N N 265 
PHE CB  CG   sing N N 266 
PHE CB  HB2  sing N N 267 
PHE CB  HB3  sing N N 268 
PHE CG  CD1  doub Y N 269 
PHE CG  CD2  sing Y N 270 
PHE CD1 CE1  sing Y N 271 
PHE CD1 HD1  sing N N 272 
PHE CD2 CE2  doub Y N 273 
PHE CD2 HD2  sing N N 274 
PHE CE1 CZ   doub Y N 275 
PHE CE1 HE1  sing N N 276 
PHE CE2 CZ   sing Y N 277 
PHE CE2 HE2  sing N N 278 
PHE CZ  HZ   sing N N 279 
PHE OXT HXT  sing N N 280 
PRO N   CA   sing N N 281 
PRO N   CD   sing N N 282 
PRO N   H    sing N N 283 
PRO CA  C    sing N N 284 
PRO CA  CB   sing N N 285 
PRO CA  HA   sing N N 286 
PRO C   O    doub N N 287 
PRO C   OXT  sing N N 288 
PRO CB  CG   sing N N 289 
PRO CB  HB2  sing N N 290 
PRO CB  HB3  sing N N 291 
PRO CG  CD   sing N N 292 
PRO CG  HG2  sing N N 293 
PRO CG  HG3  sing N N 294 
PRO CD  HD2  sing N N 295 
PRO CD  HD3  sing N N 296 
PRO OXT HXT  sing N N 297 
SER N   CA   sing N N 298 
SER N   H    sing N N 299 
SER N   H2   sing N N 300 
SER CA  C    sing N N 301 
SER CA  CB   sing N N 302 
SER CA  HA   sing N N 303 
SER C   O    doub N N 304 
SER C   OXT  sing N N 305 
SER CB  OG   sing N N 306 
SER CB  HB2  sing N N 307 
SER CB  HB3  sing N N 308 
SER OG  HG   sing N N 309 
SER OXT HXT  sing N N 310 
THR N   CA   sing N N 311 
THR N   H    sing N N 312 
THR N   H2   sing N N 313 
THR CA  C    sing N N 314 
THR CA  CB   sing N N 315 
THR CA  HA   sing N N 316 
THR C   O    doub N N 317 
THR C   OXT  sing N N 318 
THR CB  OG1  sing N N 319 
THR CB  CG2  sing N N 320 
THR CB  HB   sing N N 321 
THR OG1 HG1  sing N N 322 
THR CG2 HG21 sing N N 323 
THR CG2 HG22 sing N N 324 
THR CG2 HG23 sing N N 325 
THR OXT HXT  sing N N 326 
TRP N   CA   sing N N 327 
TRP N   H    sing N N 328 
TRP N   H2   sing N N 329 
TRP CA  C    sing N N 330 
TRP CA  CB   sing N N 331 
TRP CA  HA   sing N N 332 
TRP C   O    doub N N 333 
TRP C   OXT  sing N N 334 
TRP CB  CG   sing N N 335 
TRP CB  HB2  sing N N 336 
TRP CB  HB3  sing N N 337 
TRP CG  CD1  doub Y N 338 
TRP CG  CD2  sing Y N 339 
TRP CD1 NE1  sing Y N 340 
TRP CD1 HD1  sing N N 341 
TRP CD2 CE2  doub Y N 342 
TRP CD2 CE3  sing Y N 343 
TRP NE1 CE2  sing Y N 344 
TRP NE1 HE1  sing N N 345 
TRP CE2 CZ2  sing Y N 346 
TRP CE3 CZ3  doub Y N 347 
TRP CE3 HE3  sing N N 348 
TRP CZ2 CH2  doub Y N 349 
TRP CZ2 HZ2  sing N N 350 
TRP CZ3 CH2  sing Y N 351 
TRP CZ3 HZ3  sing N N 352 
TRP CH2 HH2  sing N N 353 
TRP OXT HXT  sing N N 354 
TYR N   CA   sing N N 355 
TYR N   H    sing N N 356 
TYR N   H2   sing N N 357 
TYR CA  C    sing N N 358 
TYR CA  CB   sing N N 359 
TYR CA  HA   sing N N 360 
TYR C   O    doub N N 361 
TYR C   OXT  sing N N 362 
TYR CB  CG   sing N N 363 
TYR CB  HB2  sing N N 364 
TYR CB  HB3  sing N N 365 
TYR CG  CD1  doub Y N 366 
TYR CG  CD2  sing Y N 367 
TYR CD1 CE1  sing Y N 368 
TYR CD1 HD1  sing N N 369 
TYR CD2 CE2  doub Y N 370 
TYR CD2 HD2  sing N N 371 
TYR CE1 CZ   doub Y N 372 
TYR CE1 HE1  sing N N 373 
TYR CE2 CZ   sing Y N 374 
TYR CE2 HE2  sing N N 375 
TYR CZ  OH   sing N N 376 
TYR OH  HH   sing N N 377 
TYR OXT HXT  sing N N 378 
VAL N   CA   sing N N 379 
VAL N   H    sing N N 380 
VAL N   H2   sing N N 381 
VAL CA  C    sing N N 382 
VAL CA  CB   sing N N 383 
VAL CA  HA   sing N N 384 
VAL C   O    doub N N 385 
VAL C   OXT  sing N N 386 
VAL CB  CG1  sing N N 387 
VAL CB  CG2  sing N N 388 
VAL CB  HB   sing N N 389 
VAL CG1 HG11 sing N N 390 
VAL CG1 HG12 sing N N 391 
VAL CG1 HG13 sing N N 392 
VAL CG2 HG21 sing N N 393 
VAL CG2 HG22 sing N N 394 
VAL CG2 HG23 sing N N 395 
VAL OXT HXT  sing N N 396 
# 
_atom_sites.entry_id                    5CPD 
_atom_sites.fract_transf_matrix[1][1]   -0.01625941 
_atom_sites.fract_transf_matrix[1][2]   0.00810861 
_atom_sites.fract_transf_matrix[1][3]   0.00764119 
_atom_sites.fract_transf_matrix[2][1]   -0.00491095 
_atom_sites.fract_transf_matrix[2][2]   -0.00356413 
_atom_sites.fract_transf_matrix[2][3]   0.01875270 
_atom_sites.fract_transf_matrix[3][1]   0.00200209 
_atom_sites.fract_transf_matrix[3][2]   0.00298575 
_atom_sites.fract_transf_matrix[3][3]   0.00109178 
_atom_sites.fract_transf_vector[1]      -0.043849 
_atom_sites.fract_transf_vector[2]      -0.342463 
_atom_sites.fract_transf_vector[3]      0.014587 
# 
loop_
_atom_type.symbol 
C  
CD 
N  
NA 
O  
S  
# 
loop_
_atom_site.group_PDB 
_atom_site.id 
_atom_site.type_symbol 
_atom_site.label_atom_id 
_atom_site.label_alt_id 
_atom_site.label_comp_id 
_atom_site.label_asym_id 
_atom_site.label_entity_id 
_atom_site.label_seq_id 
_atom_site.pdbx_PDB_ins_code 
_atom_site.Cartn_x 
_atom_site.Cartn_y 
_atom_site.Cartn_z 
_atom_site.occupancy 
_atom_site.B_iso_or_equiv 
_atom_site.pdbx_formal_charge 
_atom_site.auth_seq_id 
_atom_site.auth_comp_id 
_atom_site.auth_asym_id 
_atom_site.auth_atom_id 
_atom_site.pdbx_PDB_model_num 
ATOM   1    N  N   . MET A 1 1   ? 18.974  -2.050  0.381   1.00 33.16 ? 1   MET A N   1 
ATOM   2    C  CA  . MET A 1 1   ? 19.141  -2.283  1.832   1.00 34.53 ? 1   MET A CA  1 
ATOM   3    C  C   . MET A 1 1   ? 17.735  -2.532  2.329   1.00 32.18 ? 1   MET A C   1 
ATOM   4    O  O   . MET A 1 1   ? 16.869  -1.662  2.178   1.00 34.92 ? 1   MET A O   1 
ATOM   5    C  CB  . MET A 1 1   ? 19.753  -1.046  2.473   1.00 35.88 ? 1   MET A CB  1 
ATOM   6    C  CG  . MET A 1 1   ? 20.268  -1.239  3.880   1.00 51.17 ? 1   MET A CG  1 
ATOM   7    S  SD  . MET A 1 1   ? 20.262  0.361   4.776   1.00 71.67 ? 1   MET A SD  1 
ATOM   8    C  CE  . MET A 1 1   ? 21.200  1.465   3.686   1.00 62.50 ? 1   MET A CE  1 
ATOM   9    N  N   . ILE A 1 2   ? 17.485  -3.739  2.833   1.00 27.92 ? 2   ILE A N   1 
ATOM   10   C  CA  . ILE A 1 2   ? 16.247  -4.064  3.525   1.00 27.71 ? 2   ILE A CA  1 
ATOM   11   C  C   . ILE A 1 2   ? 16.064  -3.160  4.750   1.00 28.84 ? 2   ILE A C   1 
ATOM   12   O  O   . ILE A 1 2   ? 17.001  -2.959  5.508   1.00 32.65 ? 2   ILE A O   1 
ATOM   13   C  CB  . ILE A 1 2   ? 16.218  -5.585  3.845   1.00 28.71 ? 2   ILE A CB  1 
ATOM   14   C  CG1 . ILE A 1 2   ? 16.042  -6.357  2.512   1.00 25.69 ? 2   ILE A CG1 1 
ATOM   15   C  CG2 . ILE A 1 2   ? 15.150  -5.930  4.885   1.00 24.77 ? 2   ILE A CG2 1 
ATOM   16   C  CD1 . ILE A 1 2   ? 16.533  -7.791  2.565   1.00 25.31 ? 2   ILE A CD1 1 
ATOM   17   N  N   . ARG A 1 3   ? 14.903  -2.519  4.899   1.00 31.97 ? 3   ARG A N   1 
ATOM   18   C  CA  . ARG A 1 3   ? 14.631  -1.709  6.121   1.00 31.01 ? 3   ARG A CA  1 
ATOM   19   C  C   . ARG A 1 3   ? 13.718  -2.439  7.082   1.00 27.86 ? 3   ARG A C   1 
ATOM   20   O  O   . ARG A 1 3   ? 12.898  -3.214  6.656   1.00 29.90 ? 3   ARG A O   1 
ATOM   21   C  CB  . ARG A 1 3   ? 13.916  -0.420  5.771   1.00 32.58 ? 3   ARG A CB  1 
ATOM   22   C  CG  . ARG A 1 3   ? 14.576  0.362   4.698   1.00 36.25 ? 3   ARG A CG  1 
ATOM   23   C  CD  . ARG A 1 3   ? 15.832  1.005   5.235   1.00 35.42 ? 3   ARG A CD  1 
ATOM   24   N  NE  . ARG A 1 3   ? 16.354  1.844   4.171   1.00 38.41 ? 3   ARG A NE  1 
ATOM   25   C  CZ  . ARG A 1 3   ? 16.106  3.153   4.020   1.00 37.46 ? 3   ARG A CZ  1 
ATOM   26   N  NH1 . ARG A 1 3   ? 15.377  3.842   4.892   1.00 33.23 ? 3   ARG A NH1 1 
ATOM   27   N  NH2 . ARG A 1 3   ? 16.645  3.782   2.994   1.00 38.25 ? 3   ARG A NH2 1 
ATOM   28   N  N   . ASP A 1 4   ? 13.811  -2.107  8.361   1.00 30.00 ? 4   ASP A N   1 
ATOM   29   C  CA  . ASP A 1 4   ? 12.838  -2.527  9.373   1.00 28.70 ? 4   ASP A CA  1 
ATOM   30   C  C   . ASP A 1 4   ? 11.421  -1.984  9.090   1.00 26.35 ? 4   ASP A C   1 
ATOM   31   O  O   . ASP A 1 4   ? 11.205  -0.779  8.902   1.00 25.23 ? 4   ASP A O   1 
ATOM   32   C  CB  . ASP A 1 4   ? 13.274  -2.035  10.768  1.00 30.09 ? 4   ASP A CB  1 
ATOM   33   C  CG  . ASP A 1 4   ? 14.523  -2.748  11.325  1.00 37.78 ? 4   ASP A CG  1 
ATOM   34   O  OD1 . ASP A 1 4   ? 14.791  -3.954  11.032  1.00 40.43 ? 4   ASP A OD1 1 
ATOM   35   O  OD2 . ASP A 1 4   ? 15.221  -2.103  12.151  1.00 38.84 ? 4   ASP A OD2 1 
ATOM   36   N  N   . ILE A 1 5   ? 10.445  -2.874  9.057   1.00 28.31 ? 5   ILE A N   1 
ATOM   37   C  CA  . ILE A 1 5   ? 9.039   -2.485  8.970   1.00 25.98 ? 5   ILE A CA  1 
ATOM   38   C  C   . ILE A 1 5   ? 8.565   -2.236  10.389  1.00 27.44 ? 5   ILE A C   1 
ATOM   39   O  O   . ILE A 1 5   ? 8.614   -3.142  11.205  1.00 27.97 ? 5   ILE A O   1 
ATOM   40   C  CB  . ILE A 1 5   ? 8.242   -3.582  8.276   1.00 26.47 ? 5   ILE A CB  1 
ATOM   41   C  CG1 . ILE A 1 5   ? 8.740   -3.663  6.817   1.00 25.52 ? 5   ILE A CG1 1 
ATOM   42   C  CG2 . ILE A 1 5   ? 6.716   -3.336  8.392   1.00 27.12 ? 5   ILE A CG2 1 
ATOM   43   C  CD1 . ILE A 1 5   ? 8.210   -4.809  5.986   1.00 21.23 ? 5   ILE A CD1 1 
ATOM   44   N  N   . ILE A 1 6   ? 8.161   -1.002  10.712  1.00 25.71 ? 6   ILE A N   1 
ATOM   45   C  CA  . ILE A 1 6   ? 7.511   -0.728  12.007  1.00 25.45 ? 6   ILE A CA  1 
ATOM   46   C  C   . ILE A 1 6   ? 6.066   -1.318  12.117  1.00 27.21 ? 6   ILE A C   1 
ATOM   47   O  O   . ILE A 1 6   ? 5.307   -1.293  11.171  1.00 27.60 ? 6   ILE A O   1 
ATOM   48   C  CB  . ILE A 1 6   ? 7.565   0.779   12.374  1.00 23.63 ? 6   ILE A CB  1 
ATOM   49   C  CG1 . ILE A 1 6   ? 6.821   1.620   11.330  1.00 22.75 ? 6   ILE A CG1 1 
ATOM   50   C  CG2 . ILE A 1 6   ? 9.034   1.193   12.519  1.00 21.41 ? 6   ILE A CG2 1 
ATOM   51   C  CD1 . ILE A 1 6   ? 6.645   3.090   11.690  1.00 24.96 ? 6   ILE A CD1 1 
ATOM   52   N  N   . ARG A 1 7   ? 5.724   -1.807  13.305  1.00 24.72 ? 7   ARG A N   1 
ATOM   53   C  CA  . ARG A 1 7   ? 4.467   -2.400  13.615  1.00 26.19 ? 7   ARG A CA  1 
ATOM   54   C  C   . ARG A 1 7   ? 3.437   -1.466  14.260  1.00 26.38 ? 7   ARG A C   1 
ATOM   55   O  O   . ARG A 1 7   ? 3.759   -0.530  15.029  1.00 25.18 ? 7   ARG A O   1 
ATOM   56   C  CB  . ARG A 1 7   ? 4.709   -3.611  14.512  1.00 28.37 ? 7   ARG A CB  1 
ATOM   57   C  CG  . ARG A 1 7   ? 5.388   -4.746  13.737  1.00 31.70 ? 7   ARG A CG  1 
ATOM   58   C  CD  . ARG A 1 7   ? 5.761   -5.879  14.701  1.00 40.71 ? 7   ARG A CD  1 
ATOM   59   N  NE  . ARG A 1 7   ? 6.435   -5.378  15.916  1.00 43.12 ? 7   ARG A NE  1 
ATOM   60   C  CZ  . ARG A 1 7   ? 6.253   -5.874  17.140  1.00 48.96 ? 7   ARG A CZ  1 
ATOM   61   N  NH1 . ARG A 1 7   ? 5.437   -6.915  17.358  1.00 48.67 ? 7   ARG A NH1 1 
ATOM   62   N  NH2 . ARG A 1 7   ? 6.899   -5.347  18.157  1.00 50.84 ? 7   ARG A NH2 1 
ATOM   63   N  N   . MET A 1 8   ? 2.180   -1.752  13.931  1.00 24.98 ? 8   MET A N   1 
ATOM   64   C  CA  . MET A 1 8   ? 1.023   -1.063  14.501  1.00 25.13 ? 8   MET A CA  1 
ATOM   65   C  C   . MET A 1 8   ? 1.222   -0.822  15.994  1.00 26.52 ? 8   MET A C   1 
ATOM   66   O  O   . MET A 1 8   ? 1.731   -1.690  16.734  1.00 22.92 ? 8   MET A O   1 
ATOM   67   C  CB  . MET A 1 8   ? -0.227  -1.860  14.269  1.00 24.16 ? 8   MET A CB  1 
ATOM   68   C  CG  . MET A 1 8   ? -1.418  -1.087  14.809  1.00 27.84 ? 8   MET A CG  1 
ATOM   69   S  SD  . MET A 1 8   ? -2.975  -1.784  14.210  1.00 26.53 ? 8   MET A SD  1 
ATOM   70   C  CE  . MET A 1 8   ? -2.970  -3.240  15.273  1.00 23.45 ? 8   MET A CE  1 
ATOM   71   N  N   . GLY A 1 9   ? 0.862   0.378   16.422  1.00 25.42 ? 9   GLY A N   1 
ATOM   72   C  CA  . GLY A 1 9   ? 1.246   0.811   17.733  1.00 26.65 ? 9   GLY A CA  1 
ATOM   73   C  C   . GLY A 1 9   ? 2.238   1.943   17.652  1.00 27.60 ? 9   GLY A C   1 
ATOM   74   O  O   . GLY A 1 9   ? 2.253   2.768   18.517  1.00 28.93 ? 9   GLY A O   1 
ATOM   75   N  N   . ASP A 1 10  ? 3.109   1.949   16.644  1.00 29.45 ? 10  ASP A N   1 
ATOM   76   C  CA  . ASP A 1 10  ? 4.101   3.031   16.485  1.00 27.74 ? 10  ASP A CA  1 
ATOM   77   C  C   . ASP A 1 10  ? 3.398   4.311   16.056  1.00 27.81 ? 10  ASP A C   1 
ATOM   78   O  O   . ASP A 1 10  ? 2.599   4.291   15.098  1.00 24.69 ? 10  ASP A O   1 
ATOM   79   C  CB  . ASP A 1 10  ? 5.059   2.684   15.367  1.00 27.81 ? 10  ASP A CB  1 
ATOM   80   C  CG  . ASP A 1 10  ? 6.332   3.441   15.463  1.00 27.78 ? 10  ASP A CG  1 
ATOM   81   O  OD1 . ASP A 1 10  ? 6.336   4.710   15.457  1.00 26.43 ? 10  ASP A OD1 1 
ATOM   82   O  OD2 . ASP A 1 10  ? 7.335   2.733   15.539  1.00 26.97 ? 10  ASP A OD2 1 
ATOM   83   N  N   . LYS A 1 11  ? 3.685   5.406   16.754  1.00 26.52 ? 11  LYS A N   1 
ATOM   84   C  CA  . LYS A 1 11  ? 3.085   6.717   16.407  1.00 28.73 ? 11  LYS A CA  1 
ATOM   85   C  C   . LYS A 1 11  ? 3.434   7.130   14.988  1.00 28.49 ? 11  LYS A C   1 
ATOM   86   O  O   . LYS A 1 11  ? 2.662   7.806   14.311  1.00 29.72 ? 11  LYS A O   1 
ATOM   87   C  CB  . LYS A 1 11  ? 3.578   7.827   17.354  1.00 28.86 ? 11  LYS A CB  1 
ATOM   88   C  CG  . LYS A 1 11  ? 2.618   8.132   18.464  1.00 35.37 ? 11  LYS A CG  1 
ATOM   89   C  CD  . LYS A 1 11  ? 3.333   8.811   19.618  1.00 41.67 ? 11  LYS A CD  1 
ATOM   90   C  CE  . LYS A 1 11  ? 2.765   8.354   20.962  1.00 48.48 ? 11  LYS A CE  1 
ATOM   91   N  NZ  . LYS A 1 11  ? 1.973   9.420   21.638  1.00 49.93 ? 11  LYS A NZ  1 
ATOM   92   N  N   . ARG A 1 12  ? 4.621   6.748   14.528  1.00 29.41 ? 12  ARG A N   1 
ATOM   93   C  CA  . ARG A 1 12  ? 5.011   7.161   13.183  1.00 27.56 ? 12  ARG A CA  1 
ATOM   94   C  C   . ARG A 1 12  ? 4.066   6.664   12.061  1.00 30.00 ? 12  ARG A C   1 
ATOM   95   O  O   . ARG A 1 12  ? 4.055   7.251   10.965  1.00 29.76 ? 12  ARG A O   1 
ATOM   96   C  CB  . ARG A 1 12  ? 6.460   6.832   12.924  1.00 24.76 ? 12  ARG A CB  1 
ATOM   97   C  CG  . ARG A 1 12  ? 7.356   7.592   13.907  1.00 26.75 ? 12  ARG A CG  1 
ATOM   98   C  CD  . ARG A 1 12  ? 8.766   7.092   13.801  1.00 26.75 ? 12  ARG A CD  1 
ATOM   99   N  NE  . ARG A 1 12  ? 8.854   5.751   14.349  1.00 27.58 ? 12  ARG A NE  1 
ATOM   100  C  CZ  . ARG A 1 12  ? 9.987   5.091   14.478  1.00 29.30 ? 12  ARG A CZ  1 
ATOM   101  N  NH1 . ARG A 1 12  ? 11.124  5.645   14.071  1.00 28.31 ? 12  ARG A NH1 1 
ATOM   102  N  NH2 . ARG A 1 12  ? 9.974   3.867   14.978  1.00 29.40 ? 12  ARG A NH2 1 
ATOM   103  N  N   . LEU A 1 13  ? 3.245   5.651   12.344  1.00 24.27 ? 13  LEU A N   1 
ATOM   104  C  CA  . LEU A 1 13  ? 2.274   5.158   11.335  1.00 25.48 ? 13  LEU A CA  1 
ATOM   105  C  C   . LEU A 1 13  ? 0.963   5.959   11.299  1.00 26.06 ? 13  LEU A C   1 
ATOM   106  O  O   . LEU A 1 13  ? 0.125   5.780   10.407  1.00 26.52 ? 13  LEU A O   1 
ATOM   107  C  CB  . LEU A 1 13  ? 1.941   3.707   11.621  1.00 24.47 ? 13  LEU A CB  1 
ATOM   108  C  CG  . LEU A 1 13  ? 3.060   2.707   11.334  1.00 27.15 ? 13  LEU A CG  1 
ATOM   109  C  CD1 . LEU A 1 13  ? 2.684   1.350   11.934  1.00 28.67 ? 13  LEU A CD1 1 
ATOM   110  C  CD2 . LEU A 1 13  ? 3.260   2.520   9.833   1.00 26.16 ? 13  LEU A CD2 1 
ATOM   111  N  N   . LEU A 1 14  ? 0.797   6.816   12.315  1.00 26.53 ? 14  LEU A N   1 
ATOM   112  C  CA  . LEU A 1 14  ? -0.376  7.641   12.530  1.00 26.01 ? 14  LEU A CA  1 
ATOM   113  C  C   . LEU A 1 14  ? -0.270  9.072   11.940  1.00 28.93 ? 14  LEU A C   1 
ATOM   114  O  O   . LEU A 1 14  ? -1.257  9.832   11.921  1.00 28.91 ? 14  LEU A O   1 
ATOM   115  C  CB  . LEU A 1 14  ? -0.713  7.644   14.055  1.00 25.96 ? 14  LEU A CB  1 
ATOM   116  C  CG  . LEU A 1 14  ? -0.875  6.203   14.668  1.00 28.18 ? 14  LEU A CG  1 
ATOM   117  C  CD1 . LEU A 1 14  ? -1.226  6.155   16.143  1.00 24.04 ? 14  LEU A CD1 1 
ATOM   118  C  CD2 . LEU A 1 14  ? -1.866  5.314   13.887  1.00 23.39 ? 14  LEU A CD2 1 
ATOM   119  N  N   . ARG A 1 15  ? 0.898   9.405   11.403  1.00 27.15 ? 15  ARG A N   1 
ATOM   120  C  CA  . ARG A 1 15  ? 1.215   10.763  10.872  1.00 29.13 ? 15  ARG A CA  1 
ATOM   121  C  C   . ARG A 1 15  ? 0.618   11.032  9.517   1.00 27.79 ? 15  ARG A C   1 
ATOM   122  O  O   . ARG A 1 15  ? 0.436   10.107  8.730   1.00 25.88 ? 15  ARG A O   1 
ATOM   123  C  CB  . ARG A 1 15  ? 2.718   10.884  10.623  1.00 25.46 ? 15  ARG A CB  1 
ATOM   124  C  CG  . ARG A 1 15  ? 3.551   10.841  11.854  1.00 28.42 ? 15  ARG A CG  1 
ATOM   125  C  CD  . ARG A 1 15  ? 4.961   11.304  11.567  1.00 30.12 ? 15  ARG A CD  1 
ATOM   126  N  NE  . ARG A 1 15  ? 5.796   10.224  11.004  1.00 30.24 ? 15  ARG A NE  1 
ATOM   127  C  CZ  . ARG A 1 15  ? 7.094   10.169  11.248  1.00 34.58 ? 15  ARG A CZ  1 
ATOM   128  N  NH1 . ARG A 1 15  ? 7.599   11.124  12.029  1.00 31.14 ? 15  ARG A NH1 1 
ATOM   129  N  NH2 . ARG A 1 15  ? 7.884   9.212   10.737  1.00 33.94 ? 15  ARG A NH2 1 
ATOM   130  N  N   . VAL A 1 16  ? 0.429   12.316  9.197   1.00 29.83 ? 16  VAL A N   1 
ATOM   131  C  CA  . VAL A 1 16  ? 0.094   12.681  7.821   1.00 28.90 ? 16  VAL A CA  1 
ATOM   132  C  C   . VAL A 1 16  ? 1.413   13.061  7.145   1.00 26.92 ? 16  VAL A C   1 
ATOM   133  O  O   . VAL A 1 16  ? 2.022   14.062  7.512   1.00 31.61 ? 16  VAL A O   1 
ATOM   134  C  CB  . VAL A 1 16  ? -0.968  13.790  7.735   1.00 31.03 ? 16  VAL A CB  1 
ATOM   135  C  CG1 . VAL A 1 16  ? -1.238  14.171  6.280   1.00 25.32 ? 16  VAL A CG1 1 
ATOM   136  C  CG2 . VAL A 1 16  ? -2.272  13.313  8.380   1.00 28.14 ? 16  VAL A CG2 1 
ATOM   137  N  N   . ALA A 1 17  ? 1.884   12.215  6.224   1.00 23.68 ? 17  ALA A N   1 
ATOM   138  C  CA  . ALA A 1 17  ? 3.184   12.401  5.544   1.00 23.48 ? 17  ALA A CA  1 
ATOM   139  C  C   . ALA A 1 17  ? 3.206   13.624  4.589   1.00 23.28 ? 17  ALA A C   1 
ATOM   140  O  O   . ALA A 1 17  ? 2.235   13.864  3.824   1.00 19.29 ? 17  ALA A O   1 
ATOM   141  C  CB  . ALA A 1 17  ? 3.585   11.147  4.772   1.00 19.85 ? 17  ALA A CB  1 
ATOM   142  N  N   . PRO A 1 18  ? 4.328   14.401  4.619   1.00 24.24 ? 18  PRO A N   1 
ATOM   143  C  CA  . PRO A 1 18  ? 4.539   15.528  3.681   1.00 24.49 ? 18  PRO A CA  1 
ATOM   144  C  C   . PRO A 1 18  ? 4.846   15.027  2.253   1.00 29.04 ? 18  PRO A C   1 
ATOM   145  O  O   . PRO A 1 18  ? 5.131   13.808  2.033   1.00 25.94 ? 18  PRO A O   1 
ATOM   146  C  CB  . PRO A 1 18  ? 5.769   16.231  4.233   1.00 24.73 ? 18  PRO A CB  1 
ATOM   147  C  CG  . PRO A 1 18  ? 6.528   15.146  4.908   1.00 27.35 ? 18  PRO A CG  1 
ATOM   148  C  CD  . PRO A 1 18  ? 5.495   14.185  5.488   1.00 25.05 ? 18  PRO A CD  1 
ATOM   149  N  N   . GLN A 1 19  ? 4.837   15.963  1.298   1.00 27.84 ? 19  GLN A N   1 
ATOM   150  C  CA  . GLN A 1 19  ? 5.132   15.619  -0.075  1.00 30.67 ? 19  GLN A CA  1 
ATOM   151  C  C   . GLN A 1 19  ? 6.584   15.305  -0.316  1.00 26.61 ? 19  GLN A C   1 
ATOM   152  O  O   . GLN A 1 19  ? 7.469   15.794  0.388   1.00 27.56 ? 19  GLN A O   1 
ATOM   153  C  CB  . GLN A 1 19  ? 4.767   16.749  -0.972  1.00 32.62 ? 19  GLN A CB  1 
ATOM   154  C  CG  . GLN A 1 19  ? 3.295   16.910  -1.125  1.00 43.14 ? 19  GLN A CG  1 
ATOM   155  C  CD  . GLN A 1 19  ? 3.046   17.811  -2.319  1.00 55.25 ? 19  GLN A CD  1 
ATOM   156  O  OE1 . GLN A 1 19  ? 3.664   18.884  -2.431  1.00 50.38 ? 19  GLN A OE1 1 
ATOM   157  N  NE2 . GLN A 1 19  ? 2.195   17.356  -3.253  1.00 55.56 ? 19  GLN A NE2 1 
ATOM   158  N  N   . VAL A 1 20  ? 6.816   14.471  -1.315  1.00 22.82 ? 20  VAL A N   1 
ATOM   159  C  CA  . VAL A 1 20  ? 8.144   14.292  -1.866  1.00 22.82 ? 20  VAL A CA  1 
ATOM   160  C  C   . VAL A 1 20  ? 8.571   15.558  -2.724  1.00 22.23 ? 20  VAL A C   1 
ATOM   161  O  O   . VAL A 1 20  ? 7.794   16.111  -3.545  1.00 18.21 ? 20  VAL A O   1 
ATOM   162  C  CB  . VAL A 1 20  ? 8.210   12.968  -2.726  1.00 25.11 ? 20  VAL A CB  1 
ATOM   163  C  CG1 . VAL A 1 20  ? 9.544   12.844  -3.495  1.00 22.44 ? 20  VAL A CG1 1 
ATOM   164  C  CG2 . VAL A 1 20  ? 7.916   11.715  -1.872  1.00 23.27 ? 20  VAL A CG2 1 
ATOM   165  N  N   . THR A 1 21  ? 9.800   16.026  -2.541  1.00 21.58 ? 21  THR A N   1 
ATOM   166  C  CA  . THR A 1 21  ? 10.217  17.200  -3.287  1.00 21.00 ? 21  THR A CA  1 
ATOM   167  C  C   . THR A 1 21  ? 11.576  16.950  -3.922  1.00 22.64 ? 21  THR A C   1 
ATOM   168  O  O   . THR A 1 21  ? 12.253  17.918  -4.368  1.00 29.48 ? 21  THR A O   1 
ATOM   169  C  CB  . THR A 1 21  ? 10.263  18.468  -2.398  1.00 19.38 ? 21  THR A CB  1 
ATOM   170  O  OG1 . THR A 1 21  ? 11.140  18.198  -1.323  1.00 24.28 ? 21  THR A OG1 1 
ATOM   171  C  CG2 . THR A 1 21  ? 8.904   18.831  -1.846  1.00 18.04 ? 21  THR A CG2 1 
ATOM   172  N  N   . ASN A 1 22  ? 11.996  15.677  -3.973  1.00 20.15 ? 22  ASN A N   1 
ATOM   173  C  CA  . ASN A 1 22  ? 13.278  15.363  -4.576  1.00 20.47 ? 22  ASN A CA  1 
ATOM   174  C  C   . ASN A 1 22  ? 13.213  14.374  -5.686  1.00 23.38 ? 22  ASN A C   1 
ATOM   175  O  O   . ASN A 1 22  ? 14.121  13.533  -5.804  1.00 24.70 ? 22  ASN A O   1 
ATOM   176  C  CB  . ASN A 1 22  ? 14.342  14.967  -3.535  1.00 21.66 ? 22  ASN A CB  1 
ATOM   177  C  CG  . ASN A 1 22  ? 13.951  13.752  -2.705  1.00 22.55 ? 22  ASN A CG  1 
ATOM   178  O  OD1 . ASN A 1 22  ? 12.796  13.340  -2.696  1.00 26.81 ? 22  ASN A OD1 1 
ATOM   179  N  ND2 . ASN A 1 22  ? 14.940  13.123  -2.057  1.00 24.10 ? 22  ASN A ND2 1 
ATOM   180  N  N   . LEU A 1 23  ? 12.142  14.450  -6.490  1.00 21.29 ? 23  LEU A N   1 
ATOM   181  C  CA  . LEU A 1 23  ? 12.047  13.695  -7.695  1.00 17.90 ? 23  LEU A CA  1 
ATOM   182  C  C   . LEU A 1 23  ? 13.308  13.812  -8.553  1.00 21.25 ? 23  LEU A C   1 
ATOM   183  O  O   . LEU A 1 23  ? 13.875  14.908  -8.763  1.00 21.94 ? 23  LEU A O   1 
ATOM   184  C  CB  . LEU A 1 23  ? 10.819  14.143  -8.520  1.00 17.11 ? 23  LEU A CB  1 
ATOM   185  C  CG  . LEU A 1 23  ? 9.483   14.029  -7.753  1.00 16.95 ? 23  LEU A CG  1 
ATOM   186  C  CD1 . LEU A 1 23  ? 8.354   14.706  -8.519  1.00 14.87 ? 23  LEU A CD1 1 
ATOM   187  C  CD2 . LEU A 1 23  ? 9.167   12.569  -7.391  1.00 16.24 ? 23  LEU A CD2 1 
ATOM   188  N  N   . GLY A 1 24  ? 13.754  12.665  -9.068  1.00 23.31 ? 24  GLY A N   1 
ATOM   189  C  CA  . GLY A 1 24  ? 14.850  12.623  -10.029 1.00 20.63 ? 24  GLY A CA  1 
ATOM   190  C  C   . GLY A 1 24  ? 16.144  12.596  -9.287  1.00 22.81 ? 24  GLY A C   1 
ATOM   191  O  O   . GLY A 1 24  ? 17.192  12.664  -9.901  1.00 25.52 ? 24  GLY A O   1 
ATOM   192  N  N   . SER A 1 25  ? 16.110  12.512  -7.963  1.00 23.24 ? 25  SER A N   1 
ATOM   193  C  CA  . SER A 1 25  ? 17.357  12.590  -7.230  1.00 23.30 ? 25  SER A CA  1 
ATOM   194  C  C   . SER A 1 25  ? 17.899  11.201  -6.915  1.00 23.94 ? 25  SER A C   1 
ATOM   195  O  O   . SER A 1 25  ? 17.105  10.239  -6.872  1.00 22.04 ? 25  SER A O   1 
ATOM   196  C  CB  . SER A 1 25  ? 17.188  13.406  -5.924  1.00 22.31 ? 25  SER A CB  1 
ATOM   197  O  OG  . SER A 1 25  ? 16.539  12.670  -4.883  1.00 23.16 ? 25  SER A OG  1 
ATOM   198  N  N   . ALA A 1 26  ? 19.215  11.118  -6.637  1.00 20.85 ? 26  ALA A N   1 
ATOM   199  C  CA  . ALA A 1 26  ? 19.893  9.875   -6.299  1.00 22.86 ? 26  ALA A CA  1 
ATOM   200  C  C   . ALA A 1 26  ? 19.404  9.365   -4.954  1.00 24.29 ? 26  ALA A C   1 
ATOM   201  O  O   . ALA A 1 26  ? 19.261  8.148   -4.772  1.00 25.43 ? 26  ALA A O   1 
ATOM   202  C  CB  . ALA A 1 26  ? 21.442  9.997   -6.329  1.00 21.71 ? 26  ALA A CB  1 
ATOM   203  N  N   . GLU A 1 27  ? 19.146  10.279  -4.021  1.00 25.65 ? 27  GLU A N   1 
ATOM   204  C  CA  . GLU A 1 27  ? 18.555  9.942   -2.716  1.00 26.38 ? 27  GLU A CA  1 
ATOM   205  C  C   . GLU A 1 27  ? 17.164  9.291   -2.807  1.00 26.02 ? 27  GLU A C   1 
ATOM   206  O  O   . GLU A 1 27  ? 16.858  8.391   -2.058  1.00 23.21 ? 27  GLU A O   1 
ATOM   207  C  CB  . GLU A 1 27  ? 18.389  11.167  -1.847  1.00 28.90 ? 27  GLU A CB  1 
ATOM   208  C  CG  . GLU A 1 27  ? 19.710  11.824  -1.457  1.00 36.62 ? 27  GLU A CG  1 
ATOM   209  C  CD  . GLU A 1 27  ? 20.308  12.721  -2.540  1.00 37.88 ? 27  GLU A CD  1 
ATOM   210  O  OE1 . GLU A 1 27  ? 19.826  12.809  -3.725  1.00 35.17 ? 27  GLU A OE1 1 
ATOM   211  O  OE2 . GLU A 1 27  ? 21.327  13.337  -2.178  1.00 47.39 ? 27  GLU A OE2 1 
ATOM   212  N  N   . LEU A 1 28  ? 16.320  9.807   -3.678  1.00 23.95 ? 28  LEU A N   1 
ATOM   213  C  CA  . LEU A 1 28  ? 15.030  9.240   -3.818  1.00 23.99 ? 28  LEU A CA  1 
ATOM   214  C  C   . LEU A 1 28  ? 15.145  7.860   -4.466  1.00 23.87 ? 28  LEU A C   1 
ATOM   215  O  O   . LEU A 1 28  ? 14.450  6.963   -4.014  1.00 25.67 ? 28  LEU A O   1 
ATOM   216  C  CB  . LEU A 1 28  ? 14.046  10.160  -4.570  1.00 20.19 ? 28  LEU A CB  1 
ATOM   217  C  CG  . LEU A 1 28  ? 12.647  9.542   -4.740  1.00 22.88 ? 28  LEU A CG  1 
ATOM   218  C  CD1 . LEU A 1 28  ? 11.919  9.433   -3.370  1.00 20.95 ? 28  LEU A CD1 1 
ATOM   219  C  CD2 . LEU A 1 28  ? 11.808  10.304  -5.752  1.00 21.39 ? 28  LEU A CD2 1 
ATOM   220  N  N   . HIS A 1 29  ? 15.964  7.703   -5.519  1.00 24.29 ? 29  HIS A N   1 
ATOM   221  C  CA  . HIS A 1 29  ? 16.133  6.370   -6.211  1.00 25.42 ? 29  HIS A CA  1 
ATOM   222  C  C   . HIS A 1 29  ? 16.619  5.357   -5.184  1.00 25.10 ? 29  HIS A C   1 
ATOM   223  O  O   . HIS A 1 29  ? 16.095  4.281   -5.116  1.00 19.93 ? 29  HIS A O   1 
ATOM   224  C  CB  . HIS A 1 29  ? 17.003  6.390   -7.513  1.00 27.95 ? 29  HIS A CB  1 
ATOM   225  C  CG  . HIS A 1 29  ? 16.343  7.124   -8.675  1.00 38.66 ? 29  HIS A CG  1 
ATOM   226  N  ND1 . HIS A 1 29  ? 15.516  6.502   -9.597  1.00 43.04 ? 29  HIS A ND1 1 
ATOM   227  C  CD2 . HIS A 1 29  ? 16.364  8.439   -9.041  1.00 38.17 ? 29  HIS A CD2 1 
ATOM   228  C  CE1 . HIS A 1 29  ? 15.102  7.383   -10.495 1.00 37.94 ? 29  HIS A CE1 1 
ATOM   229  N  NE2 . HIS A 1 29  ? 15.591  8.569   -10.171 1.00 35.11 ? 29  HIS A NE2 1 
ATOM   230  N  N   . ALA A 1 30  ? 17.541  5.776   -4.297  1.00 25.02 ? 30  ALA A N   1 
ATOM   231  C  CA  . ALA A 1 30  ? 18.094  4.893   -3.328  1.00 24.58 ? 30  ALA A CA  1 
ATOM   232  C  C   . ALA A 1 30  ? 16.963  4.428   -2.399  1.00 27.85 ? 30  ALA A C   1 
ATOM   233  O  O   . ALA A 1 30  ? 16.798  3.234   -2.186  1.00 25.01 ? 30  ALA A O   1 
ATOM   234  C  CB  . ALA A 1 30  ? 19.230  5.542   -2.555  1.00 22.15 ? 30  ALA A CB  1 
ATOM   235  N  N   . LEU A 1 31  ? 16.203  5.383   -1.853  1.00 26.08 ? 31  LEU A N   1 
ATOM   236  C  CA  . LEU A 1 31  ? 15.044  5.083   -1.023  1.00 22.68 ? 31  LEU A CA  1 
ATOM   237  C  C   . LEU A 1 31  ? 14.041  4.126   -1.723  1.00 22.61 ? 31  LEU A C   1 
ATOM   238  O  O   . LEU A 1 31  ? 13.614  3.127   -1.092  1.00 22.36 ? 31  LEU A O   1 
ATOM   239  C  CB  . LEU A 1 31  ? 14.352  6.381   -0.608  1.00 19.26 ? 31  LEU A CB  1 
ATOM   240  C  CG  . LEU A 1 31  ? 13.050  6.187   0.149   1.00 20.18 ? 31  LEU A CG  1 
ATOM   241  C  CD1 . LEU A 1 31  ? 13.221  5.356   1.439   1.00 19.04 ? 31  LEU A CD1 1 
ATOM   242  C  CD2 . LEU A 1 31  ? 12.429  7.530   0.520   1.00 18.95 ? 31  LEU A CD2 1 
ATOM   243  N  N   . VAL A 1 32  ? 13.639  4.395   -2.976  1.00 20.95 ? 32  VAL A N   1 
ATOM   244  C  CA  . VAL A 1 32  ? 12.682  3.462   -3.580  1.00 21.87 ? 32  VAL A CA  1 
ATOM   245  C  C   . VAL A 1 32  ? 13.272  2.081   -3.815  1.00 22.78 ? 32  VAL A C   1 
ATOM   246  O  O   . VAL A 1 32  ? 12.541  1.059   -3.738  1.00 22.98 ? 32  VAL A O   1 
ATOM   247  C  CB  . VAL A 1 32  ? 11.867  3.924   -4.846  1.00 23.20 ? 32  VAL A CB  1 
ATOM   248  C  CG1 . VAL A 1 32  ? 11.808  5.411   -5.052  1.00 26.53 ? 32  VAL A CG1 1 
ATOM   249  C  CG2 . VAL A 1 32  ? 12.211  3.167   -6.081  1.00 21.61 ? 32  VAL A CG2 1 
ATOM   250  N  N   . SER A 1 33  ? 14.561  2.044   -4.136  1.00 21.08 ? 33  SER A N   1 
ATOM   251  C  CA  . SER A 1 33  ? 15.310  0.795   -4.230  1.00 25.35 ? 33  SER A CA  1 
ATOM   252  C  C   . SER A 1 33  ? 15.155  -0.074  -2.970  1.00 26.38 ? 33  SER A C   1 
ATOM   253  O  O   . SER A 1 33  ? 14.769  -1.299  -3.015  1.00 23.08 ? 33  SER A O   1 
ATOM   254  C  CB  . SER A 1 33  ? 16.785  1.090   -4.453  1.00 26.40 ? 33  SER A CB  1 
ATOM   255  O  OG  . SER A 1 33  ? 17.217  0.353   -5.572  1.00 33.24 ? 33  SER A OG  1 
ATOM   256  N  N   . ASP A 1 34  ? 15.460  0.573   -1.857  1.00 23.58 ? 34  ASP A N   1 
ATOM   257  C  CA  . ASP A 1 34  ? 15.267  0.009   -0.541  1.00 25.62 ? 34  ASP A CA  1 
ATOM   258  C  C   . ASP A 1 34  ? 13.833  -0.452  -0.320  1.00 25.23 ? 34  ASP A C   1 
ATOM   259  O  O   . ASP A 1 34  ? 13.589  -1.497  0.295   1.00 24.58 ? 34  ASP A O   1 
ATOM   260  C  CB  . ASP A 1 34  ? 15.599  1.030   0.551   1.00 26.23 ? 34  ASP A CB  1 
ATOM   261  C  CG  . ASP A 1 34  ? 17.091  1.268   0.716   1.00 28.98 ? 34  ASP A CG  1 
ATOM   262  O  OD1 . ASP A 1 34  ? 17.910  0.657   0.027   1.00 29.19 ? 34  ASP A OD1 1 
ATOM   263  O  OD2 . ASP A 1 34  ? 17.440  2.069   1.602   1.00 30.76 ? 34  ASP A OD2 1 
ATOM   264  N  N   . MET A 1 35  ? 12.876  0.383   -0.704  1.00 25.21 ? 35  MET A N   1 
ATOM   265  C  CA  . MET A 1 35  ? 11.487  0.005   -0.538  1.00 20.90 ? 35  MET A CA  1 
ATOM   266  C  C   . MET A 1 35  ? 11.090  -1.280  -1.316  1.00 19.35 ? 35  MET A C   1 
ATOM   267  O  O   . MET A 1 35  ? 10.355  -2.109  -0.797  1.00 19.23 ? 35  MET A O   1 
ATOM   268  C  CB  . MET A 1 35  ? 10.580  1.175   -0.885  1.00 20.28 ? 35  MET A CB  1 
ATOM   269  C  CG  . MET A 1 35  ? 10.604  2.231   0.201   1.00 19.31 ? 35  MET A CG  1 
ATOM   270  S  SD  . MET A 1 35  ? 9.588   3.634   -0.217  1.00 23.01 ? 35  MET A SD  1 
ATOM   271  C  CE  . MET A 1 35  ? 7.904   3.010   0.031   1.00 20.03 ? 35  MET A CE  1 
ATOM   272  N  N   . PHE A 1 36  ? 11.533  -1.402  -2.560  1.00 19.65 ? 36  PHE A N   1 
ATOM   273  C  CA  . PHE A 1 36  ? 11.234  -2.567  -3.370  1.00 21.67 ? 36  PHE A CA  1 
ATOM   274  C  C   . PHE A 1 36  ? 11.893  -3.798  -2.745  1.00 22.96 ? 36  PHE A C   1 
ATOM   275  O  O   . PHE A 1 36  ? 11.266  -4.869  -2.694  1.00 21.22 ? 36  PHE A O   1 
ATOM   276  C  CB  . PHE A 1 36  ? 11.710  -2.428  -4.813  1.00 22.58 ? 36  PHE A CB  1 
ATOM   277  C  CG  . PHE A 1 36  ? 10.729  -1.699  -5.699  1.00 22.40 ? 36  PHE A CG  1 
ATOM   278  C  CD1 . PHE A 1 36  ? 9.447   -2.230  -5.923  1.00 21.61 ? 36  PHE A CD1 1 
ATOM   279  C  CD2 . PHE A 1 36  ? 11.066  -0.485  -6.294  1.00 19.64 ? 36  PHE A CD2 1 
ATOM   280  C  CE1 . PHE A 1 36  ? 8.505   -1.547  -6.691  1.00 21.88 ? 36  PHE A CE1 1 
ATOM   281  C  CE2 . PHE A 1 36  ? 10.140  0.170   -7.117  1.00 21.37 ? 36  PHE A CE2 1 
ATOM   282  C  CZ  . PHE A 1 36  ? 8.864   -0.341  -7.299  1.00 21.85 ? 36  PHE A CZ  1 
ATOM   283  N  N   . GLU A 1 37  ? 13.134  -3.618  -2.262  1.00 22.20 ? 37  GLU A N   1 
ATOM   284  C  CA  . GLU A 1 37  ? 13.869  -4.652  -1.643  1.00 22.92 ? 37  GLU A CA  1 
ATOM   285  C  C   . GLU A 1 37  ? 13.185  -5.111  -0.377  1.00 24.12 ? 37  GLU A C   1 
ATOM   286  O  O   . GLU A 1 37  ? 13.052  -6.352  -0.136  1.00 23.61 ? 37  GLU A O   1 
ATOM   287  C  CB  . GLU A 1 37  ? 15.288  -4.239  -1.308  1.00 25.44 ? 37  GLU A CB  1 
ATOM   288  C  CG  . GLU A 1 37  ? 16.132  -5.480  -1.163  1.00 27.45 ? 37  GLU A CG  1 
ATOM   289  C  CD  . GLU A 1 37  ? 17.589  -5.216  -0.900  1.00 30.06 ? 37  GLU A CD  1 
ATOM   290  O  OE1 . GLU A 1 37  ? 18.010  -4.028  -0.959  1.00 29.16 ? 37  GLU A OE1 1 
ATOM   291  O  OE2 . GLU A 1 37  ? 18.312  -6.214  -0.670  1.00 34.28 ? 37  GLU A OE2 1 
ATOM   292  N  N   . THR A 1 38  ? 12.804  -4.138  0.448   1.00 18.71 ? 38  THR A N   1 
ATOM   293  C  CA  . THR A 1 38  ? 12.120  -4.420  1.684   1.00 18.33 ? 38  THR A CA  1 
ATOM   294  C  C   . THR A 1 38  ? 10.759  -5.082  1.417   1.00 21.98 ? 38  THR A C   1 
ATOM   295  O  O   . THR A 1 38  ? 10.427  -6.033  2.108   1.00 24.42 ? 38  THR A O   1 
ATOM   296  C  CB  . THR A 1 38  ? 11.889  -3.157  2.483   1.00 18.22 ? 38  THR A CB  1 
ATOM   297  O  OG1 . THR A 1 38  ? 13.187  -2.520  2.728   1.00 20.11 ? 38  THR A OG1 1 
ATOM   298  C  CG2 . THR A 1 38  ? 11.197  -3.518  3.801   1.00 19.31 ? 38  THR A CG2 1 
ATOM   299  N  N   . MET A 1 39  ? 9.978   -4.557  0.462   1.00 19.75 ? 39  MET A N   1 
ATOM   300  C  CA  . MET A 1 39  ? 8.682   -5.120  0.144   1.00 23.99 ? 39  MET A CA  1 
ATOM   301  C  C   . MET A 1 39  ? 8.831   -6.595  -0.294  1.00 23.41 ? 39  MET A C   1 
ATOM   302  O  O   . MET A 1 39  ? 8.052   -7.422  0.123   1.00 22.37 ? 39  MET A O   1 
ATOM   303  C  CB  . MET A 1 39  ? 7.950   -4.308  -0.929  1.00 22.17 ? 39  MET A CB  1 
ATOM   304  C  CG  . MET A 1 39  ? 6.652   -4.993  -1.339  1.00 21.43 ? 39  MET A CG  1 
ATOM   305  S  SD  . MET A 1 39  ? 5.762   -4.018  -2.564  1.00 24.11 ? 39  MET A SD  1 
ATOM   306  C  CE  . MET A 1 39  ? 6.220   -4.713  -4.134  1.00 18.34 ? 39  MET A CE  1 
ATOM   307  N  N   . GLY A 1 40  ? 9.893   -6.873  -1.064  1.00 22.77 ? 40  GLY A N   1 
ATOM   308  C  CA  . GLY A 1 40  ? 10.275  -8.213  -1.502  1.00 23.72 ? 40  GLY A CA  1 
ATOM   309  C  C   . GLY A 1 40  ? 10.602  -9.170  -0.363  1.00 24.35 ? 40  GLY A C   1 
ATOM   310  O  O   . GLY A 1 40  ? 10.103  -10.297 -0.324  1.00 23.34 ? 40  GLY A O   1 
ATOM   311  N  N   . ALA A 1 41  ? 11.427  -8.731  0.571   1.00 24.28 ? 41  ALA A N   1 
ATOM   312  C  CA  . ALA A 1 41  ? 11.865  -9.618  1.622   1.00 24.60 ? 41  ALA A CA  1 
ATOM   313  C  C   . ALA A 1 41  ? 10.651  -9.982  2.482   1.00 26.36 ? 41  ALA A C   1 
ATOM   314  O  O   . ALA A 1 41  ? 10.629  -11.029 3.135   1.00 29.06 ? 41  ALA A O   1 
ATOM   315  C  CB  . ALA A 1 41  ? 12.919  -8.962  2.468   1.00 21.60 ? 41  ALA A CB  1 
ATOM   316  N  N   . ALA A 1 42  ? 9.649   -9.117  2.513   1.00 26.41 ? 42  ALA A N   1 
ATOM   317  C  CA  . ALA A 1 42  ? 8.567   -9.374  3.451   1.00 24.87 ? 42  ALA A CA  1 
ATOM   318  C  C   . ALA A 1 42  ? 7.359   -9.937  2.698   1.00 23.81 ? 42  ALA A C   1 
ATOM   319  O  O   . ALA A 1 42  ? 6.323   -10.108 3.273   1.00 25.11 ? 42  ALA A O   1 
ATOM   320  C  CB  . ALA A 1 42  ? 8.226   -8.111  4.256   1.00 25.62 ? 42  ALA A CB  1 
ATOM   321  N  N   . HIS A 1 43  ? 7.522   -10.219 1.408   1.00 23.14 ? 43  HIS A N   1 
ATOM   322  C  CA  . HIS A 1 43  ? 6.480   -10.768 0.584   1.00 24.82 ? 43  HIS A CA  1 
ATOM   323  C  C   . HIS A 1 43  ? 5.284   -9.809  0.597   1.00 26.72 ? 43  HIS A C   1 
ATOM   324  O  O   . HIS A 1 43  ? 4.139   -10.250 0.665   1.00 23.72 ? 43  HIS A O   1 
ATOM   325  C  CB  . HIS A 1 43  ? 6.115   -12.198 1.035   1.00 26.52 ? 43  HIS A CB  1 
ATOM   326  C  CG  . HIS A 1 43  ? 7.286   -13.161 1.033   1.00 33.87 ? 43  HIS A CG  1 
ATOM   327  N  ND1 . HIS A 1 43  ? 7.185   -14.464 0.580   1.00 34.32 ? 43  HIS A ND1 1 
ATOM   328  C  CD2 . HIS A 1 43  ? 8.575   -13.009 1.436   1.00 33.75 ? 43  HIS A CD2 1 
ATOM   329  C  CE1 . HIS A 1 43  ? 8.361   -15.061 0.679   1.00 34.99 ? 43  HIS A CE1 1 
ATOM   330  N  NE2 . HIS A 1 43  ? 9.220   -14.201 1.190   1.00 34.38 ? 43  HIS A NE2 1 
ATOM   331  N  N   . GLY A 1 44  ? 5.546   -8.482  0.572   1.00 25.39 ? 44  GLY A N   1 
ATOM   332  C  CA  . GLY A 1 44  ? 4.454   -7.534  0.379   1.00 23.43 ? 44  GLY A CA  1 
ATOM   333  C  C   . GLY A 1 44  ? 3.975   -7.439  -1.064  1.00 23.19 ? 44  GLY A C   1 
ATOM   334  O  O   . GLY A 1 44  ? 4.730   -7.777  -1.988  1.00 21.21 ? 44  GLY A O   1 
ATOM   335  N  N   . VAL A 1 45  ? 2.767   -6.907  -1.271  1.00 20.94 ? 45  VAL A N   1 
ATOM   336  C  CA  . VAL A 1 45  ? 2.373   -6.489  -2.622  1.00 21.16 ? 45  VAL A CA  1 
ATOM   337  C  C   . VAL A 1 45  ? 2.312   -4.962  -2.719  1.00 22.11 ? 45  VAL A C   1 
ATOM   338  O  O   . VAL A 1 45  ? 2.077   -4.405  -3.760  1.00 24.28 ? 45  VAL A O   1 
ATOM   339  C  CB  . VAL A 1 45  ? 1.011   -7.115  -3.056  1.00 21.49 ? 45  VAL A CB  1 
ATOM   340  C  CG1 . VAL A 1 45  ? 1.170   -8.644  -3.264  1.00 22.01 ? 45  VAL A CG1 1 
ATOM   341  C  CG2 . VAL A 1 45  ? -0.055  -6.758  -2.027  1.00 19.62 ? 45  VAL A CG2 1 
ATOM   342  N  N   . GLY A 1 46  ? 2.514   -4.288  -1.605  1.00 23.01 ? 46  GLY A N   1 
ATOM   343  C  CA  . GLY A 1 46  ? 2.649   -2.843  -1.587  1.00 19.67 ? 46  GLY A CA  1 
ATOM   344  C  C   . GLY A 1 46  ? 3.456   -2.528  -0.342  1.00 18.36 ? 46  GLY A C   1 
ATOM   345  O  O   . GLY A 1 46  ? 3.582   -3.385  0.557   1.00 16.76 ? 46  GLY A O   1 
ATOM   346  N  N   . LEU A 1 47  ? 3.974   -1.307  -0.251  1.00 18.40 ? 47  LEU A N   1 
ATOM   347  C  CA  . LEU A 1 47  ? 4.635   -0.853  0.983   1.00 18.32 ? 47  LEU A CA  1 
ATOM   348  C  C   . LEU A 1 47  ? 4.685   0.644   0.953   1.00 21.10 ? 47  LEU A C   1 
ATOM   349  O  O   . LEU A 1 47  ? 5.019   1.253   -0.091  1.00 22.32 ? 47  LEU A O   1 
ATOM   350  C  CB  . LEU A 1 47  ? 6.056   -1.421  1.075   1.00 18.91 ? 47  LEU A CB  1 
ATOM   351  C  CG  . LEU A 1 47  ? 6.940   -0.944  2.257   1.00 21.17 ? 47  LEU A CG  1 
ATOM   352  C  CD1 . LEU A 1 47  ? 6.581   -1.733  3.510   1.00 22.05 ? 47  LEU A CD1 1 
ATOM   353  C  CD2 . LEU A 1 47  ? 8.434   -1.137  1.933   1.00 19.20 ? 47  LEU A CD2 1 
ATOM   354  N  N   . ALA A 1 48  ? 4.425   1.254   2.110   1.00 20.72 ? 48  ALA A N   1 
ATOM   355  C  CA  . ALA A 1 48  ? 4.281   2.675   2.137   1.00 20.53 ? 48  ALA A CA  1 
ATOM   356  C  C   . ALA A 1 48  ? 5.417   3.220   2.936   1.00 18.73 ? 48  ALA A C   1 
ATOM   357  O  O   . ALA A 1 48  ? 5.798   2.647   3.949   1.00 17.86 ? 48  ALA A O   1 
ATOM   358  C  CB  . ALA A 1 48  ? 2.913   3.045   2.730   1.00 23.44 ? 48  ALA A CB  1 
ATOM   359  N  N   . ALA A 1 49  ? 6.039   4.292   2.435   1.00 19.96 ? 49  ALA A N   1 
ATOM   360  C  CA  . ALA A 1 49  ? 7.212   4.877   3.143   1.00 18.08 ? 49  ALA A CA  1 
ATOM   361  C  C   . ALA A 1 49  ? 7.042   4.972   4.659   1.00 17.27 ? 49  ALA A C   1 
ATOM   362  O  O   . ALA A 1 49  ? 7.986   4.688   5.387   1.00 20.76 ? 49  ALA A O   1 
ATOM   363  C  CB  . ALA A 1 49  ? 7.608   6.231   2.534   1.00 16.81 ? 49  ALA A CB  1 
ATOM   364  N  N   . PRO A 1 50  ? 5.841   5.337   5.176   1.00 16.64 ? 50  PRO A N   1 
ATOM   365  C  CA  . PRO A 1 50  ? 5.759   5.420   6.632   1.00 17.93 ? 50  PRO A CA  1 
ATOM   366  C  C   . PRO A 1 50  ? 6.027   4.112   7.382   1.00 20.07 ? 50  PRO A C   1 
ATOM   367  O  O   . PRO A 1 50  ? 6.472   4.152   8.555   1.00 17.57 ? 50  PRO A O   1 
ATOM   368  C  CB  . PRO A 1 50  ? 4.306   5.880   6.866   1.00 17.89 ? 50  PRO A CB  1 
ATOM   369  C  CG  . PRO A 1 50  ? 4.057   6.774   5.671   1.00 16.30 ? 50  PRO A CG  1 
ATOM   370  C  CD  . PRO A 1 50  ? 4.696   6.023   4.543   1.00 16.80 ? 50  PRO A CD  1 
ATOM   371  N  N   . GLN A 1 51  ? 5.799   2.970   6.709   1.00 19.85 ? 51  GLN A N   1 
ATOM   372  C  CA  . GLN A 1 51  ? 6.020   1.678   7.350   1.00 21.21 ? 51  GLN A CA  1 
ATOM   373  C  C   . GLN A 1 51  ? 7.470   1.455   7.621   1.00 20.63 ? 51  GLN A C   1 
ATOM   374  O  O   . GLN A 1 51  ? 7.815   0.589   8.433   1.00 26.44 ? 51  GLN A O   1 
ATOM   375  C  CB  . GLN A 1 51  ? 5.481   0.510   6.484   1.00 19.32 ? 51  GLN A CB  1 
ATOM   376  C  CG  . GLN A 1 51  ? 3.990   0.612   6.288   1.00 19.94 ? 51  GLN A CG  1 
ATOM   377  C  CD  . GLN A 1 51  ? 3.450   -0.589  5.562   1.00 23.32 ? 51  GLN A CD  1 
ATOM   378  O  OE1 . GLN A 1 51  ? 3.324   -0.577  4.332   1.00 24.01 ? 51  GLN A OE1 1 
ATOM   379  N  NE2 . GLN A 1 51  ? 3.173   -1.658  6.312   1.00 23.19 ? 51  GLN A NE2 1 
ATOM   380  N  N   . ILE A 1 52  ? 8.339   2.144   6.889   1.00 20.12 ? 52  ILE A N   1 
ATOM   381  C  CA  . ILE A 1 52  ? 9.749   2.022   7.195   1.00 19.33 ? 52  ILE A CA  1 
ATOM   382  C  C   . ILE A 1 52  ? 10.182  3.310   7.898   1.00 20.80 ? 52  ILE A C   1 
ATOM   383  O  O   . ILE A 1 52  ? 11.318  3.712   7.769   1.00 21.92 ? 52  ILE A O   1 
ATOM   384  C  CB  . ILE A 1 52  ? 10.626  1.697   5.957   1.00 18.55 ? 52  ILE A CB  1 
ATOM   385  C  CG1 . ILE A 1 52  ? 10.432  2.754   4.850   1.00 19.18 ? 52  ILE A CG1 1 
ATOM   386  C  CG2 . ILE A 1 52  ? 10.364  0.266   5.475   1.00 18.32 ? 52  ILE A CG2 1 
ATOM   387  C  CD1 . ILE A 1 52  ? 11.531  2.732   3.783   1.00 18.22 ? 52  ILE A CD1 1 
ATOM   388  N  N   . ALA A 1 53  ? 9.261   3.956   8.617   1.00 19.69 ? 53  ALA A N   1 
ATOM   389  C  CA  . ALA A 1 53  ? 9.550   5.225   9.369   1.00 23.11 ? 53  ALA A CA  1 
ATOM   390  C  C   . ALA A 1 53  ? 10.062  6.376   8.490   1.00 23.25 ? 53  ALA A C   1 
ATOM   391  O  O   . ALA A 1 53  ? 10.785  7.255   8.982   1.00 23.88 ? 53  ALA A O   1 
ATOM   392  C  CB  . ALA A 1 53  ? 10.497  5.033   10.582  1.00 18.50 ? 53  ALA A CB  1 
ATOM   393  N  N   . VAL A 1 54  ? 9.720   6.396   7.211   1.00 23.43 ? 54  VAL A N   1 
ATOM   394  C  CA  . VAL A 1 54  ? 10.119  7.564   6.469   1.00 24.53 ? 54  VAL A CA  1 
ATOM   395  C  C   . VAL A 1 54  ? 8.839   8.293   6.114   1.00 25.07 ? 54  VAL A C   1 
ATOM   396  O  O   . VAL A 1 54  ? 7.898   7.782   5.420   1.00 22.08 ? 54  VAL A O   1 
ATOM   397  C  CB  . VAL A 1 54  ? 11.195  7.336   5.334   1.00 26.26 ? 54  VAL A CB  1 
ATOM   398  C  CG1 . VAL A 1 54  ? 11.876  5.944   5.360   1.00 24.76 ? 54  VAL A CG1 1 
ATOM   399  C  CG2 . VAL A 1 54  ? 10.644  7.636   3.974   1.00 24.08 ? 54  VAL A CG2 1 
ATOM   400  N  N   . ASP A 1 55  ? 8.797   9.464   6.700   1.00 22.13 ? 55  ASP A N   1 
ATOM   401  C  CA  . ASP A 1 55  ? 7.660   10.351  6.658   1.00 24.02 ? 55  ASP A CA  1 
ATOM   402  C  C   . ASP A 1 55  ? 7.524   11.028  5.299   1.00 24.09 ? 55  ASP A C   1 
ATOM   403  O  O   . ASP A 1 55  ? 7.841   12.240  5.160   1.00 23.91 ? 55  ASP A O   1 
ATOM   404  C  CB  . ASP A 1 55  ? 7.837   11.409  7.778   1.00 23.84 ? 55  ASP A CB  1 
ATOM   405  C  CG  . ASP A 1 55  ? 6.538   12.150  8.088   1.00 26.19 ? 55  ASP A CG  1 
ATOM   406  O  OD1 . ASP A 1 55  ? 5.435   11.670  7.707   1.00 27.49 ? 55  ASP A OD1 1 
ATOM   407  O  OD2 . ASP A 1 55  ? 6.608   13.260  8.669   1.00 30.16 ? 55  ASP A OD2 1 
ATOM   408  N  N   . LEU A 1 56  ? 7.066   10.265  4.290   1.00 23.31 ? 56  LEU A N   1 
ATOM   409  C  CA  . LEU A 1 56  ? 6.941   10.784  2.909   1.00 20.78 ? 56  LEU A CA  1 
ATOM   410  C  C   . LEU A 1 56  ? 5.770   10.201  2.172   1.00 21.08 ? 56  LEU A C   1 
ATOM   411  O  O   . LEU A 1 56  ? 5.386   9.003   2.380   1.00 23.21 ? 56  LEU A O   1 
ATOM   412  C  CB  . LEU A 1 56  ? 8.200   10.461  2.101   1.00 22.69 ? 56  LEU A CB  1 
ATOM   413  C  CG  . LEU A 1 56  ? 9.505   11.293  2.316   1.00 25.08 ? 56  LEU A CG  1 
ATOM   414  C  CD1 . LEU A 1 56  ? 10.642  10.757  1.409   1.00 19.75 ? 56  LEU A CD1 1 
ATOM   415  C  CD2 . LEU A 1 56  ? 9.312   12.824  2.211   1.00 20.42 ? 56  LEU A CD2 1 
ATOM   416  N  N   . GLN A 1 57  ? 5.184   11.007  1.302   1.00 18.98 ? 57  GLN A N   1 
ATOM   417  C  CA  . GLN A 1 57  ? 4.116   10.512  0.403   1.00 19.90 ? 57  GLN A CA  1 
ATOM   418  C  C   . GLN A 1 57  ? 4.714   9.640   -0.710  1.00 18.52 ? 57  GLN A C   1 
ATOM   419  O  O   . GLN A 1 57  ? 4.851   10.056  -1.883  1.00 18.88 ? 57  GLN A O   1 
ATOM   420  C  CB  . GLN A 1 57  ? 3.306   11.685  -0.175  1.00 19.32 ? 57  GLN A CB  1 
ATOM   421  C  CG  . GLN A 1 57  ? 2.512   12.460  0.888   1.00 17.41 ? 57  GLN A CG  1 
ATOM   422  C  CD  . GLN A 1 57  ? 1.777   13.591  0.260   1.00 19.46 ? 57  GLN A CD  1 
ATOM   423  O  OE1 . GLN A 1 57  ? 1.445   13.537  -0.913  1.00 21.81 ? 57  GLN A OE1 1 
ATOM   424  N  NE2 . GLN A 1 57  ? 1.506   14.627  1.018   1.00 22.56 ? 57  GLN A NE2 1 
ATOM   425  N  N   . LEU A 1 58  ? 5.073   8.430   -0.337  1.00 16.29 ? 58  LEU A N   1 
ATOM   426  C  CA  . LEU A 1 58  ? 5.643   7.526   -1.324  1.00 17.70 ? 58  LEU A CA  1 
ATOM   427  C  C   . LEU A 1 58  ? 5.234   6.084   -1.034  1.00 17.84 ? 58  LEU A C   1 
ATOM   428  O  O   . LEU A 1 58  ? 5.216   5.640   0.144   1.00 18.50 ? 58  LEU A O   1 
ATOM   429  C  CB  . LEU A 1 58  ? 7.176   7.593   -1.198  1.00 15.21 ? 58  LEU A CB  1 
ATOM   430  C  CG  . LEU A 1 58  ? 8.194   6.722   -1.898  1.00 14.86 ? 58  LEU A CG  1 
ATOM   431  C  CD1 . LEU A 1 58  ? 8.046   7.019   -3.394  1.00 15.08 ? 58  LEU A CD1 1 
ATOM   432  C  CD2 . LEU A 1 58  ? 9.606   7.146   -1.378  1.00 14.94 ? 58  LEU A CD2 1 
ATOM   433  N  N   . MET A 1 59  ? 5.064   5.320   -2.108  1.00 19.62 ? 59  MET A N   1 
ATOM   434  C  CA  . MET A 1 59  ? 4.554   3.929   -1.982  1.00 19.54 ? 59  MET A CA  1 
ATOM   435  C  C   . MET A 1 59  ? 5.106   3.076   -3.138  1.00 17.49 ? 59  MET A C   1 
ATOM   436  O  O   . MET A 1 59  ? 5.398   3.595   -4.229  1.00 18.71 ? 59  MET A O   1 
ATOM   437  C  CB  . MET A 1 59  ? 3.024   3.949   -2.016  1.00 22.37 ? 59  MET A CB  1 
ATOM   438  C  CG  . MET A 1 59  ? 2.423   4.160   -3.416  1.00 18.51 ? 59  MET A CG  1 
ATOM   439  S  SD  . MET A 1 59  ? 0.615   4.025   -3.542  1.00 22.50 ? 59  MET A SD  1 
ATOM   440  C  CE  . MET A 1 59  ? 0.120   5.240   -2.326  1.00 20.10 ? 59  MET A CE  1 
ATOM   441  N  N   . VAL A 1 60  ? 5.393   1.815   -2.895  1.00 16.25 ? 60  VAL A N   1 
ATOM   442  C  CA  . VAL A 1 60  ? 5.731   0.986   -4.038  1.00 16.75 ? 60  VAL A CA  1 
ATOM   443  C  C   . VAL A 1 60  ? 4.725   -0.159  -4.040  1.00 16.57 ? 60  VAL A C   1 
ATOM   444  O  O   . VAL A 1 60  ? 4.136   -0.479  -3.014  1.00 15.83 ? 60  VAL A O   1 
ATOM   445  C  CB  . VAL A 1 60  ? 7.157   0.414   -3.942  1.00 16.54 ? 60  VAL A CB  1 
ATOM   446  C  CG1 . VAL A 1 60  ? 8.270   1.499   -4.015  1.00 16.70 ? 60  VAL A CG1 1 
ATOM   447  C  CG2 . VAL A 1 60  ? 7.279   -0.424  -2.686  1.00 16.85 ? 60  VAL A CG2 1 
ATOM   448  N  N   . PHE A 1 61  ? 4.532   -0.791  -5.168  1.00 17.59 ? 61  PHE A N   1 
ATOM   449  C  CA  . PHE A 1 61  ? 3.596   -1.922  -5.191  1.00 20.40 ? 61  PHE A CA  1 
ATOM   450  C  C   . PHE A 1 61  ? 3.759   -2.651  -6.491  1.00 21.67 ? 61  PHE A C   1 
ATOM   451  O  O   . PHE A 1 61  ? 4.379   -2.114  -7.414  1.00 22.38 ? 61  PHE A O   1 
ATOM   452  C  CB  . PHE A 1 61  ? 2.109   -1.437  -5.022  1.00 18.61 ? 61  PHE A CB  1 
ATOM   453  C  CG  . PHE A 1 61  ? 1.679   -0.319  -5.993  1.00 18.57 ? 61  PHE A CG  1 
ATOM   454  C  CD1 . PHE A 1 61  ? 1.819   1.057   -5.637  1.00 18.60 ? 61  PHE A CD1 1 
ATOM   455  C  CD2 . PHE A 1 61  ? 1.067   -0.626  -7.202  1.00 18.69 ? 61  PHE A CD2 1 
ATOM   456  C  CE1 . PHE A 1 61  ? 1.395   2.064   -6.514  1.00 17.26 ? 61  PHE A CE1 1 
ATOM   457  C  CE2 . PHE A 1 61  ? 0.628   0.362   -8.065  1.00 19.42 ? 61  PHE A CE2 1 
ATOM   458  C  CZ  . PHE A 1 61  ? 0.793   1.712   -7.719  1.00 18.46 ? 61  PHE A CZ  1 
ATOM   459  N  N   . GLY A 1 62  ? 3.121   -3.822  -6.591  1.00 22.73 ? 62  GLY A N   1 
ATOM   460  C  CA  . GLY A 1 62  ? 3.061   -4.559  -7.816  1.00 23.49 ? 62  GLY A CA  1 
ATOM   461  C  C   . GLY A 1 62  ? 3.585   -5.970  -7.642  1.00 29.05 ? 62  GLY A C   1 
ATOM   462  O  O   . GLY A 1 62  ? 4.242   -6.298  -6.641  1.00 26.20 ? 62  GLY A O   1 
ATOM   463  N  N   . PHE A 1 63  ? 3.252   -6.829  -8.610  1.00 30.32 ? 63  PHE A N   1 
ATOM   464  C  CA  . PHE A 1 63  ? 3.839   -8.169  -8.679  1.00 33.93 ? 63  PHE A CA  1 
ATOM   465  C  C   . PHE A 1 63  ? 3.477   -8.778  -10.011 1.00 35.15 ? 63  PHE A C   1 
ATOM   466  O  O   . PHE A 1 63  ? 2.407   -8.499  -10.570 1.00 34.29 ? 63  PHE A O   1 
ATOM   467  C  CB  . PHE A 1 63  ? 3.228   -9.041  -7.584  1.00 34.57 ? 63  PHE A CB  1 
ATOM   468  C  CG  . PHE A 1 63  ? 1.742   -8.943  -7.553  1.00 39.82 ? 63  PHE A CG  1 
ATOM   469  C  CD1 . PHE A 1 63  ? 0.949   -9.882  -8.227  1.00 40.17 ? 63  PHE A CD1 1 
ATOM   470  C  CD2 . PHE A 1 63  ? 1.124   -7.848  -6.940  1.00 37.37 ? 63  PHE A CD2 1 
ATOM   471  C  CE1 . PHE A 1 63  ? -0.430  -9.776  -8.233  1.00 39.19 ? 63  PHE A CE1 1 
ATOM   472  C  CE2 . PHE A 1 63  ? -0.259  -7.732  -6.945  1.00 39.78 ? 63  PHE A CE2 1 
ATOM   473  C  CZ  . PHE A 1 63  ? -1.033  -8.697  -7.593  1.00 39.66 ? 63  PHE A CZ  1 
ATOM   474  N  N   . GLU A 1 64  ? 4.341   -9.651  -10.495 1.00 40.59 ? 64  GLU A N   1 
ATOM   475  C  CA  . GLU A 1 64  ? 3.971   -10.562 -11.584 1.00 45.61 ? 64  GLU A CA  1 
ATOM   476  C  C   . GLU A 1 64  ? 2.890   -11.517 -11.097 1.00 44.96 ? 64  GLU A C   1 
ATOM   477  O  O   . GLU A 1 64  ? 1.829   -11.614 -11.697 1.00 48.07 ? 64  GLU A O   1 
ATOM   478  C  CB  . GLU A 1 64  ? 5.178   -11.355 -12.016 1.00 53.68 ? 64  GLU A CB  1 
ATOM   479  C  CG  . GLU A 1 64  ? 5.158   -11.690 -13.486 1.00 66.12 ? 64  GLU A CG  1 
ATOM   480  C  CD  . GLU A 1 64  ? 6.557   -11.684 -14.041 1.00 66.61 ? 64  GLU A CD  1 
ATOM   481  O  OE1 . GLU A 1 64  ? 7.304   -12.647 -13.768 1.00 62.59 ? 64  GLU A OE1 1 
ATOM   482  O  OE2 . GLU A 1 64  ? 6.906   -10.698 -14.725 1.00 70.30 ? 64  GLU A OE2 1 
ATOM   483  N  N   . ALA A 1 65  ? 3.181   -12.186 -9.986  1.00 51.00 ? 65  ALA A N   1 
ATOM   484  C  CA  . ALA A 1 65  ? 2.299   -13.167 -9.337  1.00 53.45 ? 65  ALA A CA  1 
ATOM   485  C  C   . ALA A 1 65  ? 2.369   -13.052 -7.793  1.00 55.75 ? 65  ALA A C   1 
ATOM   486  O  O   . ALA A 1 65  ? 3.451   -12.770 -7.210  1.00 53.94 ? 65  ALA A O   1 
ATOM   487  C  CB  . ALA A 1 65  ? 2.686   -14.571 -9.756  1.00 48.45 ? 65  ALA A CB  1 
ATOM   488  N  N   . SER A 1 66  ? 1.213   -13.286 -7.158  1.00 58.71 ? 66  SER A N   1 
ATOM   489  C  CA  . SER A 1 66  ? 1.069   -13.355 -5.692  1.00 58.84 ? 66  SER A CA  1 
ATOM   490  C  C   . SER A 1 66  ? 0.811   -14.803 -5.199  1.00 64.53 ? 66  SER A C   1 
ATOM   491  O  O   . SER A 1 66  ? -0.055  -15.502 -5.752  1.00 71.35 ? 66  SER A O   1 
ATOM   492  C  CB  . SER A 1 66  ? -0.054  -12.404 -5.236  1.00 52.43 ? 66  SER A CB  1 
ATOM   493  O  OG  . SER A 1 66  ? -0.048  -12.225 -3.820  1.00 52.10 ? 66  SER A OG  1 
ATOM   494  N  N   . GLU A 1 67  ? 1.579   -15.265 -4.201  1.00 61.55 ? 67  GLU A N   1 
ATOM   495  C  CA  . GLU A 1 67  ? 1.268   -16.526 -3.500  1.00 62.61 ? 67  GLU A CA  1 
ATOM   496  C  C   . GLU A 1 67  ? 0.007   -16.278 -2.622  1.00 66.07 ? 67  GLU A C   1 
ATOM   497  O  O   . GLU A 1 67  ? -1.020  -16.957 -2.793  1.00 69.71 ? 67  GLU A O   1 
ATOM   498  C  CB  . GLU A 1 67  ? 2.489   -17.058 -2.695  1.00 62.40 ? 67  GLU A CB  1 
ATOM   499  C  CG  . GLU A 1 67  ? 2.330   -17.095 -1.161  1.00 79.41 ? 67  GLU A CG  1 
ATOM   500  C  CD  . GLU A 1 67  ? 3.638   -16.905 -0.373  1.00 92.28 ? 67  GLU A CD  1 
ATOM   501  O  OE1 . GLU A 1 67  ? 4.673   -17.479 -0.795  1.00 99.11 ? 67  GLU A OE1 1 
ATOM   502  O  OE2 . GLU A 1 67  ? 3.635   -16.190 0.678   1.00 81.61 ? 67  GLU A OE2 1 
ATOM   503  N  N   . ARG A 1 68  ? 0.100   -15.274 -1.732  1.00 61.71 ? 68  ARG A N   1 
ATOM   504  C  CA  . ARG A 1 68  ? -0.997  -14.721 -0.923  1.00 61.27 ? 68  ARG A CA  1 
ATOM   505  C  C   . ARG A 1 68  ? -2.326  -14.519 -1.650  1.00 63.32 ? 68  ARG A C   1 
ATOM   506  O  O   . ARG A 1 68  ? -3.359  -14.928 -1.136  1.00 75.49 ? 68  ARG A O   1 
ATOM   507  C  CB  . ARG A 1 68  ? -0.562  -13.407 -0.273  1.00 59.73 ? 68  ARG A CB  1 
ATOM   508  C  CG  . ARG A 1 68  ? 0.314   -13.637 0.935   1.00 62.96 ? 68  ARG A CG  1 
ATOM   509  C  CD  . ARG A 1 68  ? 1.220   -12.460 1.269   1.00 68.18 ? 68  ARG A CD  1 
ATOM   510  N  NE  . ARG A 1 68  ? 1.944   -12.768 2.506   1.00 69.10 ? 68  ARG A NE  1 
ATOM   511  C  CZ  . ARG A 1 68  ? 2.671   -11.909 3.218   1.00 65.20 ? 68  ARG A CZ  1 
ATOM   512  N  NH1 . ARG A 1 68  ? 2.803   -10.657 2.822   1.00 72.78 ? 68  ARG A NH1 1 
ATOM   513  N  NH2 . ARG A 1 68  ? 3.278   -12.305 4.330   1.00 62.95 ? 68  ARG A NH2 1 
ATOM   514  N  N   . TYR A 1 69  ? -2.313  -13.898 -2.829  1.00 58.27 ? 69  TYR A N   1 
ATOM   515  C  CA  . TYR A 1 69  ? -3.566  -13.659 -3.564  1.00 57.26 ? 69  TYR A CA  1 
ATOM   516  C  C   . TYR A 1 69  ? -3.462  -14.265 -4.965  1.00 60.49 ? 69  TYR A C   1 
ATOM   517  O  O   . TYR A 1 69  ? -3.192  -13.555 -5.966  1.00 52.15 ? 69  TYR A O   1 
ATOM   518  C  CB  . TYR A 1 69  ? -3.936  -12.180 -3.605  1.00 44.20 ? 69  TYR A CB  1 
ATOM   519  C  CG  . TYR A 1 69  ? -3.931  -11.498 -2.243  1.00 47.61 ? 69  TYR A CG  1 
ATOM   520  C  CD1 . TYR A 1 69  ? -5.100  -11.449 -1.452  1.00 46.20 ? 69  TYR A CD1 1 
ATOM   521  C  CD2 . TYR A 1 69  ? -2.751  -10.904 -1.723  1.00 36.87 ? 69  TYR A CD2 1 
ATOM   522  C  CE1 . TYR A 1 69  ? -5.095  -10.822 -0.200  1.00 41.18 ? 69  TYR A CE1 1 
ATOM   523  C  CE2 . TYR A 1 69  ? -2.754  -10.291 -0.491  1.00 35.08 ? 69  TYR A CE2 1 
ATOM   524  C  CZ  . TYR A 1 69  ? -3.926  -10.236 0.258   1.00 36.45 ? 69  TYR A CZ  1 
ATOM   525  O  OH  . TYR A 1 69  ? -3.937  -9.614  1.482   1.00 33.74 ? 69  TYR A OH  1 
ATOM   526  N  N   . PRO A 1 70  ? -3.668  -15.597 -5.031  1.00 58.68 ? 70  PRO A N   1 
ATOM   527  C  CA  . PRO A 1 70  ? -3.368  -16.383 -6.233  1.00 56.17 ? 70  PRO A CA  1 
ATOM   528  C  C   . PRO A 1 70  ? -4.241  -15.967 -7.415  1.00 54.80 ? 70  PRO A C   1 
ATOM   529  O  O   . PRO A 1 70  ? -3.765  -15.920 -8.545  1.00 59.17 ? 70  PRO A O   1 
ATOM   530  C  CB  . PRO A 1 70  ? -3.650  -17.824 -5.792  1.00 56.49 ? 70  PRO A CB  1 
ATOM   531  C  CG  . PRO A 1 70  ? -3.653  -17.788 -4.286  1.00 54.99 ? 70  PRO A CG  1 
ATOM   532  C  CD  . PRO A 1 70  ? -4.221  -16.441 -3.955  1.00 59.29 ? 70  PRO A CD  1 
ATOM   533  N  N   . GLU A 1 71  ? -5.489  -15.614 -7.139  1.00 56.23 ? 71  GLU A N   1 
ATOM   534  C  CA  . GLU A 1 71  ? -6.420  -15.213 -8.171  1.00 55.60 ? 71  GLU A CA  1 
ATOM   535  C  C   . GLU A 1 71  ? -6.224  -13.795 -8.693  1.00 57.00 ? 71  GLU A C   1 
ATOM   536  O  O   . GLU A 1 71  ? -6.824  -13.441 -9.719  1.00 60.86 ? 71  GLU A O   1 
ATOM   537  C  CB  . GLU A 1 71  ? -7.825  -15.333 -7.632  1.00 62.38 ? 71  GLU A CB  1 
ATOM   538  C  CG  . GLU A 1 71  ? -8.320  -16.760 -7.522  1.00 70.98 ? 71  GLU A CG  1 
ATOM   539  C  CD  . GLU A 1 71  ? -9.819  -16.794 -7.283  1.00 86.37 ? 71  GLU A CD  1 
ATOM   540  O  OE1 . GLU A 1 71  ? -10.359 -15.806 -6.718  1.00 90.45 ? 71  GLU A OE1 1 
ATOM   541  O  OE2 . GLU A 1 71  ? -10.465 -17.799 -7.659  1.00 86.43 ? 71  GLU A OE2 1 
ATOM   542  N  N   . ALA A 1 72  ? -5.415  -12.984 -7.991  1.00 50.86 ? 72  ALA A N   1 
ATOM   543  C  CA  . ALA A 1 72  ? -5.158  -11.571 -8.380  1.00 47.08 ? 72  ALA A CA  1 
ATOM   544  C  C   . ALA A 1 72  ? -4.447  -11.447 -9.735  1.00 44.52 ? 72  ALA A C   1 
ATOM   545  O  O   . ALA A 1 72  ? -3.457  -12.128 -9.960  1.00 52.09 ? 72  ALA A O   1 
ATOM   546  C  CB  . ALA A 1 72  ? -4.354  -10.849 -7.283  1.00 42.33 ? 72  ALA A CB  1 
ATOM   547  N  N   . PRO A 1 73  ? -4.931  -10.582 -10.641 1.00 40.34 ? 73  PRO A N   1 
ATOM   548  C  CA  . PRO A 1 73  ? -4.116  -10.371 -11.855 1.00 42.45 ? 73  PRO A CA  1 
ATOM   549  C  C   . PRO A 1 73  ? -2.831  -9.618  -11.508 1.00 44.44 ? 73  PRO A C   1 
ATOM   550  O  O   . PRO A 1 73  ? -2.743  -9.008  -10.430 1.00 50.14 ? 73  PRO A O   1 
ATOM   551  C  CB  . PRO A 1 73  ? -5.002  -9.500  -12.757 1.00 39.15 ? 73  PRO A CB  1 
ATOM   552  C  CG  . PRO A 1 73  ? -6.045  -8.933  -11.863 1.00 38.75 ? 73  PRO A CG  1 
ATOM   553  C  CD  . PRO A 1 73  ? -5.990  -9.576  -10.496 1.00 38.50 ? 73  PRO A CD  1 
ATOM   554  N  N   . ALA A 1 74  ? -1.836  -9.707  -12.389 1.00 39.21 ? 74  ALA A N   1 
ATOM   555  C  CA  . ALA A 1 74  ? -0.594  -8.990  -12.236 1.00 34.34 ? 74  ALA A CA  1 
ATOM   556  C  C   . ALA A 1 74  ? -0.943  -7.502  -12.053 1.00 34.08 ? 74  ALA A C   1 
ATOM   557  O  O   . ALA A 1 74  ? -1.883  -7.012  -12.656 1.00 30.99 ? 74  ALA A O   1 
ATOM   558  C  CB  . ALA A 1 74  ? 0.282   -9.194  -13.458 1.00 28.91 ? 74  ALA A CB  1 
ATOM   559  N  N   . VAL A 1 75  ? -0.197  -6.806  -11.194 1.00 35.41 ? 75  VAL A N   1 
ATOM   560  C  CA  . VAL A 1 75  ? -0.294  -5.354  -11.029 1.00 31.55 ? 75  VAL A CA  1 
ATOM   561  C  C   . VAL A 1 75  ? 1.103   -4.819  -11.386 1.00 30.52 ? 75  VAL A C   1 
ATOM   562  O  O   . VAL A 1 75  ? 2.099   -5.349  -10.927 1.00 31.23 ? 75  VAL A O   1 
ATOM   563  C  CB  . VAL A 1 75  ? -0.667  -5.019  -9.566  1.00 34.65 ? 75  VAL A CB  1 
ATOM   564  C  CG1 . VAL A 1 75  ? -0.502  -3.531  -9.264  1.00 32.37 ? 75  VAL A CG1 1 
ATOM   565  C  CG2 . VAL A 1 75  ? -2.082  -5.493  -9.263  1.00 36.09 ? 75  VAL A CG2 1 
ATOM   566  N  N   . PRO A 1 76  ? 1.185   -3.776  -12.218 1.00 32.02 ? 76  PRO A N   1 
ATOM   567  C  CA  . PRO A 1 76  ? 2.503   -3.282  -12.620 1.00 28.61 ? 76  PRO A CA  1 
ATOM   568  C  C   . PRO A 1 76  ? 3.340   -2.809  -11.413 1.00 26.90 ? 76  PRO A C   1 
ATOM   569  O  O   . PRO A 1 76  ? 2.817   -2.165  -10.498 1.00 24.53 ? 76  PRO A O   1 
ATOM   570  C  CB  . PRO A 1 76  ? 2.169   -2.099  -13.556 1.00 31.83 ? 76  PRO A CB  1 
ATOM   571  C  CG  . PRO A 1 76  ? 0.738   -1.723  -13.218 1.00 32.69 ? 76  PRO A CG  1 
ATOM   572  C  CD  . PRO A 1 76  ? 0.078   -3.032  -12.875 1.00 32.27 ? 76  PRO A CD  1 
ATOM   573  N  N   . LEU A 1 77  ? 4.616   -3.172  -11.417 1.00 22.87 ? 77  LEU A N   1 
ATOM   574  C  CA  . LEU A 1 77  ? 5.547   -2.745  -10.387 1.00 22.28 ? 77  LEU A CA  1 
ATOM   575  C  C   . LEU A 1 77  ? 5.639   -1.208  -10.470 1.00 21.69 ? 77  LEU A C   1 
ATOM   576  O  O   . LEU A 1 77  ? 5.902   -0.659  -11.532 1.00 20.17 ? 77  LEU A O   1 
ATOM   577  C  CB  . LEU A 1 77  ? 6.905   -3.448  -10.575 1.00 21.27 ? 77  LEU A CB  1 
ATOM   578  C  CG  . LEU A 1 77  ? 7.029   -4.956  -10.195 1.00 22.61 ? 77  LEU A CG  1 
ATOM   579  C  CD1 . LEU A 1 77  ? 8.331   -5.641  -10.750 1.00 22.62 ? 77  LEU A CD1 1 
ATOM   580  C  CD2 . LEU A 1 77  ? 6.893   -5.193  -8.693  1.00 20.34 ? 77  LEU A CD2 1 
ATOM   581  N  N   . THR A 1 78  ? 5.329   -0.512  -9.382  1.00 19.50 ? 78  THR A N   1 
ATOM   582  C  CA  . THR A 1 78  ? 5.160   0.909   -9.501  1.00 20.04 ? 78  THR A CA  1 
ATOM   583  C  C   . THR A 1 78  ? 5.714   1.532   -8.231  1.00 21.48 ? 78  THR A C   1 
ATOM   584  O  O   . THR A 1 78  ? 5.497   1.023   -7.110  1.00 21.00 ? 78  THR A O   1 
ATOM   585  C  CB  . THR A 1 78  ? 3.674   1.313   -9.640  1.00 20.21 ? 78  THR A CB  1 
ATOM   586  O  OG1 . THR A 1 78  ? 3.077   0.613   -10.732 1.00 20.42 ? 78  THR A OG1 1 
ATOM   587  C  CG2 . THR A 1 78  ? 3.497   2.875   -9.877  1.00 21.43 ? 78  THR A CG2 1 
ATOM   588  N  N   . ALA A 1 79  ? 6.439   2.625   -8.421  1.00 17.91 ? 79  ALA A N   1 
ATOM   589  C  CA  . ALA A 1 79  ? 6.837   3.469   -7.331  1.00 17.58 ? 79  ALA A CA  1 
ATOM   590  C  C   . ALA A 1 79  ? 6.076   4.793   -7.595  1.00 17.52 ? 79  ALA A C   1 
ATOM   591  O  O   . ALA A 1 79  ? 6.197   5.352   -8.680  1.00 18.23 ? 79  ALA A O   1 
ATOM   592  C  CB  . ALA A 1 79  ? 8.344   3.692   -7.367  1.00 16.15 ? 79  ALA A CB  1 
ATOM   593  N  N   . LEU A 1 80  ? 5.295   5.259   -6.614  1.00 17.32 ? 80  LEU A N   1 
ATOM   594  C  CA  . LEU A 1 80  ? 4.450   6.422   -6.784  1.00 17.28 ? 80  LEU A CA  1 
ATOM   595  C  C   . LEU A 1 80  ? 4.704   7.458   -5.669  1.00 20.31 ? 80  LEU A C   1 
ATOM   596  O  O   . LEU A 1 80  ? 4.590   7.159   -4.461  1.00 21.43 ? 80  LEU A O   1 
ATOM   597  C  CB  . LEU A 1 80  ? 2.967   5.998   -6.750  1.00 18.20 ? 80  LEU A CB  1 
ATOM   598  C  CG  . LEU A 1 80  ? 1.893   7.026   -7.145  1.00 18.59 ? 80  LEU A CG  1 
ATOM   599  C  CD1 . LEU A 1 80  ? 2.076   7.447   -8.591  1.00 17.12 ? 80  LEU A CD1 1 
ATOM   600  C  CD2 . LEU A 1 80  ? 0.473   6.450   -6.931  1.00 19.48 ? 80  LEU A CD2 1 
ATOM   601  N  N   . ALA A 1 81  ? 5.006   8.691   -6.079  1.00 20.88 ? 81  ALA A N   1 
ATOM   602  C  CA  . ALA A 1 81  ? 5.154   9.775   -5.105  1.00 20.98 ? 81  ALA A CA  1 
ATOM   603  C  C   . ALA A 1 81  ? 3.954   10.683  -5.213  1.00 19.55 ? 81  ALA A C   1 
ATOM   604  O  O   . ALA A 1 81  ? 3.429   10.857  -6.300  1.00 17.80 ? 81  ALA A O   1 
ATOM   605  C  CB  . ALA A 1 81  ? 6.425   10.570  -5.387  1.00 17.53 ? 81  ALA A CB  1 
ATOM   606  N  N   . ASN A 1 82  ? 3.596   11.298  -4.085  1.00 19.67 ? 82  ASN A N   1 
ATOM   607  C  CA  . ASN A 1 82  ? 2.595   12.360  -4.036  1.00 22.08 ? 82  ASN A CA  1 
ATOM   608  C  C   . ASN A 1 82  ? 1.235   11.881  -4.609  1.00 24.06 ? 82  ASN A C   1 
ATOM   609  O  O   . ASN A 1 82  ? 0.532   12.632  -5.338  1.00 24.22 ? 82  ASN A O   1 
ATOM   610  C  CB  . ASN A 1 82  ? 3.138   13.662  -4.670  1.00 19.94 ? 82  ASN A CB  1 
ATOM   611  C  CG  . ASN A 1 82  ? 4.443   14.114  -3.987  1.00 22.49 ? 82  ASN A CG  1 
ATOM   612  O  OD1 . ASN A 1 82  ? 4.719   13.681  -2.863  1.00 21.84 ? 82  ASN A OD1 1 
ATOM   613  N  ND2 . ASN A 1 82  ? 5.280   14.953  -4.667  1.00 19.58 ? 82  ASN A ND2 1 
ATOM   614  N  N   . ALA A 1 83  ? 0.887   10.625  -4.287  1.00 20.91 ? 83  ALA A N   1 
ATOM   615  C  CA  . ALA A 1 83  ? -0.360  10.038  -4.777  1.00 24.22 ? 83  ALA A CA  1 
ATOM   616  C  C   . ALA A 1 83  ? -1.548  10.939  -4.470  1.00 23.70 ? 83  ALA A C   1 
ATOM   617  O  O   . ALA A 1 83  ? -1.742  11.424  -3.349  1.00 19.62 ? 83  ALA A O   1 
ATOM   618  C  CB  . ALA A 1 83  ? -0.627  8.623   -4.179  1.00 22.53 ? 83  ALA A CB  1 
ATOM   619  N  N   . GLN A 1 84  ? -2.403  11.101  -5.453  1.00 26.58 ? 84  GLN A N   1 
ATOM   620  C  CA  . GLN A 1 84  ? -3.746  11.530  -5.124  1.00 28.79 ? 84  GLN A CA  1 
ATOM   621  C  C   . GLN A 1 84  ? -4.699  10.526  -5.787  1.00 26.73 ? 84  GLN A C   1 
ATOM   622  O  O   . GLN A 1 84  ? -4.370  9.888   -6.789  1.00 23.93 ? 84  GLN A O   1 
ATOM   623  C  CB  . GLN A 1 84  ? -3.963  12.996  -5.528  1.00 31.81 ? 84  GLN A CB  1 
ATOM   624  C  CG  . GLN A 1 84  ? -3.860  13.237  -7.011  1.00 43.74 ? 84  GLN A CG  1 
ATOM   625  C  CD  . GLN A 1 84  ? -4.235  14.670  -7.418  1.00 58.43 ? 84  GLN A CD  1 
ATOM   626  O  OE1 . GLN A 1 84  ? -3.630  15.646  -6.931  1.00 63.12 ? 84  GLN A OE1 1 
ATOM   627  N  NE2 . GLN A 1 84  ? -5.218  14.804  -8.340  1.00 49.95 ? 84  GLN A NE2 1 
ATOM   628  N  N   . ILE A 1 85  ? -5.857  10.360  -5.179  1.00 28.13 ? 85  ILE A N   1 
ATOM   629  C  CA  . ILE A 1 85  ? -6.762  9.276   -5.488  1.00 26.87 ? 85  ILE A CA  1 
ATOM   630  C  C   . ILE A 1 85  ? -8.185  9.845   -5.547  1.00 28.43 ? 85  ILE A C   1 
ATOM   631  O  O   . ILE A 1 85  ? -8.551  10.704  -4.746  1.00 25.52 ? 85  ILE A O   1 
ATOM   632  C  CB  . ILE A 1 85  ? -6.675  8.257   -4.368  1.00 27.98 ? 85  ILE A CB  1 
ATOM   633  C  CG1 . ILE A 1 85  ? -5.449  7.431   -4.589  1.00 30.09 ? 85  ILE A CG1 1 
ATOM   634  C  CG2 . ILE A 1 85  ? -7.863  7.322   -4.348  1.00 28.71 ? 85  ILE A CG2 1 
ATOM   635  C  CD1 . ILE A 1 85  ? -5.318  6.431   -3.494  1.00 40.27 ? 85  ILE A CD1 1 
ATOM   636  N  N   . GLU A 1 86  ? -8.976  9.318   -6.474  1.00 29.24 ? 86  GLU A N   1 
ATOM   637  C  CA  . GLU A 1 86  ? -10.315 9.803   -6.763  1.00 32.52 ? 86  GLU A CA  1 
ATOM   638  C  C   . GLU A 1 86  ? -11.093 8.538   -7.069  1.00 28.68 ? 86  GLU A C   1 
ATOM   639  O  O   . GLU A 1 86  ? -10.665 7.740   -7.894  1.00 28.48 ? 86  GLU A O   1 
ATOM   640  C  CB  . GLU A 1 86  ? -10.193 10.685  -8.034  1.00 36.60 ? 86  GLU A CB  1 
ATOM   641  C  CG  . GLU A 1 86  ? -11.383 11.541  -8.429  1.00 52.26 ? 86  GLU A CG  1 
ATOM   642  C  CD  . GLU A 1 86  ? -11.155 12.323  -9.729  1.00 57.62 ? 86  GLU A CD  1 
ATOM   643  O  OE1 . GLU A 1 86  ? -9.991  12.395  -10.243 1.00 59.42 ? 86  GLU A OE1 1 
ATOM   644  O  OE2 . GLU A 1 86  ? -12.163 12.856  -10.247 1.00 60.42 ? 86  GLU A OE2 1 
ATOM   645  N  N   . PRO A 1 87  ? -12.218 8.318   -6.382  1.00 30.34 ? 87  PRO A N   1 
ATOM   646  C  CA  . PRO A 1 87  ? -13.089 7.199   -6.781  1.00 29.19 ? 87  PRO A CA  1 
ATOM   647  C  C   . PRO A 1 87  ? -13.866 7.509   -8.084  1.00 26.23 ? 87  PRO A C   1 
ATOM   648  O  O   . PRO A 1 87  ? -14.192 8.662   -8.323  1.00 23.45 ? 87  PRO A O   1 
ATOM   649  C  CB  . PRO A 1 87  ? -14.066 7.078   -5.607  1.00 32.21 ? 87  PRO A CB  1 
ATOM   650  C  CG  . PRO A 1 87  ? -14.091 8.441   -4.993  1.00 34.19 ? 87  PRO A CG  1 
ATOM   651  C  CD  . PRO A 1 87  ? -12.730 9.041   -5.192  1.00 30.17 ? 87  PRO A CD  1 
ATOM   652  N  N   . LEU A 1 88  ? -14.111 6.493   -8.908  1.00 23.72 ? 88  LEU A N   1 
ATOM   653  C  CA  . LEU A 1 88  ? -14.750 6.648   -10.248 1.00 25.94 ? 88  LEU A CA  1 
ATOM   654  C  C   . LEU A 1 88  ? -16.220 6.204   -10.290 1.00 28.94 ? 88  LEU A C   1 
ATOM   655  O  O   . LEU A 1 88  ? -16.897 6.354   -11.311 1.00 27.87 ? 88  LEU A O   1 
ATOM   656  C  CB  . LEU A 1 88  ? -13.949 5.896   -11.339 1.00 24.93 ? 88  LEU A CB  1 
ATOM   657  C  CG  . LEU A 1 88  ? -12.528 6.508   -11.534 1.00 26.68 ? 88  LEU A CG  1 
ATOM   658  C  CD1 . LEU A 1 88  ? -11.815 5.725   -12.603 1.00 27.40 ? 88  LEU A CD1 1 
ATOM   659  C  CD2 . LEU A 1 88  ? -12.486 8.018   -11.812 1.00 24.65 ? 88  LEU A CD2 1 
ATOM   660  N  N   . SER A 1 89  ? -16.664 5.582   -9.190  1.00 31.62 ? 89  SER A N   1 
ATOM   661  C  CA  . SER A 1 89  ? -18.075 5.385   -8.896  1.00 33.75 ? 89  SER A CA  1 
ATOM   662  C  C   . SER A 1 89  ? -18.178 5.216   -7.385  1.00 38.76 ? 89  SER A C   1 
ATOM   663  O  O   . SER A 1 89  ? -17.169 5.366   -6.685  1.00 38.15 ? 89  SER A O   1 
ATOM   664  C  CB  . SER A 1 89  ? -18.671 4.211   -9.689  1.00 32.84 ? 89  SER A CB  1 
ATOM   665  O  OG  . SER A 1 89  ? -18.731 3.005   -8.996  1.00 28.41 ? 89  SER A OG  1 
ATOM   666  N  N   . ASP A 1 90  ? -19.386 4.951   -6.897  1.00 36.21 ? 90  ASP A N   1 
ATOM   667  C  CA  . ASP A 1 90  ? -19.643 4.719   -5.496  1.00 32.18 ? 90  ASP A CA  1 
ATOM   668  C  C   . ASP A 1 90  ? -19.591 3.235   -5.187  1.00 28.29 ? 90  ASP A C   1 
ATOM   669  O  O   . ASP A 1 90  ? -19.619 2.888   -4.034  1.00 27.48 ? 90  ASP A O   1 
ATOM   670  C  CB  . ASP A 1 90  ? -21.026 5.255   -5.087  1.00 40.79 ? 90  ASP A CB  1 
ATOM   671  C  CG  . ASP A 1 90  ? -21.009 6.745   -4.722  1.00 51.96 ? 90  ASP A CG  1 
ATOM   672  O  OD1 . ASP A 1 90  ? -19.978 7.223   -4.188  1.00 67.44 ? 90  ASP A OD1 1 
ATOM   673  O  OD2 . ASP A 1 90  ? -22.033 7.457   -4.945  1.00 55.41 ? 90  ASP A OD2 1 
ATOM   674  N  N   . GLU A 1 91  ? -19.500 2.364   -6.190  1.00 27.78 ? 91  GLU A N   1 
ATOM   675  C  CA  . GLU A 1 91  ? -19.521 0.920   -5.954  1.00 29.99 ? 91  GLU A CA  1 
ATOM   676  C  C   . GLU A 1 91  ? -18.358 0.512   -5.019  1.00 35.86 ? 91  GLU A C   1 
ATOM   677  O  O   . GLU A 1 91  ? -17.191 0.897   -5.259  1.00 32.19 ? 91  GLU A O   1 
ATOM   678  C  CB  . GLU A 1 91  ? -19.479 0.141   -7.288  1.00 29.09 ? 91  GLU A CB  1 
ATOM   679  C  CG  . GLU A 1 91  ? -19.710 -1.396  -7.207  1.00 28.96 ? 91  GLU A CG  1 
ATOM   680  C  CD  . GLU A 1 91  ? -19.690 -2.029  -8.588  1.00 33.37 ? 91  GLU A CD  1 
ATOM   681  O  OE1 . GLU A 1 91  ? -20.001 -3.254  -8.765  1.00 35.83 ? 91  GLU A OE1 1 
ATOM   682  O  OE2 . GLU A 1 91  ? -19.387 -1.261  -9.543  1.00 37.26 ? 91  GLU A OE2 1 
ATOM   683  N  N   . MET A 1 92  ? -18.680 -0.205  -3.924  1.00 35.54 ? 92  MET A N   1 
ATOM   684  C  CA  . MET A 1 92  ? -17.645 -0.766  -3.026  1.00 34.21 ? 92  MET A CA  1 
ATOM   685  C  C   . MET A 1 92  ? -17.529 -2.269  -3.281  1.00 31.69 ? 92  MET A C   1 
ATOM   686  O  O   . MET A 1 92  ? -18.459 -2.883  -3.792  1.00 33.33 ? 92  MET A O   1 
ATOM   687  C  CB  . MET A 1 92  ? -17.956 -0.514  -1.547  1.00 31.84 ? 92  MET A CB  1 
ATOM   688  C  CG  . MET A 1 92  ? -18.354 0.911   -1.277  1.00 39.29 ? 92  MET A CG  1 
ATOM   689  S  SD  . MET A 1 92  ? -16.899 1.967   -1.333  1.00 38.21 ? 92  MET A SD  1 
ATOM   690  C  CE  . MET A 1 92  ? -16.194 1.615   0.268   1.00 28.27 ? 92  MET A CE  1 
ATOM   691  N  N   . GLU A 1 93  ? -16.387 -2.843  -2.913  1.00 31.13 ? 93  GLU A N   1 
ATOM   692  C  CA  . GLU A 1 93  ? -16.130 -4.285  -2.990  1.00 30.08 ? 93  GLU A CA  1 
ATOM   693  C  C   . GLU A 1 93  ? -15.353 -4.721  -1.735  1.00 29.92 ? 93  GLU A C   1 
ATOM   694  O  O   . GLU A 1 93  ? -14.395 -4.042  -1.257  1.00 29.15 ? 93  GLU A O   1 
ATOM   695  C  CB  . GLU A 1 93  ? -15.305 -4.577  -4.209  1.00 32.75 ? 93  GLU A CB  1 
ATOM   696  C  CG  . GLU A 1 93  ? -15.293 -6.013  -4.675  1.00 40.58 ? 93  GLU A CG  1 
ATOM   697  C  CD  . GLU A 1 93  ? -14.855 -6.081  -6.124  1.00 46.54 ? 93  GLU A CD  1 
ATOM   698  O  OE1 . GLU A 1 93  ? -13.664 -5.864  -6.375  1.00 44.84 ? 93  GLU A OE1 1 
ATOM   699  O  OE2 . GLU A 1 93  ? -15.702 -6.305  -7.025  1.00 51.33 ? 93  GLU A OE2 1 
ATOM   700  N  N   . ASN A 1 94  ? -15.814 -5.820  -1.167  1.00 26.90 ? 94  ASN A N   1 
ATOM   701  C  CA  . ASN A 1 94  ? -15.164 -6.430  -0.025  1.00 27.48 ? 94  ASN A CA  1 
ATOM   702  C  C   . ASN A 1 94  ? -14.047 -7.305  -0.542  1.00 26.32 ? 94  ASN A C   1 
ATOM   703  O  O   . ASN A 1 94  ? -14.193 -7.903  -1.602  1.00 29.12 ? 94  ASN A O   1 
ATOM   704  C  CB  . ASN A 1 94  ? -16.187 -7.283  0.712   1.00 27.44 ? 94  ASN A CB  1 
ATOM   705  C  CG  . ASN A 1 94  ? -17.114 -6.456  1.536   1.00 31.87 ? 94  ASN A CG  1 
ATOM   706  O  OD1 . ASN A 1 94  ? -16.706 -5.478  2.235   1.00 30.61 ? 94  ASN A OD1 1 
ATOM   707  N  ND2 . ASN A 1 94  ? -18.395 -6.789  1.439   1.00 34.74 ? 94  ASN A ND2 1 
ATOM   708  N  N   . GLY A 1 95  ? -12.953 -7.406  0.203   1.00 24.67 ? 95  GLY A N   1 
ATOM   709  C  CA  . GLY A 1 95  ? -11.868 -8.338  -0.071  1.00 20.93 ? 95  GLY A CA  1 
ATOM   710  C  C   . GLY A 1 95  ? -10.920 -8.444  1.137   1.00 24.05 ? 95  GLY A C   1 
ATOM   711  O  O   . GLY A 1 95  ? -10.894 -7.527  2.022   1.00 22.92 ? 95  GLY A O   1 
ATOM   712  N  N   . TRP A 1 96  ? -10.147 -9.543  1.180   1.00 21.86 ? 96  TRP A N   1 
ATOM   713  C  CA  . TRP A 1 96  ? -9.107  -9.745  2.195   1.00 24.04 ? 96  TRP A CA  1 
ATOM   714  C  C   . TRP A 1 96  ? -7.908  -8.769  2.122   1.00 25.02 ? 96  TRP A C   1 
ATOM   715  O  O   . TRP A 1 96  ? -7.332  -8.547  1.077   1.00 26.62 ? 96  TRP A O   1 
ATOM   716  C  CB  . TRP A 1 96  ? -8.611  -11.195 2.198   1.00 22.28 ? 96  TRP A CB  1 
ATOM   717  C  CG  . TRP A 1 96  ? -9.709  -12.117 2.596   1.00 26.11 ? 96  TRP A CG  1 
ATOM   718  C  CD1 . TRP A 1 96  ? -10.507 -12.884 1.750   1.00 23.98 ? 96  TRP A CD1 1 
ATOM   719  C  CD2 . TRP A 1 96  ? -10.183 -12.373 3.933   1.00 23.53 ? 96  TRP A CD2 1 
ATOM   720  N  NE1 . TRP A 1 96  ? -11.403 -13.599 2.490   1.00 24.98 ? 96  TRP A NE1 1 
ATOM   721  C  CE2 . TRP A 1 96  ? -11.235 -13.325 3.823   1.00 24.30 ? 96  TRP A CE2 1 
ATOM   722  C  CE3 . TRP A 1 96  ? -9.799  -11.923 5.194   1.00 23.54 ? 96  TRP A CE3 1 
ATOM   723  C  CZ2 . TRP A 1 96  ? -11.945 -13.815 4.944   1.00 25.05 ? 96  TRP A CZ2 1 
ATOM   724  C  CZ3 . TRP A 1 96  ? -10.508 -12.385 6.324   1.00 27.04 ? 96  TRP A CZ3 1 
ATOM   725  C  CH2 . TRP A 1 96  ? -11.577 -13.331 6.190   1.00 25.41 ? 96  TRP A CH2 1 
ATOM   726  N  N   . GLU A 1 97  ? -7.542  -8.189  3.247   1.00 23.42 ? 97  GLU A N   1 
ATOM   727  C  CA  . GLU A 1 97  ? -6.254  -7.457  3.322   1.00 22.04 ? 97  GLU A CA  1 
ATOM   728  C  C   . GLU A 1 97  ? -5.519  -7.927  4.559   1.00 20.83 ? 97  GLU A C   1 
ATOM   729  O  O   . GLU A 1 97  ? -6.156  -8.353  5.515   1.00 17.26 ? 97  GLU A O   1 
ATOM   730  C  CB  . GLU A 1 97  ? -6.511  -5.959  3.448   1.00 20.99 ? 97  GLU A CB  1 
ATOM   731  C  CG  . GLU A 1 97  ? -7.292  -5.395  2.270   1.00 20.10 ? 97  GLU A CG  1 
ATOM   732  C  CD  . GLU A 1 97  ? -7.373  -3.864  2.270   1.00 20.72 ? 97  GLU A CD  1 
ATOM   733  O  OE1 . GLU A 1 97  ? -6.661  -3.185  3.096   1.00 19.17 ? 97  GLU A OE1 1 
ATOM   734  O  OE2 . GLU A 1 97  ? -8.208  -3.355  1.478   1.00 17.84 ? 97  GLU A OE2 1 
ATOM   735  N  N   . GLY A 1 98  ? -4.184  -7.860  4.522   1.00 21.23 ? 98  GLY A N   1 
ATOM   736  C  CA  . GLY A 1 98  ? -3.333  -7.975  5.700   1.00 19.70 ? 98  GLY A CA  1 
ATOM   737  C  C   . GLY A 1 98  ? -2.284  -6.868  5.603   1.00 23.74 ? 98  GLY A C   1 
ATOM   738  O  O   . GLY A 1 98  ? -2.191  -6.215  4.574   1.00 21.45 ? 98  GLY A O   1 
HETATM 739  N  N   . CSD A 1 99  ? -1.484  -6.681  6.659   1.00 23.05 ? 99  CSD A N   1 
HETATM 740  C  CA  . CSD A 1 99  ? -0.565  -5.548  6.726   1.00 28.44 ? 99  CSD A CA  1 
HETATM 741  C  CB  . CSD A 1 99  ? -1.144  -4.488  7.686   1.00 31.74 ? 99  CSD A CB  1 
HETATM 742  S  SG  . CSD A 1 99  ? -0.406  -2.942  7.459   1.00 34.07 ? 99  CSD A SG  1 
HETATM 743  C  C   . CSD A 1 99  ? 0.722   -6.055  7.293   1.00 27.27 ? 99  CSD A C   1 
HETATM 744  O  O   . CSD A 1 99  ? 0.742   -6.858  8.245   1.00 28.28 ? 99  CSD A O   1 
HETATM 745  O  OD1 . CSD A 1 99  ? -0.370  -2.258  8.760   1.00 40.62 ? 99  CSD A OD1 1 
HETATM 746  O  OD2 . CSD A 1 99  ? -1.497  -1.980  6.651   1.00 41.92 ? 99  CSD A OD2 1 
ATOM   747  N  N   . LEU A 1 100 ? 1.827   -5.601  6.734   1.00 28.64 ? 100 LEU A N   1 
ATOM   748  C  CA  . LEU A 1 100 ? 3.156   -6.004  7.286   1.00 27.01 ? 100 LEU A CA  1 
ATOM   749  C  C   . LEU A 1 100 ? 3.425   -5.319  8.643   1.00 30.53 ? 100 LEU A C   1 
ATOM   750  O  O   . LEU A 1 100 ? 4.174   -5.857  9.475   1.00 34.72 ? 100 LEU A O   1 
ATOM   751  C  CB  . LEU A 1 100 ? 4.275   -5.762  6.285   1.00 28.23 ? 100 LEU A CB  1 
ATOM   752  C  CG  . LEU A 1 100 ? 3.980   -6.361  4.893   1.00 32.98 ? 100 LEU A CG  1 
ATOM   753  C  CD1 . LEU A 1 100 ? 4.899   -5.787  3.803   1.00 32.14 ? 100 LEU A CD1 1 
ATOM   754  C  CD2 . LEU A 1 100 ? 4.007   -7.887  4.944   1.00 28.94 ? 100 LEU A CD2 1 
ATOM   755  N  N   . SER A 1 101 ? 2.787   -4.164  8.890   1.00 28.10 ? 101 SER A N   1 
ATOM   756  C  CA  . SER A 1 101 ? 2.876   -3.544  10.205  1.00 30.10 ? 101 SER A CA  1 
ATOM   757  C  C   . SER A 1 101 ? 1.939   -4.308  11.198  1.00 30.62 ? 101 SER A C   1 
ATOM   758  O  O   . SER A 1 101 ? 1.994   -4.067  12.405  1.00 28.74 ? 101 SER A O   1 
ATOM   759  C  CB  . SER A 1 101 ? 2.631   -2.009  10.128  1.00 25.50 ? 101 SER A CB  1 
ATOM   760  O  OG  . SER A 1 101 ? 3.559   -1.423  9.195   1.00 24.59 ? 101 SER A OG  1 
ATOM   761  N  N   . ILE A 1 102 ? 1.137   -5.259  10.693  1.00 32.00 ? 102 ILE A N   1 
ATOM   762  C  CA  . ILE A 1 102 ? 0.269   -6.093  11.574  1.00 35.61 ? 102 ILE A CA  1 
ATOM   763  C  C   . ILE A 1 102 ? 0.440   -7.583  11.252  1.00 38.61 ? 102 ILE A C   1 
ATOM   764  O  O   . ILE A 1 102 ? -0.472  -8.214  10.679  1.00 41.52 ? 102 ILE A O   1 
ATOM   765  C  CB  . ILE A 1 102 ? -1.249  -5.719  11.501  1.00 32.55 ? 102 ILE A CB  1 
ATOM   766  C  CG1 . ILE A 1 102 ? -1.475  -4.200  11.501  1.00 36.37 ? 102 ILE A CG1 1 
ATOM   767  C  CG2 . ILE A 1 102 ? -2.009  -6.288  12.710  1.00 33.65 ? 102 ILE A CG2 1 
ATOM   768  C  CD1 . ILE A 1 102 ? -2.835  -3.748  10.999  1.00 36.02 ? 102 ILE A CD1 1 
ATOM   769  N  N   . PRO A 1 103 ? 1.607   -8.155  11.606  1.00 38.41 ? 103 PRO A N   1 
ATOM   770  C  CA  . PRO A 1 103 ? 1.882   -9.501  11.047  1.00 32.96 ? 103 PRO A CA  1 
ATOM   771  C  C   . PRO A 1 103 ? 0.949   -10.544 11.616  1.00 34.59 ? 103 PRO A C   1 
ATOM   772  O  O   . PRO A 1 103 ? 0.659   -10.516 12.822  1.00 36.41 ? 103 PRO A O   1 
ATOM   773  C  CB  . PRO A 1 103 ? 3.328   -9.816  11.475  1.00 30.92 ? 103 PRO A CB  1 
ATOM   774  C  CG  . PRO A 1 103 ? 3.808   -8.627  12.270  1.00 31.96 ? 103 PRO A CG  1 
ATOM   775  C  CD  . PRO A 1 103 ? 2.773   -7.544  12.281  1.00 34.47 ? 103 PRO A CD  1 
ATOM   776  N  N   . GLY A 1 104 ? 0.473   -11.447 10.754  1.00 33.84 ? 104 GLY A N   1 
ATOM   777  C  CA  . GLY A 1 104 ? -0.303  -12.568 11.205  1.00 35.73 ? 104 GLY A CA  1 
ATOM   778  C  C   . GLY A 1 104 ? -1.793  -12.396 10.997  1.00 36.06 ? 104 GLY A C   1 
ATOM   779  O  O   . GLY A 1 104 ? -2.566  -13.373 11.048  1.00 39.30 ? 104 GLY A O   1 
ATOM   780  N  N   . LEU A 1 105 ? -2.217  -11.168 10.759  1.00 33.16 ? 105 LEU A N   1 
ATOM   781  C  CA  . LEU A 1 105 ? -3.647  -10.903 10.673  1.00 30.85 ? 105 LEU A CA  1 
ATOM   782  C  C   . LEU A 1 105 ? -4.103  -10.529 9.273   1.00 30.82 ? 105 LEU A C   1 
ATOM   783  O  O   . LEU A 1 105 ? -3.266  -10.195 8.363   1.00 33.48 ? 105 LEU A O   1 
ATOM   784  C  CB  . LEU A 1 105 ? -4.044  -9.823  11.685  1.00 28.50 ? 105 LEU A CB  1 
ATOM   785  C  CG  . LEU A 1 105 ? -3.839  -10.292 13.128  1.00 31.01 ? 105 LEU A CG  1 
ATOM   786  C  CD1 . LEU A 1 105 ? -3.822  -9.137  14.067  1.00 27.54 ? 105 LEU A CD1 1 
ATOM   787  C  CD2 . LEU A 1 105 ? -4.952  -11.257 13.574  1.00 31.97 ? 105 LEU A CD2 1 
ATOM   788  N  N   . ARG A 1 106 ? -5.414  -10.695 9.106   1.00 29.53 ? 106 ARG A N   1 
ATOM   789  C  CA  . ARG A 1 106 ? -6.192  -10.129 8.011   1.00 32.88 ? 106 ARG A CA  1 
ATOM   790  C  C   . ARG A 1 106 ? -7.690  -9.930  8.403   1.00 31.61 ? 106 ARG A C   1 
ATOM   791  O  O   . ARG A 1 106 ? -8.169  -10.509 9.389   1.00 28.54 ? 106 ARG A O   1 
ATOM   792  C  CB  . ARG A 1 106 ? -6.063  -11.000 6.749   1.00 31.53 ? 106 ARG A CB  1 
ATOM   793  C  CG  . ARG A 1 106 ? -6.222  -12.478 6.970   1.00 33.07 ? 106 ARG A CG  1 
ATOM   794  C  CD  . ARG A 1 106 ? -6.396  -13.194 5.637   1.00 35.82 ? 106 ARG A CD  1 
ATOM   795  N  NE  . ARG A 1 106 ? -6.331  -14.651 5.807   1.00 44.99 ? 106 ARG A NE  1 
ATOM   796  C  CZ  . ARG A 1 106 ? -7.314  -15.522 5.549   1.00 43.22 ? 106 ARG A CZ  1 
ATOM   797  N  NH1 . ARG A 1 106 ? -8.494  -15.150 5.046   1.00 39.75 ? 106 ARG A NH1 1 
ATOM   798  N  NH2 . ARG A 1 106 ? -7.089  -16.800 5.775   1.00 43.98 ? 106 ARG A NH2 1 
ATOM   799  N  N   . ALA A 1 107 ? -8.390  -9.072  7.640   1.00 28.38 ? 107 ALA A N   1 
ATOM   800  C  CA  . ALA A 1 107 ? -9.842  -8.888  7.711   1.00 23.68 ? 107 ALA A CA  1 
ATOM   801  C  C   . ALA A 1 107 ? -10.375 -8.586  6.340   1.00 22.09 ? 107 ALA A C   1 
ATOM   802  O  O   . ALA A 1 107 ? -9.618  -8.320  5.403   1.00 21.25 ? 107 ALA A O   1 
ATOM   803  C  CB  . ALA A 1 107 ? -10.212 -7.753  8.661   1.00 21.26 ? 107 ALA A CB  1 
ATOM   804  N  N   . VAL A 1 108 ? -11.695 -8.534  6.237   1.00 22.66 ? 108 VAL A N   1 
ATOM   805  C  CA  . VAL A 1 108 ? -12.330 -8.178  4.985   1.00 22.04 ? 108 VAL A CA  1 
ATOM   806  C  C   . VAL A 1 108 ? -12.588 -6.705  5.093   1.00 22.06 ? 108 VAL A C   1 
ATOM   807  O  O   . VAL A 1 108 ? -13.130 -6.252  6.111   1.00 24.26 ? 108 VAL A O   1 
ATOM   808  C  CB  . VAL A 1 108 ? -13.647 -8.950  4.761   1.00 23.47 ? 108 VAL A CB  1 
ATOM   809  C  CG1 . VAL A 1 108 ? -14.480 -8.302  3.646   1.00 20.63 ? 108 VAL A CG1 1 
ATOM   810  C  CG2 . VAL A 1 108 ? -13.351 -10.412 4.426   1.00 24.33 ? 108 VAL A CG2 1 
ATOM   811  N  N   . ILE A 1 109 ? -12.169 -5.967  4.065   1.00 22.58 ? 109 ILE A N   1 
ATOM   812  C  CA  . ILE A 1 109 ? -12.255 -4.503  4.016   1.00 22.18 ? 109 ILE A CA  1 
ATOM   813  C  C   . ILE A 1 109 ? -13.024 -4.118  2.755   1.00 21.84 ? 109 ILE A C   1 
ATOM   814  O  O   . ILE A 1 109 ? -12.759 -4.683  1.679   1.00 21.93 ? 109 ILE A O   1 
ATOM   815  C  CB  . ILE A 1 109 ? -10.836 -3.882  3.962   1.00 21.80 ? 109 ILE A CB  1 
ATOM   816  C  CG1 . ILE A 1 109 ? -9.934  -4.442  5.091   1.00 25.86 ? 109 ILE A CG1 1 
ATOM   817  C  CG2 . ILE A 1 109 ? -10.898 -2.375  4.099   1.00 21.36 ? 109 ILE A CG2 1 
ATOM   818  C  CD1 . ILE A 1 109 ? -10.484 -4.179  6.499   1.00 26.42 ? 109 ILE A CD1 1 
ATOM   819  N  N   . PRO A 1 110 ? -14.005 -3.197  2.882   1.00 23.54 ? 110 PRO A N   1 
ATOM   820  C  CA  . PRO A 1 110 ? -14.619 -2.663  1.672   1.00 25.84 ? 110 PRO A CA  1 
ATOM   821  C  C   . PRO A 1 110 ? -13.747 -1.546  1.060   1.00 23.28 ? 110 PRO A C   1 
ATOM   822  O  O   . PRO A 1 110 ? -13.374 -0.635  1.757   1.00 26.62 ? 110 PRO A O   1 
ATOM   823  C  CB  . PRO A 1 110 ? -15.958 -2.078  2.197   1.00 21.98 ? 110 PRO A CB  1 
ATOM   824  C  CG  . PRO A 1 110 ? -15.653 -1.654  3.605   1.00 22.78 ? 110 PRO A CG  1 
ATOM   825  C  CD  . PRO A 1 110 ? -14.543 -2.532  4.110   1.00 24.52 ? 110 PRO A CD  1 
ATOM   826  N  N   . ARG A 1 111 ? -13.479 -1.599  -0.228  1.00 23.25 ? 111 ARG A N   1 
ATOM   827  C  CA  . ARG A 1 111 ? -12.802 -0.497  -0.915  1.00 23.17 ? 111 ARG A CA  1 
ATOM   828  C  C   . ARG A 1 111 ? -13.601 -0.116  -2.166  1.00 24.17 ? 111 ARG A C   1 
ATOM   829  O  O   . ARG A 1 111 ? -14.420 -0.905  -2.646  1.00 27.33 ? 111 ARG A O   1 
ATOM   830  C  CB  . ARG A 1 111 ? -11.398 -0.943  -1.388  1.00 21.66 ? 111 ARG A CB  1 
ATOM   831  C  CG  . ARG A 1 111 ? -10.421 -1.460  -0.334  1.00 20.18 ? 111 ARG A CG  1 
ATOM   832  C  CD  . ARG A 1 111 ? -9.939  -0.328  0.505   1.00 19.14 ? 111 ARG A CD  1 
ATOM   833  N  NE  . ARG A 1 111 ? -8.952  -0.791  1.453   1.00 20.00 ? 111 ARG A NE  1 
ATOM   834  C  CZ  . ARG A 1 111 ? -8.262  0.019   2.268   1.00 21.46 ? 111 ARG A CZ  1 
ATOM   835  N  NH1 . ARG A 1 111 ? -8.466  1.348   2.253   1.00 21.21 ? 111 ARG A NH1 1 
ATOM   836  N  NH2 . ARG A 1 111 ? -7.412  -0.504  3.141   1.00 19.57 ? 111 ARG A NH2 1 
ATOM   837  N  N   . TYR A 1 112 ? -13.346 1.059   -2.721  1.00 22.96 ? 112 TYR A N   1 
ATOM   838  C  CA  . TYR A 1 112 ? -13.854 1.363   -4.037  1.00 25.56 ? 112 TYR A CA  1 
ATOM   839  C  C   . TYR A 1 112 ? -13.376 0.343   -5.071  1.00 24.57 ? 112 TYR A C   1 
ATOM   840  O  O   . TYR A 1 112 ? -12.165 -0.031  -5.165  1.00 23.31 ? 112 TYR A O   1 
ATOM   841  C  CB  . TYR A 1 112 ? -13.432 2.760   -4.500  1.00 25.03 ? 112 TYR A CB  1 
ATOM   842  C  CG  . TYR A 1 112 ? -14.068 3.847   -3.684  1.00 28.33 ? 112 TYR A CG  1 
ATOM   843  C  CD1 . TYR A 1 112 ? -15.442 4.167   -3.853  1.00 30.22 ? 112 TYR A CD1 1 
ATOM   844  C  CD2 . TYR A 1 112 ? -13.330 4.545   -2.742  1.00 26.17 ? 112 TYR A CD2 1 
ATOM   845  C  CE1 . TYR A 1 112 ? -16.030 5.165   -3.093  1.00 30.20 ? 112 TYR A CE1 1 
ATOM   846  C  CE2 . TYR A 1 112 ? -13.922 5.532   -1.957  1.00 26.65 ? 112 TYR A CE2 1 
ATOM   847  C  CZ  . TYR A 1 112 ? -15.242 5.844   -2.150  1.00 29.65 ? 112 TYR A CZ  1 
ATOM   848  O  OH  . TYR A 1 112 ? -15.791 6.829   -1.393  1.00 33.16 ? 112 TYR A OH  1 
ATOM   849  N  N   . ARG A 1 113 ? -14.313 -0.047  -5.899  1.00 22.21 ? 113 ARG A N   1 
ATOM   850  C  CA  . ARG A 1 113 ? -14.002 -1.028  -6.924  1.00 26.55 ? 113 ARG A CA  1 
ATOM   851  C  C   . ARG A 1 113 ? -13.178 -0.392  -8.085  1.00 28.80 ? 113 ARG A C   1 
ATOM   852  O  O   . ARG A 1 113 ? -12.318 -1.073  -8.677  1.00 28.42 ? 113 ARG A O   1 
ATOM   853  C  CB  . ARG A 1 113 ? -15.309 -1.662  -7.429  1.00 27.60 ? 113 ARG A CB  1 
ATOM   854  C  CG  . ARG A 1 113 ? -15.092 -2.627  -8.564  1.00 33.66 ? 113 ARG A CG  1 
ATOM   855  C  CD  . ARG A 1 113 ? -16.411 -2.948  -9.183  1.00 37.63 ? 113 ARG A CD  1 
ATOM   856  N  NE  . ARG A 1 113 ? -16.245 -3.918  -10.240 1.00 41.72 ? 113 ARG A NE  1 
ATOM   857  C  CZ  . ARG A 1 113 ? -17.266 -4.520  -10.864 1.00 44.43 ? 113 ARG A CZ  1 
ATOM   858  N  NH1 . ARG A 1 113 ? -18.552 -4.261  -10.539 1.00 39.56 ? 113 ARG A NH1 1 
ATOM   859  N  NH2 . ARG A 1 113 ? -17.002 -5.375  -11.838 1.00 42.65 ? 113 ARG A NH2 1 
ATOM   860  N  N   . TYR A 1 114 ? -13.443 0.897   -8.364  1.00 27.33 ? 114 TYR A N   1 
ATOM   861  C  CA  . TYR A 1 114 ? -12.850 1.666   -9.462  1.00 27.98 ? 114 TYR A CA  1 
ATOM   862  C  C   . TYR A 1 114 ? -12.301 2.985   -8.958  1.00 27.12 ? 114 TYR A C   1 
ATOM   863  O  O   . TYR A 1 114 ? -13.093 3.782   -8.410  1.00 25.06 ? 114 TYR A O   1 
ATOM   864  C  CB  . TYR A 1 114 ? -13.869 2.057   -10.541 1.00 28.39 ? 114 TYR A CB  1 
ATOM   865  C  CG  . TYR A 1 114 ? -14.615 0.935   -11.251 1.00 35.30 ? 114 TYR A CG  1 
ATOM   866  C  CD1 . TYR A 1 114 ? -16.020 0.891   -11.229 1.00 37.38 ? 114 TYR A CD1 1 
ATOM   867  C  CD2 . TYR A 1 114 ? -13.932 -0.057  -11.977 1.00 34.75 ? 114 TYR A CD2 1 
ATOM   868  C  CE1 . TYR A 1 114 ? -16.719 -0.102  -11.893 1.00 44.98 ? 114 TYR A CE1 1 
ATOM   869  C  CE2 . TYR A 1 114 ? -14.619 -1.066  -12.653 1.00 38.32 ? 114 TYR A CE2 1 
ATOM   870  C  CZ  . TYR A 1 114 ? -16.007 -1.096  -12.614 1.00 47.11 ? 114 TYR A CZ  1 
ATOM   871  O  OH  . TYR A 1 114 ? -16.707 -2.089  -13.294 1.00 43.67 ? 114 TYR A OH  1 
ATOM   872  N  N   . ILE A 1 115 ? -10.999 3.238   -9.209  1.00 21.34 ? 115 ILE A N   1 
ATOM   873  C  CA  . ILE A 1 115 ? -10.392 4.549   -8.889  1.00 23.26 ? 115 ILE A CA  1 
ATOM   874  C  C   . ILE A 1 115 ? -9.529  5.129   -10.015 1.00 21.63 ? 115 ILE A C   1 
ATOM   875  O  O   . ILE A 1 115 ? -9.164  4.431   -10.958 1.00 21.36 ? 115 ILE A O   1 
ATOM   876  C  CB  . ILE A 1 115 ? -9.507  4.539   -7.580  1.00 21.83 ? 115 ILE A CB  1 
ATOM   877  C  CG1 . ILE A 1 115 ? -8.236  3.716   -7.853  1.00 19.81 ? 115 ILE A CG1 1 
ATOM   878  C  CG2 . ILE A 1 115 ? -10.319 4.129   -6.315  1.00 20.45 ? 115 ILE A CG2 1 
ATOM   879  C  CD1 . ILE A 1 115 ? -7.268  3.626   -6.707  1.00 17.08 ? 115 ILE A CD1 1 
ATOM   880  N  N   . ARG A 1 116 ? -9.210  6.422   -9.908  1.00 21.14 ? 116 ARG A N   1 
ATOM   881  C  CA  . ARG A 1 116 ? -8.076  6.965   -10.635 1.00 22.69 ? 116 ARG A CA  1 
ATOM   882  C  C   . ARG A 1 116 ? -7.110  7.375   -9.579  1.00 24.21 ? 116 ARG A C   1 
ATOM   883  O  O   . ARG A 1 116 ? -7.497  7.946   -8.546  1.00 25.80 ? 116 ARG A O   1 
ATOM   884  C  CB  . ARG A 1 116 ? -8.431  8.182   -11.538 1.00 23.86 ? 116 ARG A CB  1 
ATOM   885  C  CG  . ARG A 1 116 ? -7.182  8.841   -12.225 1.00 27.66 ? 116 ARG A CG  1 
ATOM   886  C  CD  . ARG A 1 116 ? -7.440  9.435   -13.631 1.00 29.10 ? 116 ARG A CD  1 
ATOM   887  N  NE  . ARG A 1 116 ? -8.662  10.172  -13.557 1.00 33.34 ? 116 ARG A NE  1 
ATOM   888  C  CZ  . ARG A 1 116 ? -9.803  9.982   -14.215 1.00 30.79 ? 116 ARG A CZ  1 
ATOM   889  N  NH1 . ARG A 1 116 ? -9.966  9.130   -15.222 1.00 32.10 ? 116 ARG A NH1 1 
ATOM   890  N  NH2 . ARG A 1 116 ? -10.786 10.760  -13.849 1.00 31.34 ? 116 ARG A NH2 1 
ATOM   891  N  N   . TYR A 1 117 ? -5.832  7.130   -9.850  1.00 25.86 ? 117 TYR A N   1 
ATOM   892  C  CA  . TYR A 1 117 ? -4.773  7.709   -9.018  1.00 21.90 ? 117 TYR A CA  1 
ATOM   893  C  C   . TYR A 1 117 ? -3.747  8.473   -9.859  1.00 21.62 ? 117 TYR A C   1 
ATOM   894  O  O   . TYR A 1 117 ? -3.539  8.171   -11.032 1.00 21.64 ? 117 TYR A O   1 
ATOM   895  C  CB  . TYR A 1 117 ? -4.112  6.633   -8.146  1.00 22.01 ? 117 TYR A CB  1 
ATOM   896  C  CG  . TYR A 1 117 ? -3.389  5.483   -8.888  1.00 21.76 ? 117 TYR A CG  1 
ATOM   897  C  CD1 . TYR A 1 117 ? -4.056  4.261   -9.167  1.00 20.99 ? 117 TYR A CD1 1 
ATOM   898  C  CD2 . TYR A 1 117 ? -2.005  5.598   -9.239  1.00 20.58 ? 117 TYR A CD2 1 
ATOM   899  C  CE1 . TYR A 1 117 ? -3.385  3.187   -9.796  1.00 21.30 ? 117 TYR A CE1 1 
ATOM   900  C  CE2 . TYR A 1 117 ? -1.318  4.554   -9.871  1.00 21.39 ? 117 TYR A CE2 1 
ATOM   901  C  CZ  . TYR A 1 117 ? -1.998  3.340   -10.139 1.00 21.17 ? 117 TYR A CZ  1 
ATOM   902  O  OH  . TYR A 1 117 ? -1.322  2.312   -10.761 1.00 23.41 ? 117 TYR A OH  1 
ATOM   903  N  N   . ARG A 1 118 ? -3.133  9.483   -9.253  1.00 21.53 ? 118 ARG A N   1 
ATOM   904  C  CA  . ARG A 1 118 ? -2.153  10.346  -9.945  1.00 22.64 ? 118 ARG A CA  1 
ATOM   905  C  C   . ARG A 1 118 ? -0.964  10.595  -9.031  1.00 22.38 ? 118 ARG A C   1 
ATOM   906  O  O   . ARG A 1 118 ? -1.113  10.662  -7.786  1.00 21.30 ? 118 ARG A O   1 
ATOM   907  C  CB  . ARG A 1 118 ? -2.747  11.727  -10.276 1.00 26.55 ? 118 ARG A CB  1 
ATOM   908  C  CG  . ARG A 1 118 ? -3.840  11.771  -11.290 1.00 33.07 ? 118 ARG A CG  1 
ATOM   909  C  CD  . ARG A 1 118 ? -4.346  13.210  -11.348 1.00 38.44 ? 118 ARG A CD  1 
ATOM   910  N  NE  . ARG A 1 118 ? -5.676  13.382  -11.962 1.00 46.21 ? 118 ARG A NE  1 
ATOM   911  C  CZ  . ARG A 1 118 ? -5.932  13.500  -13.279 1.00 53.63 ? 118 ARG A CZ  1 
ATOM   912  N  NH1 . ARG A 1 118 ? -4.961  13.414  -14.193 1.00 50.99 ? 118 ARG A NH1 1 
ATOM   913  N  NH2 . ARG A 1 118 ? -7.191  13.686  -13.693 1.00 55.25 ? 118 ARG A NH2 1 
ATOM   914  N  N   . GLY A 1 119 ? 0.199   10.841  -9.635  1.00 20.93 ? 119 GLY A N   1 
ATOM   915  C  CA  . GLY A 1 119 ? 1.379   11.160  -8.860  1.00 19.36 ? 119 GLY A CA  1 
ATOM   916  C  C   . GLY A 1 119 ? 2.557   11.109  -9.814  1.00 21.74 ? 119 GLY A C   1 
ATOM   917  O  O   . GLY A 1 119 ? 2.387   11.259  -11.017 1.00 22.18 ? 119 GLY A O   1 
ATOM   918  N  N   . PHE A 1 120 ? 3.758   10.932  -9.269  1.00 24.11 ? 120 PHE A N   1 
ATOM   919  C  CA  . PHE A 1 120 ? 4.978   10.926  -10.055 1.00 24.18 ? 120 PHE A CA  1 
ATOM   920  C  C   . PHE A 1 120 ? 5.779   9.671   -9.780  1.00 22.31 ? 120 PHE A C   1 
ATOM   921  O  O   . PHE A 1 120 ? 5.851   9.188   -8.632  1.00 21.74 ? 120 PHE A O   1 
ATOM   922  C  CB  . PHE A 1 120 ? 5.783   12.182  -9.750  1.00 31.64 ? 120 PHE A CB  1 
ATOM   923  C  CG  . PHE A 1 120 ? 5.041   13.445  -10.080 1.00 36.53 ? 120 PHE A CG  1 
ATOM   924  C  CD1 . PHE A 1 120 ? 5.134   14.013  -11.348 1.00 36.47 ? 120 PHE A CD1 1 
ATOM   925  C  CD2 . PHE A 1 120 ? 4.161   14.034  -9.149  1.00 39.60 ? 120 PHE A CD2 1 
ATOM   926  C  CE1 . PHE A 1 120 ? 4.414   15.173  -11.652 1.00 31.61 ? 120 PHE A CE1 1 
ATOM   927  C  CE2 . PHE A 1 120 ? 3.450   15.196  -9.464  1.00 32.46 ? 120 PHE A CE2 1 
ATOM   928  C  CZ  . PHE A 1 120 ? 3.575   15.742  -10.717 1.00 29.74 ? 120 PHE A CZ  1 
ATOM   929  N  N   . ALA A 1 121 ? 6.318   9.097   -10.858 1.00 23.15 ? 121 ALA A N   1 
ATOM   930  C  CA  . ALA A 1 121 ? 7.370   8.086   -10.766 1.00 23.64 ? 121 ALA A CA  1 
ATOM   931  C  C   . ALA A 1 121 ? 8.614   8.799   -10.213 1.00 22.68 ? 121 ALA A C   1 
ATOM   932  O  O   . ALA A 1 121 ? 8.668   10.018  -10.241 1.00 25.35 ? 121 ALA A O   1 
ATOM   933  C  CB  . ALA A 1 121 ? 7.638   7.459   -12.135 1.00 20.44 ? 121 ALA A CB  1 
ATOM   934  N  N   . PRO A 1 122 ? 9.575   8.054   -9.635  1.00 25.12 ? 122 PRO A N   1 
ATOM   935  C  CA  . PRO A 1 122 ? 10.754  8.608   -8.898  1.00 23.66 ? 122 PRO A CA  1 
ATOM   936  C  C   . PRO A 1 122 ? 11.638  9.469   -9.762  1.00 24.42 ? 122 PRO A C   1 
ATOM   937  O  O   . PRO A 1 122 ? 12.411  10.302  -9.229  1.00 24.94 ? 122 PRO A O   1 
ATOM   938  C  CB  . PRO A 1 122 ? 11.549  7.347   -8.561  1.00 21.73 ? 122 PRO A CB  1 
ATOM   939  C  CG  . PRO A 1 122 ? 10.465  6.346   -8.348  1.00 23.37 ? 122 PRO A CG  1 
ATOM   940  C  CD  . PRO A 1 122 ? 9.549   6.590   -9.526  1.00 23.71 ? 122 PRO A CD  1 
ATOM   941  N  N   . ASP A 1 123 ? 11.569  9.247   -11.079 1.00 22.89 ? 123 ASP A N   1 
ATOM   942  C  CA  . ASP A 1 123 ? 12.354  10.063  -11.989 1.00 25.44 ? 123 ASP A CA  1 
ATOM   943  C  C   . ASP A 1 123 ? 11.616  11.373  -12.255 1.00 25.72 ? 123 ASP A C   1 
ATOM   944  O  O   . ASP A 1 123 ? 12.086  12.193  -13.005 1.00 25.55 ? 123 ASP A O   1 
ATOM   945  C  CB  . ASP A 1 123 ? 12.662  9.323   -13.292 1.00 24.05 ? 123 ASP A CB  1 
ATOM   946  C  CG  . ASP A 1 123 ? 11.467  9.257   -14.209 1.00 28.20 ? 123 ASP A CG  1 
ATOM   947  O  OD1 . ASP A 1 123 ? 11.578  8.658   -15.266 1.00 33.84 ? 123 ASP A OD1 1 
ATOM   948  O  OD2 . ASP A 1 123 ? 10.366  9.787   -13.878 1.00 33.94 ? 123 ASP A OD2 1 
ATOM   949  N  N   . GLY A 1 124 ? 10.422  11.573  -11.707 1.00 24.78 ? 124 GLY A N   1 
ATOM   950  C  CA  . GLY A 1 124 ? 9.673   12.799  -12.105 1.00 23.43 ? 124 GLY A CA  1 
ATOM   951  C  C   . GLY A 1 124 ? 8.653   12.700  -13.240 1.00 23.55 ? 124 GLY A C   1 
ATOM   952  O  O   . GLY A 1 124 ? 7.936   13.644  -13.492 1.00 23.76 ? 124 GLY A O   1 
ATOM   953  N  N   . SER A 1 125 ? 8.536   11.572  -13.936 1.00 25.58 ? 125 SER A N   1 
ATOM   954  C  CA  . SER A 1 125 ? 7.451   11.518  -14.935 1.00 27.14 ? 125 SER A CA  1 
ATOM   955  C  C   . SER A 1 125 ? 6.103   11.380  -14.236 1.00 28.33 ? 125 SER A C   1 
ATOM   956  O  O   . SER A 1 125 ? 5.985   10.666  -13.229 1.00 28.85 ? 125 SER A O   1 
ATOM   957  C  CB  . SER A 1 125 ? 7.625   10.382  -15.930 1.00 27.51 ? 125 SER A CB  1 
ATOM   958  O  OG  . SER A 1 125 ? 8.646   9.517   -15.538 1.00 36.52 ? 125 SER A OG  1 
ATOM   959  N  N   . PRO A 1 126 ? 5.080   12.078  -14.764 1.00 28.84 ? 126 PRO A N   1 
ATOM   960  C  CA  . PRO A 1 126 ? 3.765   12.053  -14.131 1.00 25.46 ? 126 PRO A CA  1 
ATOM   961  C  C   . PRO A 1 126 ? 3.176   10.671  -14.414 1.00 29.11 ? 126 PRO A C   1 
ATOM   962  O  O   . PRO A 1 126 ? 3.495   10.085  -15.456 1.00 25.10 ? 126 PRO A O   1 
ATOM   963  C  CB  . PRO A 1 126 ? 2.984   13.150  -14.866 1.00 26.53 ? 126 PRO A CB  1 
ATOM   964  C  CG  . PRO A 1 126 ? 3.719   13.372  -16.187 1.00 26.64 ? 126 PRO A CG  1 
ATOM   965  C  CD  . PRO A 1 126 ? 5.119   12.871  -16.023 1.00 26.30 ? 126 PRO A CD  1 
ATOM   966  N  N   . ILE A 1 127 ? 2.393   10.146  -13.451 1.00 25.52 ? 127 ILE A N   1 
ATOM   967  C  CA  . ILE A 1 127 ? 1.720   8.879   -13.605 1.00 25.58 ? 127 ILE A CA  1 
ATOM   968  C  C   . ILE A 1 127 ? 0.230   9.214   -13.376 1.00 25.15 ? 127 ILE A C   1 
ATOM   969  O  O   . ILE A 1 127 ? -0.083  9.949   -12.453 1.00 24.95 ? 127 ILE A O   1 
ATOM   970  C  CB  . ILE A 1 127 ? 2.227   7.876   -12.502 1.00 26.16 ? 127 ILE A CB  1 
ATOM   971  C  CG1 . ILE A 1 127 ? 3.695   7.433   -12.707 1.00 24.73 ? 127 ILE A CG1 1 
ATOM   972  C  CG2 . ILE A 1 127 ? 1.370   6.621   -12.414 1.00 22.38 ? 127 ILE A CG2 1 
ATOM   973  C  CD1 . ILE A 1 127 ? 4.173   6.550   -11.562 1.00 26.93 ? 127 ILE A CD1 1 
ATOM   974  N  N   . GLU A 1 128 ? -0.673  8.765   -14.244 1.00 24.01 ? 128 GLU A N   1 
ATOM   975  C  CA  . GLU A 1 128 ? -2.111  8.779   -13.904 1.00 24.70 ? 128 GLU A CA  1 
ATOM   976  C  C   . GLU A 1 128 ? -2.687  7.551   -14.485 1.00 25.01 ? 128 GLU A C   1 
ATOM   977  O  O   . GLU A 1 128 ? -2.496  7.327   -15.675 1.00 25.12 ? 128 GLU A O   1 
ATOM   978  C  CB  . GLU A 1 128 ? -2.924  10.002  -14.379 1.00 24.00 ? 128 GLU A CB  1 
ATOM   979  C  CG  . GLU A 1 128 ? -3.239  10.136  -15.834 1.00 28.07 ? 128 GLU A CG  1 
ATOM   980  C  CD  . GLU A 1 128 ? -4.402  9.303   -16.383 1.00 27.51 ? 128 GLU A CD  1 
ATOM   981  O  OE1 . GLU A 1 128 ? -5.379  8.892   -15.718 1.00 25.95 ? 128 GLU A OE1 1 
ATOM   982  O  OE2 . GLU A 1 128 ? -4.349  8.991   -17.571 1.00 31.10 ? 128 GLU A OE2 1 
ATOM   983  N  N   . ARG A 1 129 ? -3.370  6.749   -13.648 1.00 23.47 ? 129 ARG A N   1 
ATOM   984  C  CA  . ARG A 1 129 ? -3.997  5.515   -14.146 1.00 26.52 ? 129 ARG A CA  1 
ATOM   985  C  C   . ARG A 1 129 ? -5.348  5.379   -13.552 1.00 24.99 ? 129 ARG A C   1 
ATOM   986  O  O   . ARG A 1 129 ? -5.568  5.769   -12.387 1.00 25.37 ? 129 ARG A O   1 
ATOM   987  C  CB  . ARG A 1 129 ? -3.196  4.241   -13.731 1.00 25.01 ? 129 ARG A CB  1 
ATOM   988  C  CG  . ARG A 1 129 ? -1.830  4.159   -14.365 1.00 27.01 ? 129 ARG A CG  1 
ATOM   989  C  CD  . ARG A 1 129 ? -1.082  3.031   -13.667 1.00 29.07 ? 129 ARG A CD  1 
ATOM   990  N  NE  . ARG A 1 129 ? 0.280   2.905   -14.165 1.00 27.42 ? 129 ARG A NE  1 
ATOM   991  C  CZ  . ARG A 1 129 ? 1.262   2.342   -13.477 1.00 27.22 ? 129 ARG A CZ  1 
ATOM   992  N  NH1 . ARG A 1 129 ? 1.070   1.834   -12.248 1.00 21.96 ? 129 ARG A NH1 1 
ATOM   993  N  NH2 . ARG A 1 129 ? 2.444   2.308   -14.035 1.00 26.25 ? 129 ARG A NH2 1 
ATOM   994  N  N   . GLU A 1 130 ? -6.233  4.784   -14.342 1.00 25.89 ? 130 GLU A N   1 
ATOM   995  C  CA  . GLU A 1 130 ? -7.436  4.232   -13.769 1.00 25.83 ? 130 GLU A CA  1 
ATOM   996  C  C   . GLU A 1 130 ? -7.158  2.767   -13.297 1.00 27.33 ? 130 GLU A C   1 
ATOM   997  O  O   . GLU A 1 130 ? -6.302  2.133   -13.877 1.00 24.71 ? 130 GLU A O   1 
ATOM   998  C  CB  . GLU A 1 130 ? -8.755  4.548   -14.552 1.00 26.88 ? 130 GLU A CB  1 
ATOM   999  C  CG  . GLU A 1 130 ? -8.752  4.891   -16.035 1.00 30.17 ? 130 GLU A CG  1 
ATOM   1000 C  CD  . GLU A 1 130 ? -7.962  6.115   -16.507 1.00 25.72 ? 130 GLU A CD  1 
ATOM   1001 O  OE1 . GLU A 1 130 ? -7.945  7.303   -16.003 1.00 26.34 ? 130 GLU A OE1 1 
ATOM   1002 O  OE2 . GLU A 1 130 ? -7.250  5.859   -17.448 1.00 24.22 ? 130 GLU A OE2 1 
ATOM   1003 N  N   . ALA A 1 131 ? -7.756  2.306   -12.175 1.00 23.52 ? 131 ALA A N   1 
ATOM   1004 C  CA  . ALA A 1 131 ? -7.511  0.974   -11.665 1.00 24.10 ? 131 ALA A CA  1 
ATOM   1005 C  C   . ALA A 1 131 ? -8.810  0.375   -11.057 1.00 26.64 ? 131 ALA A C   1 
ATOM   1006 O  O   . ALA A 1 131 ? -9.690  1.115   -10.583 1.00 26.24 ? 131 ALA A O   1 
ATOM   1007 C  CB  . ALA A 1 131 ? -6.380  0.980   -10.640 1.00 21.58 ? 131 ALA A CB  1 
ATOM   1008 N  N   . GLU A 1 132 ? -8.924  -0.950  -11.093 1.00 23.50 ? 132 GLU A N   1 
ATOM   1009 C  CA  . GLU A 1 132 ? -10.099 -1.638  -10.596 1.00 23.96 ? 132 GLU A CA  1 
ATOM   1010 C  C   . GLU A 1 132 ? -9.703  -2.825  -9.700  1.00 23.60 ? 132 GLU A C   1 
ATOM   1011 O  O   . GLU A 1 132 ? -8.582  -3.316  -9.771  1.00 20.59 ? 132 GLU A O   1 
ATOM   1012 C  CB  . GLU A 1 132 ? -10.998 -2.095  -11.786 1.00 24.03 ? 132 GLU A CB  1 
ATOM   1013 C  CG  . GLU A 1 132 ? -10.522 -3.335  -12.540 1.00 29.22 ? 132 GLU A CG  1 
ATOM   1014 C  CD  . GLU A 1 132 ? -11.197 -3.502  -13.912 1.00 31.09 ? 132 GLU A CD  1 
ATOM   1015 O  OE1 . GLU A 1 132 ? -10.530 -3.522  -14.973 1.00 36.19 ? 132 GLU A OE1 1 
ATOM   1016 O  OE2 . GLU A 1 132 ? -12.432 -3.581  -14.028 1.00 31.76 ? 132 GLU A OE2 1 
ATOM   1017 N  N   . GLY A 1 133 ? -10.651 -3.282  -8.878  1.00 24.77 ? 133 GLY A N   1 
ATOM   1018 C  CA  . GLY A 1 133 ? -10.511 -4.516  -8.120  1.00 22.67 ? 133 GLY A CA  1 
ATOM   1019 C  C   . GLY A 1 133 ? -9.209  -4.463  -7.325  1.00 25.47 ? 133 GLY A C   1 
ATOM   1020 O  O   . GLY A 1 133 ? -8.922  -3.493  -6.540  1.00 19.25 ? 133 GLY A O   1 
ATOM   1021 N  N   . PHE A 1 134 ? -8.452  -5.544  -7.490  1.00 20.03 ? 134 PHE A N   1 
ATOM   1022 C  CA  . PHE A 1 134 ? -7.319  -5.720  -6.640  1.00 21.84 ? 134 PHE A CA  1 
ATOM   1023 C  C   . PHE A 1 134 ? -6.250  -4.611  -6.731  1.00 19.01 ? 134 PHE A C   1 
ATOM   1024 O  O   . PHE A 1 134 ? -5.731  -4.238  -5.694  1.00 21.10 ? 134 PHE A O   1 
ATOM   1025 C  CB  . PHE A 1 134 ? -6.670  -7.065  -6.859  1.00 19.08 ? 134 PHE A CB  1 
ATOM   1026 C  CG  . PHE A 1 134 ? -5.747  -7.445  -5.748  1.00 20.25 ? 134 PHE A CG  1 
ATOM   1027 C  CD1 . PHE A 1 134 ? -6.239  -7.748  -4.491  1.00 21.28 ? 134 PHE A CD1 1 
ATOM   1028 C  CD2 . PHE A 1 134 ? -4.362  -7.470  -5.948  1.00 21.44 ? 134 PHE A CD2 1 
ATOM   1029 C  CE1 . PHE A 1 134 ? -5.373  -8.098  -3.443  1.00 25.36 ? 134 PHE A CE1 1 
ATOM   1030 C  CE2 . PHE A 1 134 ? -3.495  -7.838  -4.906  1.00 21.51 ? 134 PHE A CE2 1 
ATOM   1031 C  CZ  . PHE A 1 134 ? -3.998  -8.150  -3.657  1.00 20.53 ? 134 PHE A CZ  1 
ATOM   1032 N  N   . HIS A 1 135 ? -5.890  -4.200  -7.960  1.00 18.50 ? 135 HIS A N   1 
ATOM   1033 C  CA  . HIS A 1 135 ? -5.001  -3.063  -8.273  1.00 21.18 ? 135 HIS A CA  1 
ATOM   1034 C  C   . HIS A 1 135 ? -5.522  -1.842  -7.495  1.00 22.90 ? 135 HIS A C   1 
ATOM   1035 O  O   . HIS A 1 135 ? -4.785  -1.259  -6.725  1.00 24.69 ? 135 HIS A O   1 
ATOM   1036 C  CB  . HIS A 1 135 ? -4.992  -2.816  -9.830  1.00 21.64 ? 135 HIS A CB  1 
ATOM   1037 C  CG  . HIS A 1 135 ? -4.018  -1.755  -10.298 1.00 22.12 ? 135 HIS A CG  1 
ATOM   1038 N  ND1 . HIS A 1 135 ? -3.634  -1.622  -11.620 1.00 22.29 ? 135 HIS A ND1 1 
ATOM   1039 C  CD2 . HIS A 1 135 ? -3.352  -0.785  -9.618  1.00 22.70 ? 135 HIS A CD2 1 
ATOM   1040 C  CE1 . HIS A 1 135 ? -2.799  -0.598  -11.734 1.00 25.15 ? 135 HIS A CE1 1 
ATOM   1041 N  NE2 . HIS A 1 135 ? -2.617  -0.067  -10.536 1.00 22.86 ? 135 HIS A NE2 1 
ATOM   1042 N  N   . ALA A 1 136 ? -6.808  -1.490  -7.680  1.00 22.17 ? 136 ALA A N   1 
ATOM   1043 C  CA  . ALA A 1 136 ? -7.399  -0.407  -6.879  1.00 22.90 ? 136 ALA A CA  1 
ATOM   1044 C  C   . ALA A 1 136 ? -7.251  -0.542  -5.352  1.00 24.66 ? 136 ALA A C   1 
ATOM   1045 O  O   . ALA A 1 136 ? -6.963  0.453   -4.610  1.00 21.61 ? 136 ALA A O   1 
ATOM   1046 C  CB  . ALA A 1 136 ? -8.865  -0.205  -7.256  1.00 21.02 ? 136 ALA A CB  1 
ATOM   1047 N  N   . ARG A 1 137 ? -7.464  -1.755  -4.870  1.00 21.19 ? 137 ARG A N   1 
ATOM   1048 C  CA  . ARG A 1 137 ? -7.485  -1.995  -3.425  1.00 20.55 ? 137 ARG A CA  1 
ATOM   1049 C  C   . ARG A 1 137 ? -6.099  -1.715  -2.868  1.00 21.19 ? 137 ARG A C   1 
ATOM   1050 O  O   . ARG A 1 137 ? -5.921  -0.991  -1.843  1.00 22.13 ? 137 ARG A O   1 
ATOM   1051 C  CB  . ARG A 1 137 ? -7.880  -3.468  -3.136  1.00 22.06 ? 137 ARG A CB  1 
ATOM   1052 C  CG  . ARG A 1 137 ? -7.541  -3.998  -1.727  1.00 22.08 ? 137 ARG A CG  1 
ATOM   1053 C  CD  . ARG A 1 137 ? -8.116  -5.402  -1.582  1.00 23.09 ? 137 ARG A CD  1 
ATOM   1054 N  NE  . ARG A 1 137 ? -9.515  -5.456  -2.039  1.00 24.73 ? 137 ARG A NE  1 
ATOM   1055 C  CZ  . ARG A 1 137 ? -10.581 -5.115  -1.296  1.00 25.40 ? 137 ARG A CZ  1 
ATOM   1056 N  NH1 . ARG A 1 137 ? -10.410 -4.768  -0.001  1.00 21.27 ? 137 ARG A NH1 1 
ATOM   1057 N  NH2 . ARG A 1 137 ? -11.826 -5.185  -1.845  1.00 23.22 ? 137 ARG A NH2 1 
ATOM   1058 N  N   . VAL A 1 138 ? -5.107  -2.330  -3.498  1.00 20.03 ? 138 VAL A N   1 
ATOM   1059 C  CA  . VAL A 1 138 ? -3.740  -2.079  -3.059  1.00 19.80 ? 138 VAL A CA  1 
ATOM   1060 C  C   . VAL A 1 138 ? -3.396  -0.597  -2.964  1.00 19.14 ? 138 VAL A C   1 
ATOM   1061 O  O   . VAL A 1 138 ? -2.762  -0.167  -1.962  1.00 25.13 ? 138 VAL A O   1 
ATOM   1062 C  CB  . VAL A 1 138 ? -2.672  -2.794  -3.931  1.00 20.38 ? 138 VAL A CB  1 
ATOM   1063 C  CG1 . VAL A 1 138 ? -1.264  -2.534  -3.335  1.00 19.63 ? 138 VAL A CG1 1 
ATOM   1064 C  CG2 . VAL A 1 138 ? -2.949  -4.309  -3.982  1.00 21.36 ? 138 VAL A CG2 1 
ATOM   1065 N  N   . VAL A 1 139 ? -3.757  0.204   -3.978  1.00 19.91 ? 139 VAL A N   1 
ATOM   1066 C  CA  . VAL A 1 139 ? -3.389  1.635   -3.926  1.00 18.52 ? 139 VAL A CA  1 
ATOM   1067 C  C   . VAL A 1 139 ? -4.129  2.374   -2.826  1.00 18.59 ? 139 VAL A C   1 
ATOM   1068 O  O   . VAL A 1 139 ? -3.531  3.264   -2.105  1.00 19.89 ? 139 VAL A O   1 
ATOM   1069 C  CB  . VAL A 1 139 ? -3.553  2.334   -5.305  1.00 22.01 ? 139 VAL A CB  1 
ATOM   1070 C  CG1 . VAL A 1 139 ? -3.209  3.824   -5.188  1.00 19.27 ? 139 VAL A CG1 1 
ATOM   1071 C  CG2 . VAL A 1 139 ? -2.628  1.657   -6.347  1.00 22.41 ? 139 VAL A CG2 1 
ATOM   1072 N  N   . GLN A 1 140 ? -5.416  2.032   -2.616  1.00 15.31 ? 140 GLN A N   1 
ATOM   1073 C  CA  . GLN A 1 140 ? -6.145  2.616   -1.481  1.00 16.07 ? 140 GLN A CA  1 
ATOM   1074 C  C   . GLN A 1 140 ? -5.487  2.311   -0.162  1.00 17.65 ? 140 GLN A C   1 
ATOM   1075 O  O   . GLN A 1 140 ? -5.369  3.192   0.744   1.00 14.68 ? 140 GLN A O   1 
ATOM   1076 C  CB  . GLN A 1 140 ? -7.626  2.228   -1.481  1.00 17.93 ? 140 GLN A CB  1 
ATOM   1077 C  CG  . GLN A 1 140 ? -8.365  2.648   -2.753  1.00 17.53 ? 140 GLN A CG  1 
ATOM   1078 C  CD  . GLN A 1 140 ? -9.784  2.063   -2.882  1.00 20.34 ? 140 GLN A CD  1 
ATOM   1079 O  OE1 . GLN A 1 140 ? -10.691 2.420   -2.077  1.00 20.40 ? 140 GLN A OE1 1 
ATOM   1080 N  NE2 . GLN A 1 140 ? -10.009 1.181   -3.908  1.00 18.19 ? 140 GLN A NE2 1 
ATOM   1081 N  N   . HIS A 1 141 ? -5.020  1.056   -0.037  1.00 18.40 ? 141 HIS A N   1 
ATOM   1082 C  CA  . HIS A 1 141 ? -4.475  0.588   1.242   1.00 18.67 ? 141 HIS A CA  1 
ATOM   1083 C  C   . HIS A 1 141 ? -3.164  1.348   1.543   1.00 21.83 ? 141 HIS A C   1 
ATOM   1084 O  O   . HIS A 1 141 ? -2.966  1.799   2.686   1.00 24.97 ? 141 HIS A O   1 
ATOM   1085 C  CB  . HIS A 1 141 ? -4.255  -0.948  1.171   1.00 20.92 ? 141 HIS A CB  1 
ATOM   1086 C  CG  . HIS A 1 141 ? -3.458  -1.522  2.304   1.00 22.64 ? 141 HIS A CG  1 
ATOM   1087 N  ND1 . HIS A 1 141 ? -3.977  -2.439  3.197   1.00 21.86 ? 141 HIS A ND1 1 
ATOM   1088 C  CD2 . HIS A 1 141 ? -2.161  -1.330  2.678   1.00 24.39 ? 141 HIS A CD2 1 
ATOM   1089 C  CE1 . HIS A 1 141 ? -3.054  -2.771  4.085   1.00 21.90 ? 141 HIS A CE1 1 
ATOM   1090 N  NE2 . HIS A 1 141 ? -1.946  -2.112  3.796   1.00 24.96 ? 141 HIS A NE2 1 
ATOM   1091 N  N   . GLU A 1 142 ? -2.284  1.464   0.530   1.00 20.70 ? 142 GLU A N   1 
ATOM   1092 C  CA  . GLU A 1 142 ? -1.047  2.228   0.676   1.00 21.50 ? 142 GLU A CA  1 
ATOM   1093 C  C   . GLU A 1 142 ? -1.337  3.674   0.889   1.00 21.51 ? 142 GLU A C   1 
ATOM   1094 O  O   . GLU A 1 142 ? -0.662  4.300   1.730   1.00 19.47 ? 142 GLU A O   1 
ATOM   1095 C  CB  . GLU A 1 142 ? -0.110  2.106   -0.522  1.00 21.05 ? 142 GLU A CB  1 
ATOM   1096 C  CG  . GLU A 1 142 ? 0.293   0.670   -0.841  1.00 22.66 ? 142 GLU A CG  1 
ATOM   1097 C  CD  . GLU A 1 142 ? 0.580   -0.174  0.384   1.00 24.34 ? 142 GLU A CD  1 
ATOM   1098 O  OE1 . GLU A 1 142 ? 1.101   0.302   1.423   1.00 26.41 ? 142 GLU A OE1 1 
ATOM   1099 O  OE2 . GLU A 1 142 ? 0.266   -1.354  0.316   1.00 29.50 ? 142 GLU A OE2 1 
ATOM   1100 N  N   . TYR A 1 143 ? -2.329  4.199   0.146   1.00 20.16 ? 143 TYR A N   1 
ATOM   1101 C  CA  . TYR A 1 143 ? -2.705  5.577   0.339   1.00 20.53 ? 143 TYR A CA  1 
ATOM   1102 C  C   . TYR A 1 143 ? -3.065  5.890   1.806   1.00 23.04 ? 143 TYR A C   1 
ATOM   1103 O  O   . TYR A 1 143 ? -2.624  6.978   2.389   1.00 20.05 ? 143 TYR A O   1 
ATOM   1104 C  CB  . TYR A 1 143 ? -3.833  6.016   -0.651  1.00 23.36 ? 143 TYR A CB  1 
ATOM   1105 C  CG  . TYR A 1 143 ? -4.204  7.448   -0.489  1.00 26.35 ? 143 TYR A CG  1 
ATOM   1106 C  CD1 . TYR A 1 143 ? -3.370  8.471   -1.013  1.00 31.31 ? 143 TYR A CD1 1 
ATOM   1107 C  CD2 . TYR A 1 143 ? -5.287  7.821   0.315   1.00 26.46 ? 143 TYR A CD2 1 
ATOM   1108 C  CE1 . TYR A 1 143 ? -3.665  9.807   -0.802  1.00 32.87 ? 143 TYR A CE1 1 
ATOM   1109 C  CE2 . TYR A 1 143 ? -5.590  9.156   0.550   1.00 30.01 ? 143 TYR A CE2 1 
ATOM   1110 C  CZ  . TYR A 1 143 ? -4.788  10.144  -0.010  1.00 36.72 ? 143 TYR A CZ  1 
ATOM   1111 O  OH  . TYR A 1 143 ? -5.070  11.476  0.237   1.00 43.42 ? 143 TYR A OH  1 
ATOM   1112 N  N   . ASP A 1 144 ? -3.858  4.977   2.413   1.00 20.22 ? 144 ASP A N   1 
ATOM   1113 C  CA  . ASP A 1 144 ? -4.297  5.137   3.781   1.00 19.60 ? 144 ASP A CA  1 
ATOM   1114 C  C   . ASP A 1 144 ? -3.107  5.361   4.675   1.00 19.06 ? 144 ASP A C   1 
ATOM   1115 O  O   . ASP A 1 144 ? -3.174  6.177   5.610   1.00 22.90 ? 144 ASP A O   1 
ATOM   1116 C  CB  . ASP A 1 144 ? -5.141  3.894   4.289   1.00 18.96 ? 144 ASP A CB  1 
ATOM   1117 C  CG  . ASP A 1 144 ? -6.645  4.042   4.017   1.00 22.38 ? 144 ASP A CG  1 
ATOM   1118 O  OD1 . ASP A 1 144 ? -7.073  5.196   3.759   1.00 18.92 ? 144 ASP A OD1 1 
ATOM   1119 O  OD2 . ASP A 1 144 ? -7.424  3.000   4.032   1.00 23.30 ? 144 ASP A OD2 1 
ATOM   1120 N  N   . HIS A 1 145 ? -2.041  4.587   4.452   1.00 19.88 ? 145 HIS A N   1 
ATOM   1121 C  CA  . HIS A 1 145 ? -0.770  4.719   5.257   1.00 22.22 ? 145 HIS A CA  1 
ATOM   1122 C  C   . HIS A 1 145 ? -0.227  6.143   5.227   1.00 22.57 ? 145 HIS A C   1 
ATOM   1123 O  O   . HIS A 1 145 ? 0.268   6.625   6.228   1.00 23.22 ? 145 HIS A O   1 
ATOM   1124 C  CB  . HIS A 1 145 ? 0.358   3.754   4.793   1.00 18.84 ? 145 HIS A CB  1 
ATOM   1125 C  CG  . HIS A 1 145 ? 0.229   2.362   5.322   1.00 18.55 ? 145 HIS A CG  1 
ATOM   1126 N  ND1 . HIS A 1 145 ? 0.264   2.081   6.675   1.00 19.71 ? 145 HIS A ND1 1 
ATOM   1127 C  CD2 . HIS A 1 145 ? 0.130   1.167   4.693   1.00 17.61 ? 145 HIS A CD2 1 
ATOM   1128 C  CE1 . HIS A 1 145 ? 0.167   0.766   6.853   1.00 21.42 ? 145 HIS A CE1 1 
ATOM   1129 N  NE2 . HIS A 1 145 ? 0.080   0.195   5.674   1.00 20.59 ? 145 HIS A NE2 1 
ATOM   1130 N  N   . LEU A 1 146 ? -0.326  6.789   4.057   1.00 21.87 ? 146 LEU A N   1 
ATOM   1131 C  CA  . LEU A 1 146 ? 0.199   8.160   3.839   1.00 22.09 ? 146 LEU A CA  1 
ATOM   1132 C  C   . LEU A 1 146 ? -0.558  9.220   4.674   1.00 24.20 ? 146 LEU A C   1 
ATOM   1133 O  O   . LEU A 1 146 ? -0.073  10.345  4.954   1.00 27.30 ? 146 LEU A O   1 
ATOM   1134 C  CB  . LEU A 1 146 ? 0.178   8.503   2.327   1.00 18.94 ? 146 LEU A CB  1 
ATOM   1135 C  CG  . LEU A 1 146 ? 0.929   7.517   1.416   1.00 17.28 ? 146 LEU A CG  1 
ATOM   1136 C  CD1 . LEU A 1 146 ? 1.008   8.017   -0.026  1.00 16.15 ? 146 LEU A CD1 1 
ATOM   1137 C  CD2 . LEU A 1 146 ? 2.304   7.099   1.971   1.00 15.47 ? 146 LEU A CD2 1 
ATOM   1138 N  N   . VAL A 1 147 ? -1.714  8.803   5.155   1.00 25.35 ? 147 VAL A N   1 
ATOM   1139 C  CA  . VAL A 1 147 ? -2.655  9.706   5.780   1.00 26.67 ? 147 VAL A CA  1 
ATOM   1140 C  C   . VAL A 1 147 ? -2.874  9.306   7.323   1.00 28.55 ? 147 VAL A C   1 
ATOM   1141 O  O   . VAL A 1 147 ? -3.742  9.842   7.984   1.00 28.66 ? 147 VAL A O   1 
ATOM   1142 C  CB  . VAL A 1 147 ? -3.842  9.781   4.723   1.00 27.48 ? 147 VAL A CB  1 
ATOM   1143 C  CG1 . VAL A 1 147 ? -5.217  9.455   5.195   1.00 24.48 ? 147 VAL A CG1 1 
ATOM   1144 C  CG2 . VAL A 1 147 ? -3.783  11.007  3.795   1.00 23.41 ? 147 VAL A CG2 1 
ATOM   1145 N  N   . GLY A 1 148 ? -2.024  8.432   7.886   1.00 25.70 ? 148 GLY A N   1 
ATOM   1146 C  CA  . GLY A 1 148 ? -2.126  7.936   9.269   1.00 27.73 ? 148 GLY A CA  1 
ATOM   1147 C  C   . GLY A 1 148 ? -3.296  6.994   9.648   1.00 26.83 ? 148 GLY A C   1 
ATOM   1148 O  O   . GLY A 1 148 ? -3.836  7.014   10.852  1.00 28.46 ? 148 GLY A O   1 
ATOM   1149 N  N   . ARG A 1 149 ? -3.666  6.216   8.627   1.00 27.27 ? 149 ARG A N   1 
ATOM   1150 C  CA  . ARG A 1 149 ? -4.813  5.243   8.636   1.00 28.24 ? 149 ARG A CA  1 
ATOM   1151 C  C   . ARG A 1 149 ? -4.386  3.777   8.296   1.00 29.50 ? 149 ARG A C   1 
ATOM   1152 O  O   . ARG A 1 149 ? -3.610  3.536   7.325   1.00 28.36 ? 149 ARG A O   1 
ATOM   1153 C  CB  . ARG A 1 149 ? -5.875  5.713   7.638   1.00 31.74 ? 149 ARG A CB  1 
ATOM   1154 C  CG  . ARG A 1 149 ? -7.280  5.222   7.828   1.00 37.14 ? 149 ARG A CG  1 
ATOM   1155 C  CD  . ARG A 1 149 ? -8.100  6.129   8.744   1.00 43.70 ? 149 ARG A CD  1 
ATOM   1156 N  NE  . ARG A 1 149 ? -9.323  5.418   9.118   1.00 50.82 ? 149 ARG A NE  1 
ATOM   1157 C  CZ  . ARG A 1 149 ? -10.460 5.411   8.426   1.00 53.19 ? 149 ARG A CZ  1 
ATOM   1158 N  NH1 . ARG A 1 149 ? -10.592 6.124   7.319   1.00 60.50 ? 149 ARG A NH1 1 
ATOM   1159 N  NH2 . ARG A 1 149 ? -11.486 4.686   8.843   1.00 46.57 ? 149 ARG A NH2 1 
ATOM   1160 N  N   . LEU A 1 150 ? -4.919  2.813   9.091   1.00 27.05 ? 150 LEU A N   1 
ATOM   1161 C  CA  . LEU A 1 150 ? -4.643  1.357   8.987   1.00 24.30 ? 150 LEU A CA  1 
ATOM   1162 C  C   . LEU A 1 150 ? -5.960  0.592   8.821   1.00 25.26 ? 150 LEU A C   1 
ATOM   1163 O  O   . LEU A 1 150 ? -7.039  1.099   9.178   1.00 25.61 ? 150 LEU A O   1 
ATOM   1164 C  CB  . LEU A 1 150 ? -3.886  0.862   10.229  1.00 23.34 ? 150 LEU A CB  1 
ATOM   1165 C  CG  . LEU A 1 150 ? -2.653  1.701   10.639  1.00 24.42 ? 150 LEU A CG  1 
ATOM   1166 C  CD1 . LEU A 1 150 ? -2.057  1.307   11.958  1.00 24.23 ? 150 LEU A CD1 1 
ATOM   1167 C  CD2 . LEU A 1 150 ? -1.567  1.607   9.570   1.00 26.68 ? 150 LEU A CD2 1 
ATOM   1168 N  N   . TYR A 1 151 ? -5.910  -0.605  8.244   1.00 21.86 ? 151 TYR A N   1 
ATOM   1169 C  CA  . TYR A 1 151 ? -7.180  -1.249  7.858   1.00 23.46 ? 151 TYR A CA  1 
ATOM   1170 C  C   . TYR A 1 151 ? -8.164  -1.580  9.055   1.00 22.77 ? 151 TYR A C   1 
ATOM   1171 O  O   . TYR A 1 151 ? -9.387  -1.634  8.842   1.00 22.87 ? 151 TYR A O   1 
ATOM   1172 C  CB  . TYR A 1 151 ? -6.937  -2.475  6.961   1.00 22.16 ? 151 TYR A CB  1 
ATOM   1173 C  CG  . TYR A 1 151 ? -6.440  -3.690  7.694   1.00 21.80 ? 151 TYR A CG  1 
ATOM   1174 C  CD1 . TYR A 1 151 ? -7.320  -4.497  8.470   1.00 23.47 ? 151 TYR A CD1 1 
ATOM   1175 C  CD2 . TYR A 1 151 ? -5.115  -4.093  7.578   1.00 23.33 ? 151 TYR A CD2 1 
ATOM   1176 C  CE1 . TYR A 1 151 ? -6.856  -5.650  9.136   1.00 21.84 ? 151 TYR A CE1 1 
ATOM   1177 C  CE2 . TYR A 1 151 ? -4.650  -5.238  8.221   1.00 24.13 ? 151 TYR A CE2 1 
ATOM   1178 C  CZ  . TYR A 1 151 ? -5.525  -5.999  9.015   1.00 22.63 ? 151 TYR A CZ  1 
ATOM   1179 O  OH  . TYR A 1 151 ? -5.040  -7.129  9.626   1.00 25.14 ? 151 TYR A OH  1 
ATOM   1180 N  N   . PRO A 1 152 ? -7.646  -1.758  10.299  1.00 21.04 ? 152 PRO A N   1 
ATOM   1181 C  CA  . PRO A 1 152 ? -8.671  -2.129  11.293  1.00 22.72 ? 152 PRO A CA  1 
ATOM   1182 C  C   . PRO A 1 152 ? -9.761  -1.105  11.453  1.00 22.81 ? 152 PRO A C   1 
ATOM   1183 O  O   . PRO A 1 152 ? -10.895 -1.522  11.671  1.00 21.43 ? 152 PRO A O   1 
ATOM   1184 C  CB  . PRO A 1 152 ? -7.861  -2.309  12.590  1.00 21.25 ? 152 PRO A CB  1 
ATOM   1185 C  CG  . PRO A 1 152 ? -6.510  -2.790  12.098  1.00 20.08 ? 152 PRO A CG  1 
ATOM   1186 C  CD  . PRO A 1 152 ? -6.286  -1.982  10.842  1.00 20.08 ? 152 PRO A CD  1 
ATOM   1187 N  N   . SER A 1 153 ? -9.426  0.198   11.338  1.00 21.79 ? 153 SER A N   1 
ATOM   1188 C  CA  . SER A 1 153 ? -10.420 1.268   11.440  1.00 22.19 ? 153 SER A CA  1 
ATOM   1189 C  C   . SER A 1 153 ? -11.392 1.247   10.272  1.00 22.30 ? 153 SER A C   1 
ATOM   1190 O  O   . SER A 1 153 ? -12.264 2.071   10.212  1.00 22.20 ? 153 SER A O   1 
ATOM   1191 C  CB  . SER A 1 153 ? -9.743  2.668   11.528  1.00 23.36 ? 153 SER A CB  1 
ATOM   1192 O  OG  . SER A 1 153 ? -8.992  2.929   10.335  1.00 24.81 ? 153 SER A OG  1 
ATOM   1193 N  N   . ARG A 1 154 ? -11.281 0.295   9.355   1.00 24.69 ? 154 ARG A N   1 
ATOM   1194 C  CA  . ARG A 1 154 ? -12.248 0.200   8.243   1.00 25.11 ? 154 ARG A CA  1 
ATOM   1195 C  C   . ARG A 1 154 ? -12.990 -1.135  8.218   1.00 27.10 ? 154 ARG A C   1 
ATOM   1196 O  O   . ARG A 1 154 ? -13.811 -1.423  7.311   1.00 24.27 ? 154 ARG A O   1 
ATOM   1197 C  CB  . ARG A 1 154 ? -11.474 0.339   6.909   1.00 27.34 ? 154 ARG A CB  1 
ATOM   1198 C  CG  . ARG A 1 154 ? -10.948 1.772   6.688   1.00 27.54 ? 154 ARG A CG  1 
ATOM   1199 C  CD  . ARG A 1 154 ? -10.576 1.986   5.224   1.00 31.42 ? 154 ARG A CD  1 
ATOM   1200 N  NE  . ARG A 1 154 ? -9.864  3.242   5.105   1.00 33.32 ? 154 ARG A NE  1 
ATOM   1201 C  CZ  . ARG A 1 154 ? -10.430 4.391   4.766   1.00 33.65 ? 154 ARG A CZ  1 
ATOM   1202 N  NH1 . ARG A 1 154 ? -11.715 4.431   4.502   1.00 31.05 ? 154 ARG A NH1 1 
ATOM   1203 N  NH2 . ARG A 1 154 ? -9.708  5.510   4.724   1.00 33.45 ? 154 ARG A NH2 1 
ATOM   1204 N  N   . ILE A 1 155 ? -12.696 -1.979  9.205   1.00 27.03 ? 155 ILE A N   1 
ATOM   1205 C  CA  . ILE A 1 155 ? -13.394 -3.230  9.296   1.00 25.67 ? 155 ILE A CA  1 
ATOM   1206 C  C   . ILE A 1 155 ? -14.869 -2.914  9.594   1.00 28.39 ? 155 ILE A C   1 
ATOM   1207 O  O   . ILE A 1 155 ? -15.172 -2.085  10.487  1.00 24.03 ? 155 ILE A O   1 
ATOM   1208 C  CB  . ILE A 1 155 ? -12.781 -4.128  10.386  1.00 24.72 ? 155 ILE A CB  1 
ATOM   1209 C  CG1 . ILE A 1 155 ? -11.315 -4.481  10.005  1.00 20.04 ? 155 ILE A CG1 1 
ATOM   1210 C  CG2 . ILE A 1 155 ? -13.692 -5.388  10.619  1.00 21.65 ? 155 ILE A CG2 1 
ATOM   1211 C  CD1 . ILE A 1 155 ? -10.599 -5.176  11.147  1.00 17.27 ? 155 ILE A CD1 1 
ATOM   1212 N  N   . GLU A 1 156 ? -15.779 -3.547  8.851   1.00 26.40 ? 156 GLU A N   1 
ATOM   1213 C  CA  . GLU A 1 156 ? -17.227 -3.432  9.192   1.00 28.73 ? 156 GLU A CA  1 
ATOM   1214 C  C   . GLU A 1 156 ? -17.738 -4.701  9.806   1.00 24.61 ? 156 GLU A C   1 
ATOM   1215 O  O   . GLU A 1 156 ? -18.539 -4.640  10.682  1.00 24.44 ? 156 GLU A O   1 
ATOM   1216 C  CB  . GLU A 1 156 ? -18.094 -3.132  7.990   1.00 31.80 ? 156 GLU A CB  1 
ATOM   1217 C  CG  . GLU A 1 156 ? -17.754 -1.810  7.383   1.00 38.60 ? 156 GLU A CG  1 
ATOM   1218 C  CD  . GLU A 1 156 ? -18.515 -1.617  6.119   1.00 49.51 ? 156 GLU A CD  1 
ATOM   1219 O  OE1 . GLU A 1 156 ? -18.606 -2.581  5.310   1.00 55.69 ? 156 GLU A OE1 1 
ATOM   1220 O  OE2 . GLU A 1 156 ? -18.986 -0.495  5.916   1.00 56.32 ? 156 GLU A OE2 1 
ATOM   1221 N  N   . ASN A 1 157 ? -17.248 -5.851  9.373   1.00 25.73 ? 157 ASN A N   1 
ATOM   1222 C  CA  . ASN A 1 157 ? -17.672 -7.064  10.012  1.00 26.43 ? 157 ASN A CA  1 
ATOM   1223 C  C   . ASN A 1 157 ? -16.518 -7.711  10.778  1.00 24.63 ? 157 ASN A C   1 
ATOM   1224 O  O   . ASN A 1 157 ? -15.567 -8.249  10.202  1.00 23.90 ? 157 ASN A O   1 
ATOM   1225 C  CB  . ASN A 1 157 ? -18.305 -7.976  8.968   1.00 26.41 ? 157 ASN A CB  1 
ATOM   1226 C  CG  . ASN A 1 157 ? -18.624 -9.376  9.496   1.00 26.87 ? 157 ASN A CG  1 
ATOM   1227 O  OD1 . ASN A 1 157 ? -18.566 -9.659  10.680  1.00 27.96 ? 157 ASN A OD1 1 
ATOM   1228 N  ND2 . ASN A 1 157 ? -18.936 -10.259 8.589   1.00 27.63 ? 157 ASN A ND2 1 
ATOM   1229 N  N   . PHE A 1 158 ? -16.622 -7.715  12.098  1.00 25.79 ? 158 PHE A N   1 
ATOM   1230 C  CA  . PHE A 1 158 ? -15.508 -8.154  12.877  1.00 24.50 ? 158 PHE A CA  1 
ATOM   1231 C  C   . PHE A 1 158 ? -15.407 -9.640  12.984  1.00 27.68 ? 158 PHE A C   1 
ATOM   1232 O  O   . PHE A 1 158 ? -14.430 -10.166 13.499  1.00 26.28 ? 158 PHE A O   1 
ATOM   1233 C  CB  . PHE A 1 158 ? -15.516 -7.512  14.221  1.00 26.20 ? 158 PHE A CB  1 
ATOM   1234 C  CG  . PHE A 1 158 ? -14.976 -6.167  14.194  1.00 26.24 ? 158 PHE A CG  1 
ATOM   1235 C  CD1 . PHE A 1 158 ? -13.601 -5.949  14.354  1.00 25.61 ? 158 PHE A CD1 1 
ATOM   1236 C  CD2 . PHE A 1 158 ? -15.831 -5.069  13.954  1.00 26.63 ? 158 PHE A CD2 1 
ATOM   1237 C  CE1 . PHE A 1 158 ? -13.098 -4.632  14.317  1.00 24.47 ? 158 PHE A CE1 1 
ATOM   1238 C  CE2 . PHE A 1 158 ? -15.321 -3.767  13.914  1.00 23.53 ? 158 PHE A CE2 1 
ATOM   1239 C  CZ  . PHE A 1 158 ? -13.959 -3.558  14.105  1.00 22.00 ? 158 PHE A CZ  1 
ATOM   1240 N  N   . ASP A 1 159 ? -16.386 -10.335 12.434  1.00 24.86 ? 159 ASP A N   1 
ATOM   1241 C  CA  . ASP A 1 159 ? -16.279 -11.755 12.442  1.00 27.36 ? 159 ASP A CA  1 
ATOM   1242 C  C   . ASP A 1 159 ? -15.195 -12.229 11.450  1.00 26.41 ? 159 ASP A C   1 
ATOM   1243 O  O   . ASP A 1 159 ? -14.697 -13.336 11.585  1.00 24.12 ? 159 ASP A O   1 
ATOM   1244 C  CB  . ASP A 1 159 ? -17.625 -12.352 12.069  1.00 31.20 ? 159 ASP A CB  1 
ATOM   1245 C  CG  . ASP A 1 159 ? -18.675 -12.329 13.209  1.00 29.34 ? 159 ASP A CG  1 
ATOM   1246 O  OD1 . ASP A 1 159 ? -18.616 -11.973 14.477  1.00 30.65 ? 159 ASP A OD1 1 
ATOM   1247 O  OD2 . ASP A 1 159 ? -19.685 -12.791 12.705  1.00 34.30 ? 159 ASP A OD2 1 
ATOM   1248 N  N   . THR A 1 160 ? -14.827 -11.385 10.474  1.00 25.98 ? 160 THR A N   1 
ATOM   1249 C  CA  . THR A 1 160 ? -13.783 -11.685 9.465   1.00 26.75 ? 160 THR A CA  1 
ATOM   1250 C  C   . THR A 1 160 ? -12.360 -11.302 9.907   1.00 25.17 ? 160 THR A C   1 
ATOM   1251 O  O   . THR A 1 160 ? -11.378 -11.613 9.223   1.00 26.22 ? 160 THR A O   1 
ATOM   1252 C  CB  . THR A 1 160 ? -14.016 -10.886 8.167   1.00 28.30 ? 160 THR A CB  1 
ATOM   1253 O  OG1 . THR A 1 160 ? -13.781 -9.488  8.421   1.00 28.13 ? 160 THR A OG1 1 
ATOM   1254 C  CG2 . THR A 1 160 ? -15.426 -11.055 7.637   1.00 26.37 ? 160 THR A CG2 1 
ATOM   1255 N  N   . PHE A 1 161 ? -12.234 -10.627 11.041  1.00 23.49 ? 161 PHE A N   1 
ATOM   1256 C  CA  . PHE A 1 161 ? -10.916 -10.232 11.549  1.00 20.94 ? 161 PHE A CA  1 
ATOM   1257 C  C   . PHE A 1 161 ? -10.292 -11.373 12.343  1.00 21.34 ? 161 PHE A C   1 
ATOM   1258 O  O   . PHE A 1 161 ? -10.871 -11.820 13.307  1.00 21.27 ? 161 PHE A O   1 
ATOM   1259 C  CB  . PHE A 1 161 ? -11.079 -9.010  12.465  1.00 20.98 ? 161 PHE A CB  1 
ATOM   1260 C  CG  . PHE A 1 161 ? -9.772  -8.344  12.881  1.00 20.48 ? 161 PHE A CG  1 
ATOM   1261 C  CD1 . PHE A 1 161 ? -8.631  -8.404  12.077  1.00 19.35 ? 161 PHE A CD1 1 
ATOM   1262 C  CD2 . PHE A 1 161 ? -9.728  -7.538  14.041  1.00 21.19 ? 161 PHE A CD2 1 
ATOM   1263 C  CE1 . PHE A 1 161 ? -7.444  -7.739  12.461  1.00 20.09 ? 161 PHE A CE1 1 
ATOM   1264 C  CE2 . PHE A 1 161 ? -8.531  -6.843  14.412  1.00 19.83 ? 161 PHE A CE2 1 
ATOM   1265 C  CZ  . PHE A 1 161 ? -7.394  -6.957  13.621  1.00 18.89 ? 161 PHE A CZ  1 
ATOM   1266 N  N   . GLY A 1 162 ? -9.097  -11.825 11.976  1.00 22.11 ? 162 GLY A N   1 
ATOM   1267 C  CA  . GLY A 1 162 ? -8.467  -12.936 12.672  1.00 24.55 ? 162 GLY A CA  1 
ATOM   1268 C  C   . GLY A 1 162 ? -7.064  -13.302 12.195  1.00 27.56 ? 162 GLY A C   1 
ATOM   1269 O  O   . GLY A 1 162 ? -6.490  -12.650 11.322  1.00 24.92 ? 162 GLY A O   1 
ATOM   1270 N  N   . PHE A 1 163 ? -6.480  -14.333 12.781  1.00 29.25 ? 163 PHE A N   1 
ATOM   1271 C  CA  . PHE A 1 163 ? -5.181  -14.797 12.328  1.00 28.02 ? 163 PHE A CA  1 
ATOM   1272 C  C   . PHE A 1 163 ? -5.279  -15.573 11.044  1.00 29.97 ? 163 PHE A C   1 
ATOM   1273 O  O   . PHE A 1 163 ? -6.256  -16.283 10.801  1.00 30.52 ? 163 PHE A O   1 
ATOM   1274 C  CB  . PHE A 1 163 ? -4.482  -15.586 13.431  1.00 28.77 ? 163 PHE A CB  1 
ATOM   1275 C  CG  . PHE A 1 163 ? -4.003  -14.699 14.550  1.00 29.72 ? 163 PHE A CG  1 
ATOM   1276 C  CD1 . PHE A 1 163 ? -4.805  -14.465 15.678  1.00 27.27 ? 163 PHE A CD1 1 
ATOM   1277 C  CD2 . PHE A 1 163 ? -2.761  -14.046 14.447  1.00 29.54 ? 163 PHE A CD2 1 
ATOM   1278 C  CE1 . PHE A 1 163 ? -4.385  -13.600 16.698  1.00 29.90 ? 163 PHE A CE1 1 
ATOM   1279 C  CE2 . PHE A 1 163 ? -2.334  -13.177 15.455  1.00 31.41 ? 163 PHE A CE2 1 
ATOM   1280 C  CZ  . PHE A 1 163 ? -3.152  -12.950 16.589  1.00 30.32 ? 163 PHE A CZ  1 
ATOM   1281 N  N   . ASP A 1 164 ? -4.250  -15.382 10.226  1.00 32.48 ? 164 ASP A N   1 
ATOM   1282 C  CA  . ASP A 1 164 ? -4.087  -15.973 8.922   1.00 39.99 ? 164 ASP A CA  1 
ATOM   1283 C  C   . ASP A 1 164 ? -4.283  -17.480 8.859   1.00 39.94 ? 164 ASP A C   1 
ATOM   1284 O  O   . ASP A 1 164 ? -4.980  -17.975 7.993   1.00 37.24 ? 164 ASP A O   1 
ATOM   1285 C  CB  . ASP A 1 164 ? -2.670  -15.671 8.438   1.00 46.51 ? 164 ASP A CB  1 
ATOM   1286 C  CG  . ASP A 1 164 ? -2.666  -15.029 7.099   1.00 58.13 ? 164 ASP A CG  1 
ATOM   1287 O  OD1 . ASP A 1 164 ? -3.101  -15.731 6.155   1.00 63.17 ? 164 ASP A OD1 1 
ATOM   1288 O  OD2 . ASP A 1 164 ? -2.271  -13.818 7.011   1.00 61.64 ? 164 ASP A OD2 1 
ATOM   1289 N  N   . ASP A 1 165 ? -3.595  -18.194 9.740   1.00 37.76 ? 165 ASP A N   1 
ATOM   1290 C  CA  . ASP A 1 165 ? -3.547  -19.648 9.701   1.00 44.38 ? 165 ASP A CA  1 
ATOM   1291 C  C   . ASP A 1 165 ? -4.833  -20.235 10.253  1.00 43.52 ? 165 ASP A C   1 
ATOM   1292 O  O   . ASP A 1 165 ? -5.172  -21.355 9.952   1.00 50.95 ? 165 ASP A O   1 
ATOM   1293 C  CB  . ASP A 1 165 ? -2.344  -20.161 10.480  1.00 45.47 ? 165 ASP A CB  1 
ATOM   1294 C  CG  . ASP A 1 165 ? -2.060  -19.346 11.736  1.00 57.04 ? 165 ASP A CG  1 
ATOM   1295 O  OD1 . ASP A 1 165 ? -2.903  -18.521 12.162  1.00 60.79 ? 165 ASP A OD1 1 
ATOM   1296 O  OD2 . ASP A 1 165 ? -0.967  -19.531 12.317  1.00 67.85 ? 165 ASP A OD2 1 
ATOM   1297 N  N   . VAL A 1 166 ? -5.565  -19.427 11.010  1.00 43.42 ? 166 VAL A N   1 
ATOM   1298 C  CA  . VAL A 1 166 ? -6.807  -19.808 11.647  1.00 40.82 ? 166 VAL A CA  1 
ATOM   1299 C  C   . VAL A 1 166 ? -8.032  -19.519 10.777  1.00 44.90 ? 166 VAL A C   1 
ATOM   1300 O  O   . VAL A 1 166 ? -8.923  -20.356 10.691  1.00 46.66 ? 166 VAL A O   1 
ATOM   1301 C  CB  . VAL A 1 166 ? -6.930  -19.092 13.004  1.00 40.97 ? 166 VAL A CB  1 
ATOM   1302 C  CG1 . VAL A 1 166 ? -8.242  -19.409 13.655  1.00 33.95 ? 166 VAL A CG1 1 
ATOM   1303 C  CG2 . VAL A 1 166 ? -5.761  -19.482 13.934  1.00 38.40 ? 166 VAL A CG2 1 
ATOM   1304 N  N   . LEU A 1 167 ? -8.075  -18.359 10.113  1.00 46.27 ? 167 LEU A N   1 
ATOM   1305 C  CA  . LEU A 1 167 ? -9.301  -17.890 9.440   1.00 47.72 ? 167 LEU A CA  1 
ATOM   1306 C  C   . LEU A 1 167 ? -9.968  -18.890 8.505   1.00 55.68 ? 167 LEU A C   1 
ATOM   1307 O  O   . LEU A 1 167 ? -9.291  -19.548 7.714   1.00 59.55 ? 167 LEU A O   1 
ATOM   1308 C  CB  . LEU A 1 167 ? -9.066  -16.578 8.721   1.00 42.92 ? 167 LEU A CB  1 
ATOM   1309 C  CG  . LEU A 1 167 ? -9.383  -15.414 9.634   1.00 41.56 ? 167 LEU A CG  1 
ATOM   1310 C  CD1 . LEU A 1 167 ? -8.693  -14.128 9.168   1.00 34.96 ? 167 LEU A CD1 1 
ATOM   1311 C  CD2 . LEU A 1 167 ? -10.893 -15.256 9.789   1.00 41.34 ? 167 LEU A CD2 1 
ATOM   1312 N  N   . SER A 1 168 ? -11.307 -18.934 8.576   1.00 64.41 ? 168 SER A N   1 
ATOM   1313 C  CA  . SER A 1 168 ? -12.119 -20.082 8.133   1.00 70.18 ? 168 SER A CA  1 
ATOM   1314 C  C   . SER A 1 168 ? -13.362 -19.783 7.244   1.00 68.27 ? 168 SER A C   1 
ATOM   1315 O  O   . SER A 1 168 ? -13.728 -18.631 6.987   1.00 67.37 ? 168 SER A O   1 
ATOM   1316 C  CB  . SER A 1 168 ? -12.512 -20.924 9.362   1.00 65.97 ? 168 SER A CB  1 
ATOM   1317 O  OG  . SER A 1 168 ? -13.684 -21.668 9.107   1.00 67.99 ? 168 SER A OG  1 
HETATM 1318 CD CD  . CD  B 2 .   ? 20.376  -5.605  -0.134  1.00 41.20 ? 201 CD  A CD  1 
HETATM 1319 CD CD  . CD  C 2 .   ? -0.077  -1.949  5.017   1.00 30.71 ? 202 CD  A CD  1 
HETATM 1320 CD CD  . CD  D 2 .   ? -6.346  7.904   -17.494 1.00 27.23 ? 203 CD  A CD  1 
HETATM 1321 C  C   . ACT E 3 .   ? -6.511  4.329   12.082  1.00 27.57 ? 204 ACT A C   1 
HETATM 1322 O  O   . ACT E 3 .   ? -6.539  3.493   11.109  1.00 27.87 ? 204 ACT A O   1 
HETATM 1323 O  OXT . ACT E 3 .   ? -7.438  5.141   12.277  1.00 30.22 ? 204 ACT A OXT 1 
HETATM 1324 C  CH3 . ACT E 3 .   ? -5.355  4.430   13.021  1.00 25.58 ? 204 ACT A CH3 1 
HETATM 1325 NA NA  . NA  F 4 .   ? -4.233  8.209   12.897  1.00 32.79 ? 205 NA  A NA  1 
HETATM 1326 NA NA  . NA  G 4 .   ? -2.022  -11.568 6.935   1.00 41.21 ? 206 NA  A NA  1 
HETATM 1327 C  C1  . GOL H 5 .   ? 18.821  16.141  1.818   1.00 63.67 ? 207 GOL A C1  1 
HETATM 1328 O  O1  . GOL H 5 .   ? 20.105  16.661  1.432   1.00 61.38 ? 207 GOL A O1  1 
HETATM 1329 C  C2  . GOL H 5 .   ? 18.355  15.091  0.806   1.00 66.11 ? 207 GOL A C2  1 
HETATM 1330 O  O2  . GOL H 5 .   ? 17.542  14.138  1.516   1.00 72.12 ? 207 GOL A O2  1 
HETATM 1331 C  C3  . GOL H 5 .   ? 17.532  15.736  -0.321  1.00 65.31 ? 207 GOL A C3  1 
HETATM 1332 O  O3  . GOL H 5 .   ? 17.661  15.077  -1.603  1.00 62.51 ? 207 GOL A O3  1 
HETATM 1333 N  N   . MET I 6 .   ? 0.808   -3.585  1.534   1.00 26.47 ? 208 MET A N   1 
HETATM 1334 C  CA  . MET I 6 .   ? -0.294  -4.528  1.870   1.00 30.85 ? 208 MET A CA  1 
HETATM 1335 C  C   . MET I 6 .   ? 0.282   -5.953  1.842   1.00 29.01 ? 208 MET A C   1 
HETATM 1336 O  O   . MET I 6 .   ? 1.166   -6.276  1.058   1.00 27.83 ? 208 MET A O   1 
HETATM 1337 C  CB  . MET I 6 .   ? -1.431  -4.414  0.832   1.00 27.10 ? 208 MET A CB  1 
HETATM 1338 C  CG  . MET I 6 .   ? -2.759  -5.038  1.264   1.00 26.84 ? 208 MET A CG  1 
HETATM 1339 S  SD  . MET I 6 .   ? -4.092  -4.772  0.061   1.00 28.82 ? 208 MET A SD  1 
HETATM 1340 C  CE  . MET I 6 .   ? -4.208  -6.416  -0.658  1.00 30.08 ? 208 MET A CE  1 
HETATM 1341 N  N   . ALA J 7 .   ? -0.210  -6.813  2.703   1.00 32.07 ? 209 ALA A N   1 
HETATM 1342 C  CA  . ALA J 7 .   ? 0.204   -8.197  2.591   1.00 38.81 ? 209 ALA A CA  1 
HETATM 1343 C  C   . ALA J 7 .   ? -1.043  -9.034  2.619   1.00 45.84 ? 209 ALA A C   1 
HETATM 1344 O  O   . ALA J 7 .   ? -0.997  -10.150 3.136   1.00 52.81 ? 209 ALA A O   1 
HETATM 1345 C  CB  . ALA J 7 .   ? 1.088   -8.561  3.740   1.00 37.75 ? 209 ALA A CB  1 
HETATM 1346 O  OXT . ALA J 7 .   ? -2.105  -8.593  2.161   1.00 45.45 ? 209 ALA A OXT 1 
HETATM 1347 O  O   . HOH K 8 .   ? -14.098 -4.171  -15.109 1.00 30.52 ? 301 HOH A O   1 
HETATM 1348 O  O   . HOH K 8 .   ? 15.678  4.398   -9.798  1.00 38.02 ? 302 HOH A O   1 
HETATM 1349 O  O   . HOH K 8 .   ? -6.836  6.825   -19.332 1.00 29.02 ? 303 HOH A O   1 
HETATM 1350 O  O   . HOH K 8 .   ? -3.459  -0.970  6.992   1.00 19.94 ? 304 HOH A O   1 
HETATM 1351 O  O   . HOH K 8 .   ? 12.818  0.814   9.245   1.00 34.67 ? 305 HOH A O   1 
HETATM 1352 O  O   . HOH K 8 .   ? -9.620  -6.512  -4.173  1.00 31.15 ? 306 HOH A O   1 
HETATM 1353 O  O   . HOH K 8 .   ? -7.525  6.567   14.242  1.00 30.15 ? 307 HOH A O   1 
HETATM 1354 O  O   . HOH K 8 .   ? -3.423  10.307  13.064  1.00 33.08 ? 308 HOH A O   1 
HETATM 1355 O  O   . HOH K 8 .   ? 18.104  13.413  -12.114 1.00 38.25 ? 309 HOH A O   1 
HETATM 1356 O  O   . HOH K 8 .   ? -19.943 0.927   -10.670 1.00 34.82 ? 310 HOH A O   1 
HETATM 1357 O  O   . HOH K 8 .   ? -15.470 -5.717  6.893   1.00 18.39 ? 311 HOH A O   1 
HETATM 1358 O  O   . HOH K 8 .   ? -4.834  6.410   -18.123 1.00 27.08 ? 312 HOH A O   1 
HETATM 1359 O  O   . HOH K 8 .   ? 1.086   -1.647  3.213   1.00 27.87 ? 313 HOH A O   1 
HETATM 1360 O  O   . HOH K 8 .   ? 4.312   14.360  9.130   1.00 26.60 ? 314 HOH A O   1 
HETATM 1361 O  O   . HOH K 8 .   ? -10.859 -2.516  -5.125  1.00 19.14 ? 315 HOH A O   1 
HETATM 1362 O  O   . HOH K 8 .   ? 9.480   -5.588  -4.461  1.00 27.16 ? 316 HOH A O   1 
HETATM 1363 O  O   . HOH K 8 .   ? -2.528  -7.731  8.911   1.00 31.09 ? 317 HOH A O   1 
HETATM 1364 O  O   . HOH K 8 .   ? 6.696   7.470   9.158   1.00 27.23 ? 318 HOH A O   1 
HETATM 1365 O  O   . HOH K 8 .   ? -18.903 6.417   -1.917  1.00 43.74 ? 319 HOH A O   1 
HETATM 1366 O  O   . HOH K 8 .   ? -12.771 -9.748  15.530  1.00 23.26 ? 320 HOH A O   1 
HETATM 1367 O  O   . HOH K 8 .   ? 11.089  14.214  -0.847  1.00 37.05 ? 321 HOH A O   1 
HETATM 1368 O  O   . HOH K 8 .   ? 5.123   -8.918  15.604  1.00 47.99 ? 322 HOH A O   1 
HETATM 1369 O  O   . HOH K 8 .   ? 1.477   10.158  14.816  1.00 43.03 ? 323 HOH A O   1 
HETATM 1370 O  O   . HOH K 8 .   ? -13.368 -0.603  12.192  1.00 24.08 ? 324 HOH A O   1 
HETATM 1371 O  O   . HOH K 8 .   ? 7.071   -18.354 0.050   1.00 49.33 ? 325 HOH A O   1 
HETATM 1372 O  O   . HOH K 8 .   ? 1.366   -4.099  4.550   1.00 17.62 ? 326 HOH A O   1 
HETATM 1373 O  O   . HOH K 8 .   ? 0.664   4.525   8.077   1.00 23.65 ? 327 HOH A O   1 
HETATM 1374 O  O   . HOH K 8 .   ? -21.326 -0.479  -3.456  1.00 36.52 ? 328 HOH A O   1 
HETATM 1375 O  O   . HOH K 8 .   ? 4.894   9.089   8.302   1.00 24.11 ? 329 HOH A O   1 
HETATM 1376 O  O   . HOH K 8 .   ? 4.971   1.226   -13.234 1.00 32.26 ? 330 HOH A O   1 
HETATM 1377 O  O   . HOH K 8 .   ? -8.352  -8.934  -1.400  1.00 40.50 ? 331 HOH A O   1 
HETATM 1378 O  O   . HOH K 8 .   ? -13.033 -13.298 13.997  1.00 31.43 ? 332 HOH A O   1 
HETATM 1379 O  O   . HOH K 8 .   ? 12.229  -5.688  7.544   1.00 35.05 ? 333 HOH A O   1 
HETATM 1380 O  O   . HOH K 8 .   ? -20.371 -4.576  -6.423  1.00 50.78 ? 334 HOH A O   1 
HETATM 1381 O  O   . HOH K 8 .   ? 3.795   18.434  1.812   1.00 29.88 ? 335 HOH A O   1 
HETATM 1382 O  O   . HOH K 8 .   ? -11.803 -4.849  -4.557  1.00 18.56 ? 336 HOH A O   1 
HETATM 1383 O  O   . HOH K 8 .   ? -17.132 -5.091  4.915   1.00 32.17 ? 337 HOH A O   1 
HETATM 1384 O  O   . HOH K 8 .   ? -7.311  -2.205  -12.953 1.00 44.64 ? 338 HOH A O   1 
HETATM 1385 O  O   . HOH K 8 .   ? -24.080 5.602   -5.121  1.00 49.77 ? 339 HOH A O   1 
HETATM 1386 O  O   . HOH K 8 .   ? 11.118  -5.503  9.626   1.00 38.66 ? 340 HOH A O   1 
HETATM 1387 O  O   . HOH K 8 .   ? -10.026 6.045   12.700  1.00 38.15 ? 341 HOH A O   1 
HETATM 1388 O  O   . HOH K 8 .   ? 0.324   2.721   14.860  1.00 23.18 ? 342 HOH A O   1 
HETATM 1389 O  O   . HOH K 8 .   ? -10.473 -10.966 -1.196  1.00 30.65 ? 343 HOH A O   1 
HETATM 1390 O  O   . HOH K 8 .   ? -13.045 12.096  -12.904 1.00 32.44 ? 344 HOH A O   1 
HETATM 1391 O  O   . HOH K 8 .   ? 18.279  -8.893  -1.447  1.00 34.22 ? 345 HOH A O   1 
HETATM 1392 O  O   . HOH K 8 .   ? -0.144  12.547  3.162   1.00 24.57 ? 346 HOH A O   1 
HETATM 1393 O  O   . HOH K 8 .   ? -6.844  0.847   12.227  1.00 41.67 ? 347 HOH A O   1 
HETATM 1394 O  O   . HOH K 8 .   ? -10.472 3.168   0.623   1.00 21.69 ? 348 HOH A O   1 
HETATM 1395 O  O   . HOH K 8 .   ? 11.285  10.455  7.612   1.00 36.46 ? 349 HOH A O   1 
HETATM 1396 O  O   . HOH K 8 .   ? 20.935  6.385   -6.222  1.00 46.31 ? 350 HOH A O   1 
HETATM 1397 O  O   . HOH K 8 .   ? -20.238 10.003  -3.671  1.00 44.72 ? 351 HOH A O   1 
HETATM 1398 O  O   . HOH K 8 .   ? -19.189 -7.107  13.173  1.00 28.53 ? 352 HOH A O   1 
HETATM 1399 O  O   . HOH K 8 .   ? -3.363  1.368   5.477   1.00 22.54 ? 353 HOH A O   1 
HETATM 1400 O  O   . HOH K 8 .   ? -13.154 10.861  -15.448 1.00 32.63 ? 354 HOH A O   1 
HETATM 1401 O  O   . HOH K 8 .   ? -6.240  0.779   5.412   1.00 18.29 ? 355 HOH A O   1 
HETATM 1402 O  O   . HOH K 8 .   ? 2.378   8.513   -3.009  1.00 25.07 ? 356 HOH A O   1 
HETATM 1403 O  O   . HOH K 8 .   ? -21.501 -0.654  7.340   1.00 61.00 ? 357 HOH A O   1 
HETATM 1404 O  O   . HOH K 8 .   ? 5.399   4.861   19.031  1.00 44.72 ? 358 HOH A O   1 
HETATM 1405 O  O   . HOH K 8 .   ? 4.086   -6.319  -12.838 1.00 44.51 ? 359 HOH A O   1 
HETATM 1406 O  O   . HOH K 8 .   ? 7.529   -1.187  15.519  1.00 40.92 ? 360 HOH A O   1 
HETATM 1407 O  O   . HOH K 8 .   ? 10.784  9.169   11.201  1.00 31.93 ? 361 HOH A O   1 
HETATM 1408 O  O   . HOH K 8 .   ? -4.447  9.844   11.307  1.00 45.07 ? 362 HOH A O   1 
HETATM 1409 O  O   . HOH K 8 .   ? 7.019   3.475   -11.166 1.00 34.40 ? 363 HOH A O   1 
HETATM 1410 O  O   . HOH K 8 .   ? -15.952 2.489   -7.422  1.00 27.15 ? 364 HOH A O   1 
HETATM 1411 O  O   . HOH K 8 .   ? -21.470 -10.507 13.304  1.00 42.76 ? 365 HOH A O   1 
HETATM 1412 O  O   . HOH K 8 .   ? -3.157  -11.834 4.982   1.00 40.79 ? 366 HOH A O   1 
HETATM 1413 O  O   . HOH K 8 .   ? 0.549   7.215   -16.498 1.00 35.96 ? 367 HOH A O   1 
HETATM 1414 O  O   . HOH K 8 .   ? -6.238  11.831  -2.591  1.00 24.48 ? 368 HOH A O   1 
HETATM 1415 O  O   . HOH K 8 .   ? -18.273 -7.095  -2.335  1.00 30.55 ? 369 HOH A O   1 
HETATM 1416 O  O   . HOH K 8 .   ? -8.761  -1.313  -16.058 1.00 36.57 ? 370 HOH A O   1 
HETATM 1417 O  O   . HOH K 8 .   ? 10.328  -12.025 6.006   1.00 50.94 ? 371 HOH A O   1 
HETATM 1418 O  O   . HOH K 8 .   ? -10.541 -17.414 5.265   1.00 35.33 ? 372 HOH A O   1 
HETATM 1419 O  O   . HOH K 8 .   ? -9.002  -7.799  -9.591  1.00 26.79 ? 373 HOH A O   1 
HETATM 1420 O  O   . HOH K 8 .   ? 20.095  -6.457  1.901   1.00 35.03 ? 374 HOH A O   1 
HETATM 1421 O  O   . HOH K 8 .   ? 15.993  10.204  -12.821 1.00 50.50 ? 375 HOH A O   1 
HETATM 1422 O  O   . HOH K 8 .   ? -13.334 -5.534  -16.317 1.00 30.45 ? 376 HOH A O   1 
HETATM 1423 O  O   . HOH K 8 .   ? -2.337  12.849  0.973   1.00 37.13 ? 377 HOH A O   1 
HETATM 1424 O  O   . HOH K 8 .   ? -4.911  3.751   -17.185 1.00 40.09 ? 378 HOH A O   1 
HETATM 1425 O  O   . HOH K 8 .   ? 1.384   4.585   -16.634 1.00 36.58 ? 379 HOH A O   1 
HETATM 1426 O  O   . HOH K 8 .   ? 2.287   16.981  6.219   1.00 41.84 ? 380 HOH A O   1 
HETATM 1427 O  O   . HOH K 8 .   ? 0.084   -10.339 7.749   1.00 40.69 ? 381 HOH A O   1 
HETATM 1428 O  O   . HOH K 8 .   ? -13.360 -6.117  -9.593  1.00 45.45 ? 382 HOH A O   1 
HETATM 1429 O  O   . HOH K 8 .   ? 11.491  6.215   -12.314 1.00 35.22 ? 383 HOH A O   1 
HETATM 1430 O  O   . HOH K 8 .   ? -0.438  13.207  -12.464 1.00 43.02 ? 384 HOH A O   1 
HETATM 1431 O  O   . HOH K 8 .   ? 8.418   -12.957 4.661   1.00 36.84 ? 385 HOH A O   1 
HETATM 1432 O  O   . HOH K 8 .   ? -21.579 -11.639 15.972  1.00 50.94 ? 386 HOH A O   1 
HETATM 1433 O  O   . HOH K 8 .   ? 6.981   -6.262  11.256  1.00 40.02 ? 387 HOH A O   1 
HETATM 1434 O  O   . HOH K 8 .   ? -0.047  14.930  11.254  1.00 45.85 ? 388 HOH A O   1 
HETATM 1435 O  O   . HOH K 8 .   ? 5.657   -5.126  -13.966 1.00 36.20 ? 389 HOH A O   1 
HETATM 1436 O  O   . HOH K 8 .   ? 16.573  -0.203  8.888   1.00 45.14 ? 390 HOH A O   1 
HETATM 1437 O  O   . HOH K 8 .   ? 15.076  11.364  0.849   1.00 38.40 ? 391 HOH A O   1 
HETATM 1438 O  O   . HOH K 8 .   ? -1.481  -14.343 3.388   1.00 57.49 ? 392 HOH A O   1 
HETATM 1439 O  O   . HOH K 8 .   ? 0.634   -11.266 16.287  0.50 42.98 ? 393 HOH A O   1 
HETATM 1440 O  O   . HOH K 8 .   ? 12.541  -6.635  11.663  1.00 55.77 ? 394 HOH A O   1 
HETATM 1441 O  O   . HOH K 8 .   ? -19.204 -9.114  5.216   1.00 40.10 ? 395 HOH A O   1 
HETATM 1442 O  O   . HOH K 8 .   ? 8.943   16.805  -11.875 1.00 40.37 ? 396 HOH A O   1 
HETATM 1443 O  O   . HOH K 8 .   ? 7.760   -8.062  -4.129  1.00 43.42 ? 397 HOH A O   1 
HETATM 1444 O  O   . HOH K 8 .   ? 11.084  -8.968  6.228   1.00 49.88 ? 398 HOH A O   1 
HETATM 1445 O  O   . HOH K 8 .   ? -8.298  9.044   13.050  1.00 52.76 ? 399 HOH A O   1 
HETATM 1446 O  O   . HOH K 8 .   ? 16.990  3.164   -12.065 1.00 42.12 ? 400 HOH A O   1 
# 
